data_9JMS
#
_entry.id   9JMS
#
loop_
_entity.id
_entity.type
_entity.pdbx_description
1 polymer 'Glycoprotein B'
2 polymer '16F9 VH'
3 polymer '16F9 VL'
#
loop_
_entity_poly.entity_id
_entity_poly.type
_entity_poly.pdbx_seq_one_letter_code
_entity_poly.pdbx_strand_id
1 'polypeptide(L)'
;MSPCGYYSKWRNRDRPEYRRNLRFRRFFSSIHPNAAAGSGFNGPGVFITSVTGVWLCFLCIFSMFVTAVVSVSPSSFYES
LQVEPTQSEDITRSAHLGDGDEIREAIHKSQDAETKPTFYVCPPPTGSTIVRLEPTRTCPDYHLGKNFTEGIAVVYKENI
AAYKFKATVYYKDVIVSTAWAGSSYTQITNRYADRVPIPVSEITDTIDKFGKCSSKATYVRNNHKVEAFNEDKNPQDMPL
IASKYNSVGSKAWHTTNDTYMVAGTPGTYRTGTSVNCIIEEVEARSIFPYDSFGLSTGDIIYMSPFFGLRDGAYREHSNY
AMDRFHQFEGYRQRDLDTRALLEPAARNFLVTPHLTVGWNWKPKRTEVCSLVKWREVEDVVRDEYAHNFRFTMKTLSTTF
ISETNEFNLNQIHLSQCVKEEARAIINRIYTTRYNSSHVRTGDIQTYLARGGFVVVFQPLLSNSLARLYLQELVRENTNH
SPQKHPTRNTGSASSVPVELRANRTITTTSSVEFAMLQFTYDHIQEHVNEMLARISSSWCQLQNRERALWSGLFPINPSA
LASTILDQRVKARILGDVISVSNCPELGSDTRIILQNSMRVSGSTTRCYSRPLISIVSLNGSGTVEGQLGTDNELIMSRD
LLEPCVANHKRYFLFGHHYVYYEDYRYVREIAVHDVGMISTYVDLNLTLLKDREFMPLQVYTRDELRDTGLLDYSEIQRR
NQMHSLRFYDIDKVVQYDSGTAHHHHHHHHHH
;
A,B,C
2 'polypeptide(L)'
;MGRLTSSFLLLIVPAYVLSEVQLQQSGPELVKPGASVKISCKASGYTFADYTMHWVKQSHGKSLEWIGYINPYSLFIDSN
QKFKNKATLTVDNSSYTAYMELRSLTSEDSAVYYCARFPPYYGFDSHFDYWGQGTALTVSSAKTTPPSVYPLAPGCGDTT
GSSVTLGCLVKGYFPESVTVTWNSGSLSSSVHTFPALLQSGLYTMSSSVTVPSSTWPSQTVTCSVAHPASSTTVDKKLEP
SGPISTINPCPPCKECHKCPAPNLEGGPSVFIFPPNIKDVLMISLTPKVTCVVVDVSEDDPDVRISWFVNNVEVHTAQTQ
THREDYNSTIRVVSALPIQHQDWMSGKEFKCKVNNKDLPSPIERTISKIKGLVRAPQVYILPPPAEQLSRKDVSLTCLVV
GFNPGDISVEWTSNGHTEENYKDTAPVLDSDGSYFIYSKLDIKTSKWEKTDSFSCNVRHEGLKNYYLKKTISRSPGK
;
H
3 'polypeptide(L)'
;MGWSCIILFLVATATGVHSQIVLSQSPAILSASPGEKVTMTCRASSSVSYIYWYQQKPESSPKPWIYATSNLASGVPGRF
SGSGSGTSYSLTISRVEAEDAATYYCQQWSYNPYTFGGGTKLEIRRADAAPTVSIFPPSSEQLTSGGASVVCFLNNFYPK
DINVKWKIDGSERQNGVLNSWTDQDSKDSTYSMSSTLTLTKDEYERHNSYTCEATHKTSTSPIVKSFNRNEC
;
L
#
# COMPACT_ATOMS: atom_id res chain seq x y z
N THR A 115 -41.63 50.34 16.82
CA THR A 115 -41.44 51.57 16.05
C THR A 115 -42.78 52.08 15.52
N LYS A 116 -42.70 52.99 14.55
CA LYS A 116 -43.91 53.51 13.95
C LYS A 116 -44.53 52.48 13.02
N PRO A 117 -45.86 52.36 13.02
CA PRO A 117 -46.50 51.39 12.12
C PRO A 117 -46.52 51.87 10.69
N THR A 118 -46.28 50.94 9.77
CA THR A 118 -46.18 51.21 8.35
C THR A 118 -47.54 51.01 7.71
N PHE A 119 -47.96 51.96 6.88
CA PHE A 119 -49.23 51.86 6.19
C PHE A 119 -48.99 52.08 4.71
N TYR A 120 -49.85 51.49 3.90
CA TYR A 120 -49.68 51.45 2.46
C TYR A 120 -50.86 52.10 1.76
N VAL A 121 -50.56 52.85 0.71
CA VAL A 121 -51.57 53.54 -0.07
C VAL A 121 -51.52 53.01 -1.48
N CYS A 122 -52.64 52.50 -1.96
CA CYS A 122 -52.70 51.94 -3.31
C CYS A 122 -53.45 52.88 -4.23
N PRO A 123 -52.79 53.49 -5.21
CA PRO A 123 -53.45 54.37 -6.16
C PRO A 123 -54.35 53.57 -7.09
N PRO A 124 -55.23 54.23 -7.84
CA PRO A 124 -55.99 53.53 -8.88
C PRO A 124 -55.06 52.97 -9.95
N PRO A 125 -55.14 51.68 -10.23
CA PRO A 125 -54.13 51.02 -11.05
C PRO A 125 -54.20 51.44 -12.51
N THR A 126 -53.03 51.73 -13.07
CA THR A 126 -52.88 52.04 -14.48
C THR A 126 -52.67 50.74 -15.24
N GLY A 127 -53.36 50.59 -16.37
CA GLY A 127 -53.25 49.39 -17.17
C GLY A 127 -52.02 49.32 -18.06
N SER A 128 -50.93 49.93 -17.63
CA SER A 128 -49.69 49.91 -18.40
C SER A 128 -48.94 48.61 -18.21
N THR A 129 -48.50 48.34 -17.00
CA THR A 129 -47.64 47.19 -16.75
C THR A 129 -48.47 45.91 -16.75
N ILE A 130 -48.04 44.93 -17.54
CA ILE A 130 -48.77 43.69 -17.75
C ILE A 130 -47.82 42.51 -17.61
N VAL A 131 -48.25 41.48 -16.88
CA VAL A 131 -47.46 40.27 -16.70
C VAL A 131 -48.34 39.05 -16.82
N ARG A 132 -47.70 37.93 -17.16
CA ARG A 132 -48.32 36.63 -17.17
C ARG A 132 -47.44 35.70 -16.38
N LEU A 133 -47.97 34.51 -16.04
CA LEU A 133 -47.21 33.56 -15.18
C LEU A 133 -46.27 32.72 -16.04
N GLU A 134 -44.99 32.67 -15.68
CA GLU A 134 -43.97 31.96 -16.51
C GLU A 134 -44.46 30.54 -16.85
N PRO A 135 -44.21 30.03 -18.07
CA PRO A 135 -44.58 28.66 -18.43
C PRO A 135 -43.80 27.63 -17.61
N THR A 136 -44.40 26.44 -17.39
CA THR A 136 -43.73 25.38 -16.58
C THR A 136 -42.35 25.10 -17.17
N ARG A 137 -41.32 25.01 -16.33
CA ARG A 137 -39.94 24.71 -16.79
C ARG A 137 -39.81 23.21 -17.05
N THR A 138 -38.92 22.80 -17.97
CA THR A 138 -38.73 21.39 -18.23
C THR A 138 -37.77 20.79 -17.20
N CYS A 139 -38.06 19.59 -16.81
CA CYS A 139 -37.30 19.03 -15.71
C CYS A 139 -36.03 18.38 -16.24
N PRO A 140 -34.88 18.71 -15.68
CA PRO A 140 -33.63 18.13 -16.17
C PRO A 140 -33.53 16.68 -15.75
N ASP A 141 -32.83 15.90 -16.57
CA ASP A 141 -32.64 14.49 -16.31
C ASP A 141 -31.15 14.20 -16.22
N TYR A 142 -30.69 13.88 -15.03
CA TYR A 142 -29.30 13.49 -14.84
C TYR A 142 -29.18 12.04 -15.26
N HIS A 143 -28.59 11.81 -16.43
CA HIS A 143 -28.43 10.46 -16.97
C HIS A 143 -27.29 9.77 -16.22
N LEU A 144 -27.59 9.37 -15.01
CA LEU A 144 -26.61 8.71 -14.16
C LEU A 144 -26.80 7.20 -14.27
N GLY A 145 -25.69 6.49 -14.41
CA GLY A 145 -25.75 5.07 -14.67
C GLY A 145 -24.58 4.68 -15.53
N LYS A 146 -23.91 3.60 -15.19
CA LYS A 146 -22.65 3.25 -15.81
C LYS A 146 -22.78 1.91 -16.51
N ASN A 147 -22.36 1.87 -17.77
CA ASN A 147 -22.33 0.63 -18.52
C ASN A 147 -21.21 -0.22 -17.95
N PHE A 148 -21.53 -1.10 -17.03
CA PHE A 148 -20.51 -1.82 -16.28
C PHE A 148 -20.41 -3.26 -16.77
N THR A 149 -19.49 -4.00 -16.16
CA THR A 149 -19.24 -5.39 -16.52
C THR A 149 -18.70 -6.10 -15.30
N GLU A 150 -19.37 -7.15 -14.84
CA GLU A 150 -18.89 -7.86 -13.67
C GLU A 150 -18.12 -9.09 -14.08
N GLY A 151 -17.24 -9.54 -13.20
CA GLY A 151 -16.38 -10.65 -13.52
C GLY A 151 -15.61 -11.09 -12.30
N ILE A 152 -14.55 -11.85 -12.55
CA ILE A 152 -13.71 -12.42 -11.51
C ILE A 152 -12.32 -11.86 -11.73
N ALA A 153 -11.59 -11.58 -10.66
CA ALA A 153 -10.28 -10.98 -10.84
C ALA A 153 -9.28 -11.54 -9.84
N VAL A 154 -8.03 -11.63 -10.28
CA VAL A 154 -6.91 -12.03 -9.46
C VAL A 154 -5.85 -10.95 -9.60
N VAL A 155 -5.36 -10.42 -8.48
CA VAL A 155 -4.44 -9.29 -8.48
C VAL A 155 -3.06 -9.77 -8.10
N TYR A 156 -2.07 -9.46 -8.91
CA TYR A 156 -0.69 -9.81 -8.65
C TYR A 156 0.11 -8.59 -8.27
N LYS A 157 1.15 -8.79 -7.48
CA LYS A 157 2.05 -7.73 -7.08
C LYS A 157 3.47 -8.15 -7.39
N GLU A 158 4.39 -7.21 -7.22
CA GLU A 158 5.80 -7.49 -7.44
C GLU A 158 6.31 -8.46 -6.38
N ASN A 159 6.97 -9.52 -6.82
CA ASN A 159 7.60 -10.44 -5.88
C ASN A 159 8.96 -9.89 -5.50
N ILE A 160 9.14 -9.61 -4.21
CA ILE A 160 10.40 -9.07 -3.72
C ILE A 160 11.19 -10.04 -2.90
N ALA A 161 10.60 -11.14 -2.47
CA ALA A 161 11.33 -12.08 -1.63
C ALA A 161 12.38 -12.80 -2.45
N ALA A 162 13.48 -13.12 -1.78
CA ALA A 162 14.58 -13.80 -2.45
C ALA A 162 14.19 -15.23 -2.76
N TYR A 163 14.79 -15.78 -3.80
CA TYR A 163 14.54 -17.17 -4.16
C TYR A 163 15.22 -18.08 -3.17
N LYS A 164 14.43 -18.85 -2.42
CA LYS A 164 14.95 -19.71 -1.37
C LYS A 164 14.96 -21.16 -1.82
N PHE A 165 16.10 -21.81 -1.70
CA PHE A 165 16.22 -23.22 -1.98
C PHE A 165 17.26 -23.79 -1.04
N LYS A 166 17.36 -25.11 -1.01
CA LYS A 166 18.25 -25.74 -0.06
C LYS A 166 19.40 -26.43 -0.77
N ALA A 167 20.55 -26.44 -0.11
CA ALA A 167 21.78 -26.93 -0.69
C ALA A 167 22.55 -27.66 0.40
N THR A 168 23.80 -28.00 0.10
CA THR A 168 24.59 -28.79 1.03
C THR A 168 26.05 -28.42 0.84
N VAL A 169 26.71 -28.03 1.90
CA VAL A 169 28.12 -27.72 1.80
C VAL A 169 28.93 -28.92 2.24
N TYR A 170 30.07 -29.10 1.63
CA TYR A 170 30.96 -30.21 1.92
C TYR A 170 32.34 -29.62 2.15
N TYR A 171 32.81 -29.63 3.39
CA TYR A 171 34.15 -29.13 3.63
C TYR A 171 34.79 -29.85 4.78
N LYS A 172 36.10 -29.92 4.74
CA LYS A 172 36.89 -30.37 5.87
C LYS A 172 37.33 -29.15 6.64
N ASP A 173 38.14 -29.35 7.67
CA ASP A 173 38.46 -28.28 8.59
C ASP A 173 39.86 -28.52 9.13
N VAL A 174 40.82 -27.76 8.65
CA VAL A 174 42.23 -28.01 8.94
C VAL A 174 42.69 -27.01 9.97
N ILE A 175 43.21 -27.51 11.09
CA ILE A 175 43.64 -26.68 12.20
C ILE A 175 45.04 -27.10 12.59
N VAL A 176 46.00 -26.19 12.45
CA VAL A 176 47.38 -26.46 12.82
C VAL A 176 47.68 -25.71 14.10
N SER A 177 48.03 -26.43 15.15
CA SER A 177 48.33 -25.80 16.43
C SER A 177 49.80 -26.00 16.77
N THR A 178 50.44 -24.94 17.27
CA THR A 178 51.86 -24.97 17.58
C THR A 178 52.03 -24.66 19.06
N ALA A 179 52.43 -25.64 19.83
CA ALA A 179 52.59 -25.44 21.26
C ALA A 179 54.00 -24.97 21.56
N TRP A 180 54.26 -24.70 22.84
CA TRP A 180 55.60 -24.42 23.31
C TRP A 180 55.65 -24.86 24.76
N ALA A 181 56.20 -26.03 25.00
CA ALA A 181 56.25 -26.56 26.35
C ALA A 181 57.23 -25.75 27.17
N GLY A 182 56.71 -24.97 28.10
CA GLY A 182 57.55 -24.11 28.91
C GLY A 182 58.14 -24.88 30.07
N SER A 183 58.48 -24.12 31.11
CA SER A 183 59.03 -24.72 32.32
C SER A 183 57.95 -25.50 33.06
N SER A 184 56.80 -24.87 33.27
CA SER A 184 55.70 -25.54 33.96
C SER A 184 54.35 -25.21 33.34
N TYR A 185 54.33 -24.94 32.04
CA TYR A 185 53.11 -24.56 31.37
C TYR A 185 53.24 -24.91 29.90
N THR A 186 52.24 -24.53 29.12
CA THR A 186 52.16 -24.97 27.73
C THR A 186 51.51 -23.83 26.94
N GLN A 187 52.31 -22.95 26.38
CA GLN A 187 51.77 -21.83 25.65
C GLN A 187 51.56 -22.21 24.20
N ILE A 188 50.42 -21.83 23.65
CA ILE A 188 50.14 -21.99 22.23
C ILE A 188 50.63 -20.75 21.50
N THR A 189 51.55 -20.91 20.57
CA THR A 189 52.05 -19.77 19.85
C THR A 189 51.38 -19.57 18.51
N ASN A 190 50.61 -20.54 18.03
CA ASN A 190 49.98 -20.38 16.73
C ASN A 190 48.80 -21.31 16.62
N ARG A 191 47.78 -20.85 15.91
CA ARG A 191 46.64 -21.70 15.59
C ARG A 191 46.11 -21.23 14.24
N TYR A 192 46.55 -21.88 13.18
CA TYR A 192 46.10 -21.59 11.84
C TYR A 192 44.93 -22.51 11.51
N ALA A 193 43.77 -21.93 11.29
CA ALA A 193 42.58 -22.68 10.95
C ALA A 193 42.17 -22.37 9.52
N ASP A 194 41.59 -23.35 8.85
CA ASP A 194 41.25 -23.17 7.45
C ASP A 194 40.12 -24.13 7.11
N ARG A 195 39.37 -23.80 6.06
CA ARG A 195 38.29 -24.63 5.58
C ARG A 195 38.57 -24.98 4.13
N VAL A 196 38.66 -26.27 3.83
CA VAL A 196 39.07 -26.72 2.51
C VAL A 196 37.97 -27.56 1.89
N PRO A 197 37.84 -27.60 0.57
CA PRO A 197 36.72 -28.34 -0.01
C PRO A 197 37.00 -29.82 -0.10
N ILE A 198 35.94 -30.59 0.00
CA ILE A 198 36.03 -32.02 -0.30
C ILE A 198 35.86 -32.20 -1.81
N PRO A 199 36.78 -32.86 -2.49
CA PRO A 199 36.66 -32.98 -3.94
C PRO A 199 35.58 -33.97 -4.31
N VAL A 200 34.95 -33.74 -5.47
CA VAL A 200 33.72 -34.45 -5.80
C VAL A 200 33.96 -35.90 -6.14
N SER A 201 35.21 -36.29 -6.37
CA SER A 201 35.49 -37.71 -6.50
C SER A 201 35.33 -38.41 -5.17
N GLU A 202 35.55 -37.69 -4.08
CA GLU A 202 35.40 -38.28 -2.77
C GLU A 202 33.96 -38.23 -2.29
N ILE A 203 33.19 -37.27 -2.77
CA ILE A 203 31.78 -37.20 -2.39
C ILE A 203 31.01 -38.35 -3.00
N THR A 204 31.25 -38.65 -4.26
CA THR A 204 30.48 -39.68 -4.92
C THR A 204 30.97 -41.08 -4.63
N ASP A 205 32.20 -41.23 -4.16
CA ASP A 205 32.75 -42.56 -3.95
C ASP A 205 32.85 -42.97 -2.50
N THR A 206 32.98 -42.03 -1.58
CA THR A 206 33.12 -42.39 -0.20
C THR A 206 31.94 -41.98 0.63
N ILE A 207 31.46 -40.74 0.45
CA ILE A 207 30.35 -40.26 1.26
C ILE A 207 29.06 -40.93 0.82
N ASP A 208 28.70 -40.77 -0.44
CA ASP A 208 27.40 -41.26 -0.87
C ASP A 208 27.35 -42.75 -1.07
N LYS A 209 28.48 -43.42 -1.27
CA LYS A 209 28.45 -44.87 -1.30
C LYS A 209 28.27 -45.46 0.08
N PHE A 210 29.12 -45.06 1.02
CA PHE A 210 29.21 -45.72 2.31
C PHE A 210 28.69 -44.89 3.46
N GLY A 211 29.03 -43.62 3.50
CA GLY A 211 28.78 -42.81 4.66
C GLY A 211 30.00 -42.51 5.46
N LYS A 212 31.18 -42.53 4.86
CA LYS A 212 32.41 -42.22 5.55
C LYS A 212 33.11 -41.08 4.84
N CYS A 213 34.18 -40.60 5.44
CA CYS A 213 34.97 -39.54 4.85
C CYS A 213 36.42 -39.79 5.22
N SER A 214 37.32 -39.44 4.32
CA SER A 214 38.70 -39.78 4.56
C SER A 214 39.31 -38.82 5.57
N SER A 215 40.38 -39.27 6.21
CA SER A 215 41.08 -38.43 7.16
C SER A 215 42.08 -37.49 6.51
N LYS A 216 42.57 -37.82 5.33
CA LYS A 216 43.51 -36.96 4.63
C LYS A 216 42.74 -35.84 3.95
N ALA A 217 43.25 -34.63 4.07
CA ALA A 217 42.62 -33.46 3.46
C ALA A 217 43.48 -33.00 2.31
N THR A 218 43.05 -33.28 1.09
CA THR A 218 43.76 -32.87 -0.10
C THR A 218 43.11 -31.63 -0.68
N TYR A 219 43.89 -30.59 -0.90
CA TYR A 219 43.34 -29.33 -1.37
C TYR A 219 44.44 -28.53 -2.03
N VAL A 220 44.12 -27.29 -2.38
CA VAL A 220 45.03 -26.39 -3.07
C VAL A 220 45.00 -25.05 -2.38
N ARG A 221 46.15 -24.62 -1.86
CA ARG A 221 46.34 -23.25 -1.41
C ARG A 221 47.58 -22.69 -2.07
N ASN A 222 47.51 -21.41 -2.42
CA ASN A 222 48.64 -20.64 -2.94
C ASN A 222 49.24 -21.29 -4.18
N ASN A 223 48.38 -21.80 -5.05
CA ASN A 223 48.73 -22.40 -6.33
C ASN A 223 49.61 -23.64 -6.17
N HIS A 224 49.51 -24.32 -5.05
CA HIS A 224 50.25 -25.54 -4.82
C HIS A 224 49.29 -26.61 -4.34
N LYS A 225 49.74 -27.86 -4.40
CA LYS A 225 48.89 -28.97 -4.05
C LYS A 225 49.34 -29.51 -2.69
N VAL A 226 48.46 -29.45 -1.71
CA VAL A 226 48.80 -29.53 -0.30
C VAL A 226 48.01 -30.66 0.31
N GLU A 227 48.64 -31.44 1.18
CA GLU A 227 47.90 -32.39 1.99
C GLU A 227 48.08 -32.05 3.46
N ALA A 228 47.25 -32.67 4.29
CA ALA A 228 47.29 -32.49 5.73
C ALA A 228 46.58 -33.68 6.36
N PHE A 229 47.09 -34.16 7.49
CA PHE A 229 46.60 -35.38 8.09
C PHE A 229 46.00 -35.10 9.45
N ASN A 230 44.89 -35.74 9.77
CA ASN A 230 44.37 -35.65 11.13
C ASN A 230 45.29 -36.42 12.05
N GLU A 231 45.79 -35.75 13.07
CA GLU A 231 46.67 -36.30 14.09
C GLU A 231 47.99 -36.82 13.53
N ASP A 232 48.31 -36.45 12.29
CA ASP A 232 49.52 -36.85 11.57
C ASP A 232 49.70 -38.36 11.52
N LYS A 233 48.59 -39.09 11.49
CA LYS A 233 48.60 -40.54 11.40
C LYS A 233 48.32 -40.94 9.97
N ASN A 234 48.13 -42.20 9.76
CA ASN A 234 47.76 -42.64 8.43
C ASN A 234 46.28 -42.36 8.20
N PRO A 235 45.88 -42.15 6.95
CA PRO A 235 44.47 -41.82 6.69
C PRO A 235 43.55 -42.99 6.95
N GLN A 236 42.35 -42.66 7.42
CA GLN A 236 41.28 -43.62 7.58
C GLN A 236 39.98 -43.02 7.05
N ASP A 237 39.03 -43.88 6.76
CA ASP A 237 37.72 -43.43 6.33
C ASP A 237 36.83 -43.44 7.56
N MET A 238 36.75 -42.38 8.17
CA MET A 238 36.04 -42.35 9.43
C MET A 238 34.56 -42.07 9.19
N PRO A 239 33.67 -42.68 9.98
CA PRO A 239 32.24 -42.55 9.69
C PRO A 239 31.69 -41.21 10.13
N LEU A 240 30.75 -40.72 9.35
CA LEU A 240 30.11 -39.45 9.63
C LEU A 240 29.10 -39.63 10.75
N ILE A 241 29.16 -38.75 11.73
CA ILE A 241 28.32 -38.83 12.91
C ILE A 241 27.49 -37.57 13.00
N ALA A 242 26.22 -37.72 13.32
CA ALA A 242 25.32 -36.59 13.44
C ALA A 242 25.70 -35.71 14.61
N SER A 243 25.72 -34.40 14.39
CA SER A 243 26.06 -33.46 15.44
C SER A 243 24.95 -33.42 16.48
N LYS A 244 25.32 -32.99 17.68
CA LYS A 244 24.40 -33.12 18.79
C LYS A 244 23.32 -32.07 18.80
N TYR A 245 23.39 -31.07 17.93
CA TYR A 245 22.37 -30.04 17.88
C TYR A 245 21.46 -30.19 16.67
N ASN A 246 21.29 -31.41 16.15
CA ASN A 246 20.48 -31.60 14.96
C ASN A 246 19.00 -31.58 15.31
N SER A 247 18.52 -30.39 15.63
CA SER A 247 17.09 -30.20 15.53
C SER A 247 16.73 -30.09 14.05
N VAL A 248 15.46 -30.34 13.73
CA VAL A 248 15.03 -30.22 12.34
C VAL A 248 15.04 -28.75 11.94
N GLY A 249 15.61 -28.48 10.78
CA GLY A 249 15.88 -27.14 10.34
C GLY A 249 17.36 -26.81 10.23
N SER A 250 18.22 -27.59 10.88
CA SER A 250 19.66 -27.37 10.75
C SER A 250 20.35 -28.71 11.00
N LYS A 251 20.71 -29.40 9.93
CA LYS A 251 21.36 -30.68 10.04
C LYS A 251 22.85 -30.55 9.81
N ALA A 252 23.63 -31.40 10.46
CA ALA A 252 25.05 -31.46 10.19
C ALA A 252 25.56 -32.85 10.51
N TRP A 253 26.74 -33.17 9.99
CA TRP A 253 27.37 -34.45 10.25
C TRP A 253 28.87 -34.25 10.26
N HIS A 254 29.52 -34.53 11.38
CA HIS A 254 30.96 -34.37 11.44
C HIS A 254 31.60 -35.73 11.68
N THR A 255 32.91 -35.72 11.90
CA THR A 255 33.64 -36.96 12.17
C THR A 255 34.38 -36.97 13.49
N THR A 256 34.75 -35.81 14.04
CA THR A 256 35.67 -35.80 15.17
C THR A 256 35.25 -34.74 16.17
N ASN A 257 34.88 -35.16 17.36
CA ASN A 257 34.62 -34.25 18.47
C ASN A 257 35.89 -33.68 19.06
N ASP A 258 37.06 -34.23 18.75
CA ASP A 258 38.31 -33.85 19.38
C ASP A 258 39.04 -32.78 18.59
N THR A 259 40.17 -32.33 19.13
CA THR A 259 41.09 -31.44 18.44
C THR A 259 42.47 -31.75 18.96
N TYR A 260 43.44 -31.90 18.07
CA TYR A 260 44.72 -32.51 18.40
C TYR A 260 45.81 -31.47 18.53
N MET A 261 46.54 -31.49 19.64
CA MET A 261 47.81 -30.81 19.76
C MET A 261 48.63 -31.51 20.82
N VAL A 262 49.95 -31.42 20.68
CA VAL A 262 50.86 -32.09 21.60
C VAL A 262 51.84 -31.07 22.15
N ALA A 263 52.49 -31.45 23.24
CA ALA A 263 53.34 -30.53 23.99
C ALA A 263 54.82 -30.71 23.69
N GLY A 264 55.36 -31.89 23.92
CA GLY A 264 56.77 -32.11 23.73
C GLY A 264 57.59 -31.78 24.95
N THR A 265 58.90 -31.90 24.77
CA THR A 265 59.84 -31.65 25.85
C THR A 265 59.92 -30.15 26.14
N PRO A 266 60.26 -29.77 27.36
CA PRO A 266 60.40 -28.34 27.67
C PRO A 266 61.51 -27.68 26.89
N GLY A 267 61.26 -26.44 26.48
CA GLY A 267 62.16 -25.69 25.65
C GLY A 267 61.94 -25.86 24.18
N THR A 268 60.96 -26.65 23.77
CA THR A 268 60.77 -27.00 22.36
C THR A 268 59.37 -26.66 21.90
N TYR A 269 59.18 -26.76 20.60
CA TYR A 269 57.92 -26.58 19.91
C TYR A 269 57.43 -27.91 19.37
N ARG A 270 56.13 -28.03 19.20
CA ARG A 270 55.55 -29.16 18.48
C ARG A 270 54.49 -28.62 17.53
N THR A 271 53.84 -29.52 16.81
CA THR A 271 52.84 -29.11 15.83
C THR A 271 51.87 -30.26 15.61
N GLY A 272 50.58 -30.02 15.86
CA GLY A 272 49.55 -30.98 15.60
C GLY A 272 48.65 -30.49 14.47
N THR A 273 47.79 -31.38 14.00
CA THR A 273 46.89 -31.03 12.90
C THR A 273 45.60 -31.80 13.05
N SER A 274 44.48 -31.10 13.12
CA SER A 274 43.18 -31.74 13.23
C SER A 274 42.41 -31.55 11.94
N VAL A 275 41.88 -32.62 11.40
CA VAL A 275 41.09 -32.59 10.17
C VAL A 275 39.75 -33.20 10.47
N ASN A 276 38.68 -32.47 10.22
CA ASN A 276 37.36 -32.91 10.62
C ASN A 276 36.42 -32.72 9.44
N CYS A 277 36.01 -33.82 8.81
CA CYS A 277 35.05 -33.74 7.71
C CYS A 277 33.73 -33.23 8.22
N ILE A 278 33.11 -32.34 7.47
CA ILE A 278 31.88 -31.66 7.90
C ILE A 278 30.94 -31.61 6.72
N ILE A 279 29.68 -31.96 6.94
CA ILE A 279 28.63 -31.79 5.95
C ILE A 279 27.50 -31.02 6.61
N GLU A 280 27.01 -29.98 5.98
CA GLU A 280 25.88 -29.26 6.52
C GLU A 280 24.80 -29.11 5.47
N GLU A 281 23.56 -29.33 5.88
CA GLU A 281 22.44 -28.78 5.13
C GLU A 281 22.46 -27.27 5.31
N VAL A 282 22.21 -26.54 4.24
CA VAL A 282 22.10 -25.09 4.37
C VAL A 282 20.79 -24.65 3.76
N GLU A 283 20.55 -23.35 3.78
CA GLU A 283 19.41 -22.73 3.12
C GLU A 283 19.96 -21.64 2.23
N ALA A 284 20.21 -21.96 0.97
CA ALA A 284 20.73 -20.96 0.07
C ALA A 284 19.62 -20.00 -0.32
N ARG A 285 20.01 -18.93 -0.99
CA ARG A 285 19.17 -17.75 -1.03
C ARG A 285 19.70 -16.86 -2.13
N SER A 286 18.82 -16.38 -3.00
CA SER A 286 19.28 -15.60 -4.13
C SER A 286 18.24 -14.58 -4.54
N ILE A 287 18.71 -13.41 -4.95
CA ILE A 287 17.85 -12.31 -5.34
C ILE A 287 17.98 -12.09 -6.84
N PHE A 288 17.11 -11.23 -7.37
CA PHE A 288 17.12 -10.88 -8.77
C PHE A 288 18.43 -10.18 -9.12
N PRO A 289 18.96 -10.38 -10.33
CA PRO A 289 18.60 -11.18 -11.48
C PRO A 289 19.11 -12.58 -11.44
N TYR A 290 19.31 -13.11 -10.24
CA TYR A 290 19.63 -14.52 -9.99
C TYR A 290 20.92 -14.92 -10.69
N ASP A 291 22.02 -14.33 -10.22
CA ASP A 291 23.33 -14.74 -10.71
C ASP A 291 24.33 -14.93 -9.60
N SER A 292 23.88 -14.96 -8.35
CA SER A 292 24.72 -15.28 -7.22
C SER A 292 23.80 -15.81 -6.15
N PHE A 293 24.30 -16.71 -5.32
CA PHE A 293 23.48 -17.16 -4.23
C PHE A 293 24.32 -17.31 -2.99
N GLY A 294 23.81 -16.81 -1.88
CA GLY A 294 24.51 -16.85 -0.62
C GLY A 294 23.95 -17.95 0.25
N LEU A 295 24.84 -18.56 1.01
CA LEU A 295 24.46 -19.73 1.78
C LEU A 295 23.99 -19.31 3.16
N SER A 296 23.84 -20.29 4.04
CA SER A 296 23.53 -20.02 5.42
C SER A 296 24.77 -19.90 6.28
N THR A 297 25.94 -20.06 5.69
CA THR A 297 27.19 -19.91 6.41
C THR A 297 27.93 -18.66 5.98
N GLY A 298 27.22 -17.67 5.46
CA GLY A 298 27.84 -16.42 5.09
C GLY A 298 28.70 -16.49 3.86
N ASP A 299 28.45 -17.43 2.98
CA ASP A 299 29.30 -17.66 1.82
C ASP A 299 28.57 -17.26 0.56
N ILE A 300 29.10 -16.29 -0.14
CA ILE A 300 28.59 -15.93 -1.45
C ILE A 300 29.14 -16.92 -2.45
N ILE A 301 28.29 -17.44 -3.31
CA ILE A 301 28.72 -18.30 -4.40
C ILE A 301 28.43 -17.56 -5.69
N TYR A 302 29.45 -17.33 -6.49
CA TYR A 302 29.30 -16.45 -7.65
C TYR A 302 28.89 -17.27 -8.87
N MET A 303 27.64 -17.71 -8.83
CA MET A 303 27.05 -18.52 -9.89
C MET A 303 25.55 -18.42 -9.74
N SER A 304 24.82 -18.41 -10.85
CA SER A 304 23.39 -18.49 -10.74
C SER A 304 23.00 -19.86 -10.21
N PRO A 305 21.91 -19.99 -9.48
CA PRO A 305 21.48 -21.31 -9.03
C PRO A 305 20.94 -22.15 -10.15
N PHE A 306 20.68 -21.57 -11.31
CA PHE A 306 20.10 -22.27 -12.43
C PHE A 306 21.13 -22.59 -13.48
N PHE A 307 22.40 -22.43 -13.15
CA PHE A 307 23.46 -22.71 -14.10
C PHE A 307 23.53 -24.20 -14.36
N GLY A 308 24.05 -24.56 -15.52
CA GLY A 308 24.20 -25.95 -15.87
C GLY A 308 24.75 -26.01 -17.27
N LEU A 309 25.13 -27.20 -17.68
CA LEU A 309 25.73 -27.35 -18.98
C LEU A 309 24.78 -27.85 -20.04
N ARG A 310 23.52 -28.07 -19.70
CA ARG A 310 22.57 -28.59 -20.65
C ARG A 310 21.37 -27.66 -20.73
N ASP A 311 20.67 -27.73 -21.87
CA ASP A 311 19.40 -27.06 -22.11
C ASP A 311 19.51 -25.55 -22.03
N GLY A 312 20.60 -25.01 -22.54
CA GLY A 312 20.72 -23.56 -22.53
C GLY A 312 21.11 -22.96 -21.21
N ALA A 313 21.40 -23.76 -20.20
CA ALA A 313 21.69 -23.20 -18.90
C ALA A 313 23.09 -22.61 -18.80
N TYR A 314 23.95 -22.88 -19.77
CA TYR A 314 25.27 -22.25 -19.84
C TYR A 314 25.19 -20.75 -20.06
N ARG A 315 24.06 -20.27 -20.55
CA ARG A 315 23.80 -18.86 -20.73
C ARG A 315 23.82 -18.08 -19.43
N GLU A 316 23.56 -18.73 -18.31
CA GLU A 316 23.51 -18.07 -17.03
C GLU A 316 24.90 -17.60 -16.60
N HIS A 317 24.93 -16.68 -15.66
CA HIS A 317 26.15 -16.01 -15.28
C HIS A 317 26.97 -16.87 -14.33
N SER A 318 28.28 -16.81 -14.49
CA SER A 318 29.21 -17.49 -13.62
C SER A 318 30.48 -16.67 -13.53
N ASN A 319 31.27 -16.96 -12.51
CA ASN A 319 32.59 -16.39 -12.39
C ASN A 319 33.66 -17.42 -12.15
N TYR A 320 33.29 -18.65 -11.87
CA TYR A 320 34.26 -19.70 -11.62
C TYR A 320 34.71 -20.30 -12.94
N ALA A 321 35.95 -20.78 -12.94
CA ALA A 321 36.44 -21.50 -14.10
C ALA A 321 35.68 -22.81 -14.25
N MET A 322 35.62 -23.30 -15.47
CA MET A 322 34.78 -24.46 -15.73
C MET A 322 35.40 -25.77 -15.29
N ASP A 323 36.57 -25.74 -14.68
CA ASP A 323 37.10 -26.96 -14.09
C ASP A 323 36.30 -27.37 -12.88
N ARG A 324 35.65 -26.41 -12.24
CA ARG A 324 35.07 -26.62 -10.93
C ARG A 324 33.67 -27.18 -10.98
N PHE A 325 32.94 -26.96 -12.06
CA PHE A 325 31.56 -27.36 -12.12
C PHE A 325 31.45 -28.82 -12.53
N HIS A 326 30.51 -29.54 -11.93
CA HIS A 326 30.27 -30.93 -12.25
C HIS A 326 28.79 -31.20 -12.10
N GLN A 327 28.19 -31.82 -13.10
CA GLN A 327 26.75 -32.01 -13.10
C GLN A 327 26.41 -33.47 -13.34
N PHE A 328 25.52 -34.00 -12.52
CA PHE A 328 25.10 -35.39 -12.56
C PHE A 328 23.64 -35.46 -12.95
N GLU A 329 23.23 -36.61 -13.48
CA GLU A 329 21.82 -36.93 -13.67
C GLU A 329 21.49 -38.25 -13.02
N GLY A 330 20.29 -38.34 -12.48
CA GLY A 330 19.87 -39.53 -11.78
C GLY A 330 20.69 -39.79 -10.54
N TYR A 331 21.23 -38.75 -9.94
CA TYR A 331 22.16 -38.93 -8.83
C TYR A 331 21.35 -39.20 -7.57
N ARG A 332 21.47 -40.40 -7.04
CA ARG A 332 20.76 -40.77 -5.84
C ARG A 332 21.63 -40.37 -4.66
N GLN A 333 21.26 -39.30 -3.98
CA GLN A 333 22.03 -38.80 -2.86
C GLN A 333 21.77 -39.63 -1.61
N ARG A 334 22.84 -39.98 -0.91
CA ARG A 334 22.70 -40.74 0.33
C ARG A 334 22.18 -39.87 1.44
N ASP A 335 21.14 -40.32 2.11
CA ASP A 335 20.67 -39.67 3.32
C ASP A 335 21.45 -40.27 4.48
N LEU A 336 22.24 -39.44 5.14
CA LEU A 336 23.19 -39.95 6.11
C LEU A 336 22.54 -40.42 7.38
N ASP A 337 21.30 -40.02 7.64
CA ASP A 337 20.63 -40.49 8.85
C ASP A 337 20.09 -41.89 8.65
N THR A 338 19.18 -42.06 7.71
CA THR A 338 18.52 -43.35 7.52
C THR A 338 19.41 -44.36 6.81
N ARG A 339 20.60 -43.96 6.38
CA ARG A 339 21.56 -44.79 5.65
C ARG A 339 20.96 -45.35 4.38
N ALA A 340 20.07 -44.61 3.76
CA ALA A 340 19.46 -45.00 2.50
C ALA A 340 19.75 -43.94 1.46
N LEU A 341 19.33 -44.22 0.24
CA LEU A 341 19.54 -43.32 -0.87
C LEU A 341 18.22 -42.66 -1.21
N LEU A 342 18.28 -41.39 -1.59
CA LEU A 342 17.07 -40.66 -1.93
C LEU A 342 16.63 -41.02 -3.34
N GLU A 343 15.59 -40.36 -3.82
CA GLU A 343 15.14 -40.60 -5.18
C GLU A 343 16.11 -39.95 -6.16
N PRO A 344 16.16 -40.43 -7.40
CA PRO A 344 17.08 -39.84 -8.37
C PRO A 344 16.68 -38.43 -8.76
N ALA A 345 17.68 -37.56 -8.84
CA ALA A 345 17.48 -36.20 -9.31
C ALA A 345 18.80 -35.70 -9.84
N ALA A 346 18.74 -34.67 -10.69
CA ALA A 346 19.94 -34.11 -11.29
C ALA A 346 20.59 -33.17 -10.29
N ARG A 347 21.86 -33.39 -10.00
CA ARG A 347 22.52 -32.69 -8.91
C ARG A 347 23.77 -32.00 -9.42
N ASN A 348 23.98 -30.77 -9.01
CA ASN A 348 25.18 -30.02 -9.36
C ASN A 348 26.21 -30.14 -8.24
N PHE A 349 27.46 -29.84 -8.57
CA PHE A 349 28.53 -29.76 -7.59
C PHE A 349 29.51 -28.70 -8.04
N LEU A 350 29.97 -27.89 -7.11
CA LEU A 350 30.88 -26.79 -7.43
C LEU A 350 31.97 -26.72 -6.39
N VAL A 351 33.21 -26.55 -6.83
CA VAL A 351 34.33 -26.56 -5.88
C VAL A 351 34.90 -25.16 -5.72
N THR A 352 34.44 -24.47 -4.69
CA THR A 352 34.96 -23.18 -4.30
C THR A 352 36.35 -23.37 -3.71
N PRO A 353 37.18 -22.33 -3.61
CA PRO A 353 38.42 -22.45 -2.83
C PRO A 353 38.26 -22.79 -1.36
N HIS A 354 37.06 -22.79 -0.79
CA HIS A 354 36.93 -23.16 0.61
C HIS A 354 35.96 -24.29 0.89
N LEU A 355 35.02 -24.57 0.02
CA LEU A 355 34.04 -25.61 0.30
C LEU A 355 33.45 -26.12 -1.01
N THR A 356 32.55 -27.08 -0.90
CA THR A 356 31.95 -27.70 -2.07
C THR A 356 30.44 -27.66 -1.92
N VAL A 357 29.80 -26.91 -2.76
CA VAL A 357 28.36 -26.76 -2.73
C VAL A 357 27.76 -27.86 -3.57
N GLY A 358 26.69 -28.48 -3.11
CA GLY A 358 25.97 -29.37 -3.97
C GLY A 358 24.48 -29.16 -3.88
N TRP A 359 23.83 -28.78 -4.98
CA TRP A 359 22.42 -28.49 -4.91
C TRP A 359 21.73 -29.13 -6.11
N ASN A 360 20.47 -29.50 -5.94
CA ASN A 360 19.74 -30.17 -7.01
C ASN A 360 19.29 -29.16 -8.03
N TRP A 361 19.59 -29.43 -9.29
CA TRP A 361 19.31 -28.49 -10.35
C TRP A 361 17.84 -28.48 -10.67
N LYS A 362 17.29 -27.29 -10.90
CA LYS A 362 15.90 -27.11 -11.28
C LYS A 362 15.86 -26.00 -12.31
N PRO A 363 15.00 -26.08 -13.31
CA PRO A 363 15.03 -25.09 -14.39
C PRO A 363 14.48 -23.76 -13.91
N LYS A 364 14.97 -22.69 -14.54
CA LYS A 364 14.64 -21.34 -14.06
C LYS A 364 13.17 -21.04 -14.22
N ARG A 365 12.58 -21.51 -15.31
CA ARG A 365 11.27 -21.08 -15.75
C ARG A 365 10.16 -21.43 -14.78
N THR A 366 10.32 -22.49 -14.01
CA THR A 366 9.28 -22.91 -13.07
C THR A 366 9.65 -22.64 -11.63
N GLU A 367 10.70 -21.88 -11.37
CA GLU A 367 11.13 -21.61 -10.02
C GLU A 367 10.95 -20.15 -9.62
N VAL A 368 11.49 -19.23 -10.38
CA VAL A 368 11.36 -17.82 -10.04
C VAL A 368 10.18 -17.24 -10.80
N CYS A 369 9.73 -16.08 -10.34
CA CYS A 369 8.57 -15.43 -10.94
C CYS A 369 8.59 -13.98 -10.49
N SER A 370 8.38 -13.06 -11.41
CA SER A 370 8.42 -11.65 -11.03
C SER A 370 7.19 -11.25 -10.25
N LEU A 371 6.08 -11.92 -10.49
CA LEU A 371 4.82 -11.52 -9.89
C LEU A 371 4.32 -12.64 -9.01
N VAL A 372 3.77 -12.29 -7.86
CA VAL A 372 3.25 -13.26 -6.92
C VAL A 372 1.83 -12.84 -6.60
N LYS A 373 1.01 -13.80 -6.18
CA LYS A 373 -0.40 -13.54 -5.97
C LYS A 373 -0.61 -12.69 -4.74
N TRP A 374 -1.44 -11.66 -4.86
CA TRP A 374 -1.76 -10.82 -3.72
C TRP A 374 -3.10 -11.19 -3.10
N ARG A 375 -4.17 -11.13 -3.89
CA ARG A 375 -5.50 -11.33 -3.34
C ARG A 375 -6.44 -11.67 -4.48
N GLU A 376 -7.00 -12.87 -4.47
CA GLU A 376 -8.03 -13.23 -5.42
C GLU A 376 -9.36 -12.61 -5.00
N VAL A 377 -10.16 -12.23 -5.98
CA VAL A 377 -11.41 -11.53 -5.72
C VAL A 377 -12.55 -12.24 -6.44
N GLU A 378 -13.59 -12.60 -5.70
CA GLU A 378 -14.68 -13.33 -6.32
C GLU A 378 -15.64 -12.46 -7.11
N ASP A 379 -15.66 -11.15 -6.87
CA ASP A 379 -16.69 -10.32 -7.52
C ASP A 379 -16.19 -8.89 -7.68
N VAL A 380 -15.78 -8.56 -8.90
CA VAL A 380 -15.42 -7.21 -9.24
C VAL A 380 -16.49 -6.65 -10.15
N VAL A 381 -16.40 -5.36 -10.42
CA VAL A 381 -17.27 -4.68 -11.35
C VAL A 381 -16.37 -3.78 -12.18
N ARG A 382 -16.38 -3.96 -13.47
CA ARG A 382 -15.49 -3.19 -14.32
C ARG A 382 -16.30 -2.07 -14.96
N ASP A 383 -16.14 -0.87 -14.43
CA ASP A 383 -16.81 0.30 -14.98
C ASP A 383 -16.06 0.80 -16.21
N GLU A 384 -16.36 2.01 -16.64
CA GLU A 384 -15.73 2.57 -17.82
C GLU A 384 -15.80 4.09 -17.72
N TYR A 385 -14.67 4.74 -17.51
CA TYR A 385 -14.65 6.18 -17.61
C TYR A 385 -14.00 6.58 -18.91
N ALA A 386 -13.70 7.86 -19.06
CA ALA A 386 -13.01 8.35 -20.24
C ALA A 386 -11.60 7.78 -20.24
N HIS A 387 -11.39 6.78 -21.09
CA HIS A 387 -10.10 6.14 -21.34
C HIS A 387 -9.51 5.48 -20.11
N ASN A 388 -10.36 5.02 -19.19
CA ASN A 388 -9.90 4.28 -18.03
C ASN A 388 -10.94 3.29 -17.61
N PHE A 389 -10.49 2.18 -17.05
CA PHE A 389 -11.35 1.21 -16.40
C PHE A 389 -11.26 1.35 -14.89
N ARG A 390 -12.27 0.86 -14.20
CA ARG A 390 -12.31 0.88 -12.74
C ARG A 390 -12.71 -0.48 -12.25
N PHE A 391 -11.83 -1.14 -11.52
CA PHE A 391 -12.08 -2.48 -11.04
C PHE A 391 -12.52 -2.38 -9.59
N THR A 392 -13.76 -1.97 -9.39
CA THR A 392 -14.29 -1.78 -8.06
C THR A 392 -14.47 -3.12 -7.37
N MET A 393 -13.78 -3.32 -6.26
CA MET A 393 -13.74 -4.61 -5.58
C MET A 393 -14.44 -4.45 -4.24
N LYS A 394 -15.75 -4.66 -4.23
CA LYS A 394 -16.53 -4.19 -3.10
C LYS A 394 -16.38 -5.04 -1.86
N THR A 395 -15.78 -6.22 -1.95
CA THR A 395 -15.52 -6.94 -0.71
C THR A 395 -14.24 -6.46 -0.06
N LEU A 396 -13.24 -6.12 -0.84
CA LEU A 396 -12.00 -5.62 -0.30
C LEU A 396 -12.04 -4.14 0.01
N SER A 397 -13.10 -3.45 -0.42
CA SER A 397 -13.25 -2.01 -0.34
C SER A 397 -12.08 -1.28 -1.01
N THR A 398 -11.89 -1.59 -2.28
CA THR A 398 -10.69 -1.20 -3.00
C THR A 398 -11.10 -0.94 -4.45
N THR A 399 -10.41 -0.02 -5.11
CA THR A 399 -10.71 0.29 -6.50
C THR A 399 -9.45 0.56 -7.27
N PHE A 400 -9.17 -0.23 -8.29
CA PHE A 400 -8.01 -0.03 -9.13
C PHE A 400 -8.41 0.58 -10.45
N ILE A 401 -7.47 1.28 -11.08
CA ILE A 401 -7.74 2.03 -12.29
C ILE A 401 -6.70 1.66 -13.33
N SER A 402 -7.16 1.23 -14.50
CA SER A 402 -6.28 0.92 -15.61
C SER A 402 -6.77 1.62 -16.85
N GLU A 403 -5.83 2.01 -17.71
CA GLU A 403 -6.22 2.53 -19.01
C GLU A 403 -6.73 1.39 -19.88
N THR A 404 -7.40 1.77 -20.96
CA THR A 404 -8.26 0.83 -21.66
C THR A 404 -7.53 -0.19 -22.51
N ASN A 405 -6.22 -0.08 -22.67
CA ASN A 405 -5.50 -1.09 -23.40
C ASN A 405 -5.36 -2.35 -22.56
N GLU A 406 -5.02 -3.44 -23.22
CA GLU A 406 -4.50 -4.58 -22.50
C GLU A 406 -3.07 -4.30 -22.08
N PHE A 407 -2.50 -5.23 -21.34
CA PHE A 407 -1.10 -5.15 -20.99
C PHE A 407 -0.48 -6.51 -21.26
N ASN A 408 0.37 -6.58 -22.26
CA ASN A 408 1.04 -7.83 -22.58
C ASN A 408 2.13 -8.07 -21.55
N LEU A 409 2.02 -9.17 -20.81
CA LEU A 409 3.00 -9.46 -19.77
C LEU A 409 4.33 -9.91 -20.33
N ASN A 410 4.46 -10.11 -21.64
CA ASN A 410 5.75 -10.43 -22.21
C ASN A 410 6.70 -9.25 -22.19
N GLN A 411 6.23 -8.05 -21.87
CA GLN A 411 7.11 -6.93 -21.61
C GLN A 411 7.89 -7.09 -20.33
N ILE A 412 7.48 -8.01 -19.46
CA ILE A 412 8.05 -8.14 -18.13
C ILE A 412 8.94 -9.37 -18.11
N HIS A 413 10.11 -9.25 -17.48
CA HIS A 413 10.94 -10.41 -17.20
C HIS A 413 10.16 -11.39 -16.34
N LEU A 414 10.33 -12.69 -16.59
CA LEU A 414 9.73 -13.74 -15.73
C LEU A 414 8.30 -13.39 -15.32
N SER A 415 7.37 -13.41 -16.28
CA SER A 415 5.93 -13.19 -15.95
C SER A 415 5.17 -14.36 -16.60
N GLN A 416 5.73 -15.57 -16.51
CA GLN A 416 5.14 -16.73 -17.21
C GLN A 416 4.39 -17.63 -16.24
N CYS A 417 4.28 -17.21 -14.97
CA CYS A 417 3.54 -18.01 -13.97
C CYS A 417 2.23 -17.29 -13.64
N VAL A 418 1.99 -16.12 -14.24
CA VAL A 418 0.79 -15.31 -13.88
C VAL A 418 -0.43 -15.81 -14.63
N LYS A 419 -0.40 -15.84 -15.97
CA LYS A 419 -1.61 -16.20 -16.75
C LYS A 419 -2.06 -17.62 -16.44
N GLU A 420 -1.17 -18.61 -16.53
CA GLU A 420 -1.60 -19.97 -16.34
C GLU A 420 -2.07 -20.25 -14.91
N GLU A 421 -1.40 -19.69 -13.92
CA GLU A 421 -1.86 -19.82 -12.55
C GLU A 421 -3.19 -19.12 -12.35
N ALA A 422 -3.43 -18.03 -13.06
CA ALA A 422 -4.69 -17.32 -12.93
C ALA A 422 -5.85 -18.12 -13.47
N ARG A 423 -5.65 -18.83 -14.59
CA ARG A 423 -6.73 -19.62 -15.15
C ARG A 423 -7.11 -20.78 -14.25
N ALA A 424 -6.15 -21.33 -13.52
CA ALA A 424 -6.47 -22.39 -12.58
C ALA A 424 -7.29 -21.89 -11.41
N ILE A 425 -7.18 -20.62 -11.10
CA ILE A 425 -7.92 -20.06 -9.99
C ILE A 425 -9.31 -19.62 -10.40
N ILE A 426 -9.41 -18.96 -11.55
CA ILE A 426 -10.69 -18.45 -12.01
C ILE A 426 -11.64 -19.59 -12.36
N ASN A 427 -11.10 -20.67 -12.90
CA ASN A 427 -11.94 -21.83 -13.19
C ASN A 427 -12.41 -22.54 -11.94
N ARG A 428 -11.71 -22.36 -10.82
CA ARG A 428 -12.28 -22.83 -9.57
C ARG A 428 -13.47 -21.98 -9.17
N ILE A 429 -13.33 -20.66 -9.25
CA ILE A 429 -14.34 -19.74 -8.77
C ILE A 429 -15.57 -19.79 -9.65
N TYR A 430 -15.38 -19.84 -10.97
CA TYR A 430 -16.49 -19.94 -11.90
C TYR A 430 -17.23 -21.26 -11.74
N THR A 431 -16.52 -22.31 -11.33
CA THR A 431 -17.18 -23.54 -10.98
C THR A 431 -17.92 -23.39 -9.66
N THR A 432 -17.22 -22.98 -8.61
CA THR A 432 -17.81 -23.14 -7.29
C THR A 432 -18.77 -22.03 -6.92
N ARG A 433 -18.81 -20.92 -7.64
CA ARG A 433 -19.78 -19.89 -7.33
C ARG A 433 -20.67 -19.53 -8.50
N TYR A 434 -20.09 -19.25 -9.66
CA TYR A 434 -20.84 -18.72 -10.80
C TYR A 434 -21.22 -19.80 -11.76
N ASN A 435 -21.58 -20.98 -11.25
CA ASN A 435 -21.80 -22.14 -12.10
C ASN A 435 -23.07 -21.96 -12.92
N SER A 436 -24.20 -21.83 -12.26
CA SER A 436 -25.47 -21.70 -12.94
C SER A 436 -25.85 -20.25 -13.19
N SER A 437 -25.23 -19.32 -12.49
CA SER A 437 -25.74 -17.96 -12.48
C SER A 437 -25.27 -17.18 -13.71
N HIS A 438 -24.02 -17.39 -14.12
CA HIS A 438 -23.45 -16.58 -15.17
C HIS A 438 -22.75 -17.47 -16.19
N VAL A 439 -22.25 -16.82 -17.24
CA VAL A 439 -21.52 -17.49 -18.29
C VAL A 439 -20.40 -16.56 -18.71
N ARG A 440 -19.32 -17.14 -19.22
CA ARG A 440 -18.13 -16.35 -19.50
C ARG A 440 -18.29 -15.57 -20.79
N THR A 441 -17.39 -14.64 -21.01
CA THR A 441 -17.45 -13.75 -22.17
C THR A 441 -16.05 -13.61 -22.78
N GLY A 442 -15.40 -14.73 -23.01
CA GLY A 442 -14.11 -14.72 -23.67
C GLY A 442 -12.98 -14.95 -22.68
N ASP A 443 -11.77 -14.98 -23.22
CA ASP A 443 -10.62 -15.35 -22.44
C ASP A 443 -10.20 -14.19 -21.55
N ILE A 444 -9.35 -14.49 -20.57
CA ILE A 444 -8.96 -13.53 -19.55
C ILE A 444 -8.19 -12.37 -20.16
N GLN A 445 -8.21 -11.25 -19.46
CA GLN A 445 -7.59 -10.03 -19.93
C GLN A 445 -6.67 -9.51 -18.83
N THR A 446 -5.55 -8.96 -19.24
CA THR A 446 -4.52 -8.52 -18.31
C THR A 446 -4.42 -7.01 -18.35
N TYR A 447 -4.59 -6.38 -17.20
CA TYR A 447 -4.50 -4.93 -17.12
C TYR A 447 -3.43 -4.55 -16.11
N LEU A 448 -2.72 -3.48 -16.39
CA LEU A 448 -1.77 -2.93 -15.44
C LEU A 448 -2.47 -1.87 -14.63
N ALA A 449 -2.74 -2.18 -13.36
CA ALA A 449 -3.41 -1.22 -12.51
C ALA A 449 -2.46 -0.11 -12.13
N ARG A 450 -3.05 1.02 -11.78
CA ARG A 450 -2.25 2.15 -11.35
C ARG A 450 -1.68 1.86 -9.98
N GLY A 451 -0.38 2.04 -9.84
CA GLY A 451 0.29 1.74 -8.60
C GLY A 451 1.15 0.50 -8.65
N GLY A 452 1.17 -0.20 -9.76
CA GLY A 452 2.03 -1.36 -9.90
C GLY A 452 1.36 -2.68 -9.66
N PHE A 453 0.05 -2.76 -9.78
CA PHE A 453 -0.67 -4.00 -9.63
C PHE A 453 -1.04 -4.56 -10.98
N VAL A 454 -1.12 -5.87 -11.09
CA VAL A 454 -1.50 -6.55 -12.32
C VAL A 454 -2.81 -7.25 -12.07
N VAL A 455 -3.82 -6.88 -12.85
CA VAL A 455 -5.18 -7.35 -12.62
C VAL A 455 -5.55 -8.27 -13.76
N VAL A 456 -5.59 -9.56 -13.49
CA VAL A 456 -6.07 -10.53 -14.46
C VAL A 456 -7.57 -10.65 -14.27
N PHE A 457 -8.34 -10.40 -15.33
CA PHE A 457 -9.77 -10.21 -15.21
C PHE A 457 -10.50 -11.04 -16.25
N GLN A 458 -11.31 -11.99 -15.78
CA GLN A 458 -12.20 -12.76 -16.62
C GLN A 458 -13.58 -12.12 -16.58
N PRO A 459 -14.11 -11.64 -17.68
CA PRO A 459 -15.46 -11.07 -17.66
C PRO A 459 -16.50 -12.15 -17.49
N LEU A 460 -17.71 -11.72 -17.15
CA LEU A 460 -18.84 -12.62 -17.07
C LEU A 460 -20.04 -11.96 -17.74
N LEU A 461 -21.15 -12.68 -17.69
CA LEU A 461 -22.43 -12.19 -18.18
C LEU A 461 -23.50 -13.06 -17.57
N SER A 462 -24.59 -12.44 -17.14
CA SER A 462 -25.70 -13.18 -16.58
C SER A 462 -26.42 -14.00 -17.64
N ASN A 463 -27.40 -14.77 -17.19
CA ASN A 463 -28.22 -15.57 -18.07
C ASN A 463 -29.17 -14.74 -18.92
N SER A 464 -29.29 -13.45 -18.63
CA SER A 464 -30.06 -12.55 -19.44
C SER A 464 -29.18 -11.90 -20.50
N ASN A 503 13.05 -5.69 -22.04
CA ASN A 503 12.01 -5.95 -21.06
C ASN A 503 12.23 -5.08 -19.83
N ARG A 504 11.37 -5.23 -18.83
CA ARG A 504 11.43 -4.42 -17.61
C ARG A 504 10.81 -5.20 -16.46
N THR A 505 10.58 -4.49 -15.35
CA THR A 505 10.04 -5.09 -14.14
C THR A 505 9.07 -4.10 -13.50
N ILE A 506 7.95 -4.61 -13.01
CA ILE A 506 6.92 -3.78 -12.40
C ILE A 506 7.26 -3.53 -10.94
N THR A 507 7.21 -2.28 -10.52
CA THR A 507 7.45 -1.89 -9.15
C THR A 507 6.13 -1.57 -8.46
N THR A 508 5.84 -2.27 -7.38
CA THR A 508 4.58 -2.14 -6.66
C THR A 508 4.79 -1.24 -5.44
N THR A 509 3.89 -0.28 -5.24
CA THR A 509 3.96 0.59 -4.09
C THR A 509 3.66 -0.19 -2.82
N SER A 510 4.09 0.36 -1.69
CA SER A 510 4.03 -0.35 -0.43
C SER A 510 2.82 0.01 0.40
N SER A 511 1.77 0.54 -0.22
CA SER A 511 0.58 0.90 0.52
C SER A 511 -0.59 0.96 -0.44
N VAL A 512 -1.70 0.32 -0.09
CA VAL A 512 -2.88 0.33 -0.94
C VAL A 512 -3.92 1.31 -0.46
N GLU A 513 -3.60 2.13 0.53
CA GLU A 513 -4.59 3.06 1.03
C GLU A 513 -4.84 4.23 0.11
N PHE A 514 -4.10 4.36 -0.98
CA PHE A 514 -4.57 5.21 -2.05
C PHE A 514 -5.80 4.60 -2.70
N ALA A 515 -5.88 3.29 -2.73
CA ALA A 515 -6.94 2.62 -3.46
C ALA A 515 -8.14 2.34 -2.60
N MET A 516 -7.99 2.29 -1.29
CA MET A 516 -9.17 2.26 -0.45
C MET A 516 -9.86 3.61 -0.45
N LEU A 517 -9.08 4.68 -0.56
CA LEU A 517 -9.67 6.00 -0.70
C LEU A 517 -10.40 6.15 -2.01
N GLN A 518 -9.87 5.55 -3.07
CA GLN A 518 -10.53 5.66 -4.36
C GLN A 518 -11.85 4.93 -4.35
N PHE A 519 -11.96 3.87 -3.55
CA PHE A 519 -13.25 3.24 -3.39
C PHE A 519 -14.15 4.05 -2.49
N THR A 520 -13.60 4.55 -1.38
CA THR A 520 -14.42 5.23 -0.39
C THR A 520 -14.98 6.53 -0.95
N TYR A 521 -14.19 7.22 -1.75
CA TYR A 521 -14.70 8.40 -2.42
C TYR A 521 -15.75 8.03 -3.44
N ASP A 522 -15.48 7.02 -4.25
CA ASP A 522 -16.44 6.65 -5.28
C ASP A 522 -17.70 6.03 -4.72
N HIS A 523 -17.64 5.45 -3.54
CA HIS A 523 -18.87 4.94 -2.97
C HIS A 523 -19.74 6.06 -2.44
N ILE A 524 -19.13 7.16 -2.02
CA ILE A 524 -19.91 8.30 -1.55
C ILE A 524 -20.36 9.16 -2.71
N GLN A 525 -19.43 9.43 -3.63
CA GLN A 525 -19.71 10.29 -4.78
C GLN A 525 -20.76 9.69 -5.68
N GLU A 526 -20.87 8.37 -5.73
CA GLU A 526 -21.96 7.77 -6.48
C GLU A 526 -23.26 7.92 -5.72
N HIS A 527 -23.22 7.82 -4.40
CA HIS A 527 -24.47 7.82 -3.66
C HIS A 527 -24.98 9.22 -3.42
N VAL A 528 -24.10 10.18 -3.19
CA VAL A 528 -24.53 11.55 -2.98
C VAL A 528 -25.11 12.12 -4.26
N ASN A 529 -24.45 11.89 -5.39
CA ASN A 529 -24.93 12.40 -6.66
C ASN A 529 -26.25 11.79 -7.06
N GLU A 530 -26.51 10.55 -6.66
CA GLU A 530 -27.79 9.96 -6.98
C GLU A 530 -28.91 10.59 -6.17
N MET A 531 -28.64 10.89 -4.90
CA MET A 531 -29.68 11.50 -4.09
C MET A 531 -29.88 12.95 -4.46
N LEU A 532 -28.81 13.66 -4.79
CA LEU A 532 -28.98 15.05 -5.21
C LEU A 532 -29.67 15.16 -6.55
N ALA A 533 -29.58 14.13 -7.37
CA ALA A 533 -30.37 14.13 -8.59
C ALA A 533 -31.85 13.92 -8.28
N ARG A 534 -32.14 13.07 -7.30
CA ARG A 534 -33.53 12.80 -6.99
C ARG A 534 -34.20 13.96 -6.30
N ILE A 535 -33.44 14.83 -5.64
CA ILE A 535 -34.04 16.05 -5.11
C ILE A 535 -34.45 16.95 -6.26
N SER A 536 -33.52 17.19 -7.19
CA SER A 536 -33.74 18.16 -8.23
C SER A 536 -34.83 17.73 -9.19
N SER A 537 -34.98 16.43 -9.42
CA SER A 537 -36.09 15.97 -10.24
C SER A 537 -37.40 16.14 -9.51
N SER A 538 -37.43 15.75 -8.25
CA SER A 538 -38.67 15.91 -7.50
C SER A 538 -38.91 17.36 -7.10
N TRP A 539 -37.88 18.19 -7.09
CA TRP A 539 -38.13 19.61 -6.89
C TRP A 539 -38.80 20.21 -8.09
N CYS A 540 -38.32 19.85 -9.28
CA CYS A 540 -38.90 20.38 -10.51
C CYS A 540 -40.31 19.87 -10.71
N GLN A 541 -40.58 18.64 -10.31
CA GLN A 541 -41.94 18.13 -10.45
C GLN A 541 -42.87 18.78 -9.47
N LEU A 542 -42.36 19.21 -8.32
CA LEU A 542 -43.22 19.86 -7.34
C LEU A 542 -43.65 21.23 -7.83
N GLN A 543 -42.68 22.04 -8.25
CA GLN A 543 -42.95 23.42 -8.64
C GLN A 543 -43.86 23.50 -9.85
N ASN A 544 -43.75 22.54 -10.77
CA ASN A 544 -44.63 22.52 -11.91
C ASN A 544 -46.05 22.21 -11.50
N ARG A 545 -46.22 21.30 -10.56
CA ARG A 545 -47.56 21.08 -10.03
C ARG A 545 -48.02 22.24 -9.19
N GLU A 546 -47.09 22.95 -8.56
CA GLU A 546 -47.48 24.09 -7.75
C GLU A 546 -47.99 25.24 -8.58
N ARG A 547 -47.60 25.31 -9.85
CA ARG A 547 -47.99 26.45 -10.69
C ARG A 547 -49.49 26.49 -10.91
N ALA A 548 -50.11 25.32 -11.00
CA ALA A 548 -51.54 25.26 -11.24
C ALA A 548 -52.33 25.79 -10.05
N LEU A 549 -51.75 25.69 -8.85
CA LEU A 549 -52.37 26.30 -7.69
C LEU A 549 -52.38 27.82 -7.82
N TRP A 550 -51.26 28.38 -8.25
CA TRP A 550 -51.16 29.83 -8.38
C TRP A 550 -52.13 30.34 -9.42
N SER A 551 -52.08 29.77 -10.63
CA SER A 551 -52.95 30.21 -11.70
C SER A 551 -54.41 29.90 -11.42
N GLY A 552 -54.69 28.91 -10.59
CA GLY A 552 -56.05 28.69 -10.21
C GLY A 552 -56.58 29.64 -9.18
N LEU A 553 -55.71 30.33 -8.45
CA LEU A 553 -56.14 31.13 -7.33
C LEU A 553 -56.10 32.63 -7.58
N PHE A 554 -55.30 33.09 -8.54
CA PHE A 554 -55.29 34.49 -8.94
C PHE A 554 -56.62 35.15 -9.27
N PRO A 555 -57.66 34.47 -9.75
CA PRO A 555 -58.97 35.13 -9.80
C PRO A 555 -59.61 35.35 -8.44
N ILE A 556 -59.12 34.74 -7.37
CA ILE A 556 -59.75 34.95 -6.07
C ILE A 556 -59.20 36.20 -5.41
N ASN A 557 -57.91 36.21 -5.10
CA ASN A 557 -57.26 37.37 -4.49
C ASN A 557 -56.02 37.69 -5.31
N PRO A 558 -56.14 38.58 -6.29
CA PRO A 558 -55.01 38.82 -7.19
C PRO A 558 -53.87 39.56 -6.54
N SER A 559 -54.18 40.53 -5.67
CA SER A 559 -53.17 41.44 -5.18
C SER A 559 -52.21 40.77 -4.21
N ALA A 560 -52.75 39.98 -3.29
CA ALA A 560 -51.91 39.39 -2.25
C ALA A 560 -50.99 38.33 -2.80
N LEU A 561 -51.43 37.60 -3.82
CA LEU A 561 -50.59 36.56 -4.38
C LEU A 561 -49.47 37.17 -5.20
N ALA A 562 -49.77 38.20 -5.97
CA ALA A 562 -48.74 38.84 -6.78
C ALA A 562 -47.76 39.60 -5.91
N SER A 563 -48.22 40.08 -4.76
CA SER A 563 -47.33 40.80 -3.84
C SER A 563 -46.26 39.88 -3.30
N THR A 564 -46.61 38.62 -3.06
CA THR A 564 -45.65 37.65 -2.56
C THR A 564 -44.62 37.32 -3.63
N ILE A 565 -45.02 37.35 -4.90
CA ILE A 565 -44.10 37.01 -5.97
C ILE A 565 -43.12 38.15 -6.20
N LEU A 566 -43.61 39.37 -6.26
CA LEU A 566 -42.76 40.48 -6.64
C LEU A 566 -41.99 41.08 -5.48
N ASP A 567 -42.16 40.55 -4.27
CA ASP A 567 -41.46 41.02 -3.05
C ASP A 567 -41.71 42.50 -2.79
N GLN A 568 -42.92 42.94 -3.07
CA GLN A 568 -43.23 44.36 -3.12
C GLN A 568 -44.73 44.51 -3.09
N ARG A 569 -45.22 45.45 -2.29
CA ARG A 569 -46.66 45.61 -2.12
C ARG A 569 -47.24 46.25 -3.36
N VAL A 570 -47.84 45.42 -4.22
CA VAL A 570 -48.40 45.90 -5.47
C VAL A 570 -49.90 45.75 -5.41
N LYS A 571 -50.58 46.15 -6.47
CA LYS A 571 -52.03 46.09 -6.53
C LYS A 571 -52.39 45.60 -7.93
N ALA A 572 -52.69 44.31 -8.04
CA ALA A 572 -52.87 43.68 -9.34
C ALA A 572 -54.34 43.60 -9.72
N ARG A 573 -54.58 43.49 -11.02
CA ARG A 573 -55.90 43.23 -11.55
C ARG A 573 -55.80 42.17 -12.63
N ILE A 574 -56.92 41.53 -12.90
CA ILE A 574 -57.01 40.53 -13.96
C ILE A 574 -57.73 41.18 -15.14
N LEU A 575 -56.99 41.43 -16.20
CA LEU A 575 -57.57 41.93 -17.44
C LEU A 575 -57.80 40.80 -18.42
N GLY A 576 -58.66 39.88 -18.04
CA GLY A 576 -58.92 38.73 -18.88
C GLY A 576 -58.03 37.56 -18.50
N ASP A 577 -56.92 37.40 -19.20
CA ASP A 577 -56.03 36.25 -19.00
C ASP A 577 -54.64 36.69 -18.57
N VAL A 578 -54.48 37.94 -18.15
CA VAL A 578 -53.18 38.48 -17.76
C VAL A 578 -53.32 39.16 -16.42
N ILE A 579 -52.21 39.69 -15.93
CA ILE A 579 -52.15 40.38 -14.66
C ILE A 579 -51.57 41.77 -14.90
N SER A 580 -52.32 42.80 -14.52
CA SER A 580 -51.86 44.18 -14.63
C SER A 580 -51.65 44.73 -13.24
N VAL A 581 -50.44 45.19 -12.95
CA VAL A 581 -50.05 45.52 -11.60
C VAL A 581 -49.91 47.02 -11.46
N SER A 582 -49.73 47.45 -10.21
CA SER A 582 -49.56 48.86 -9.85
C SER A 582 -48.99 48.90 -8.44
N ASN A 583 -47.94 49.68 -8.25
CA ASN A 583 -47.25 49.72 -6.97
C ASN A 583 -48.07 50.46 -5.92
N CYS A 584 -47.78 50.15 -4.66
CA CYS A 584 -48.42 50.81 -3.52
C CYS A 584 -47.33 51.33 -2.61
N PRO A 585 -47.00 52.61 -2.67
CA PRO A 585 -45.93 53.15 -1.83
C PRO A 585 -46.40 53.33 -0.39
N GLU A 586 -45.42 53.58 0.47
CA GLU A 586 -45.72 53.82 1.88
C GLU A 586 -46.41 55.15 2.05
N LEU A 587 -47.24 55.25 3.07
CA LEU A 587 -47.76 56.55 3.46
C LEU A 587 -46.81 57.19 4.45
N GLY A 588 -46.41 58.42 4.18
CA GLY A 588 -45.43 59.11 4.99
C GLY A 588 -45.97 59.57 6.32
N SER A 589 -45.15 60.33 7.05
CA SER A 589 -45.54 60.80 8.38
C SER A 589 -46.42 62.05 8.28
N ASP A 590 -46.62 62.72 9.42
CA ASP A 590 -47.41 63.95 9.56
C ASP A 590 -48.83 63.78 9.05
N THR A 591 -49.43 62.63 9.35
CA THR A 591 -50.77 62.31 8.91
C THR A 591 -51.54 61.74 10.08
N ARG A 592 -52.72 62.31 10.35
CA ARG A 592 -53.55 61.88 11.46
C ARG A 592 -54.45 60.74 10.99
N ILE A 593 -54.40 59.62 11.69
CA ILE A 593 -55.19 58.44 11.34
C ILE A 593 -56.27 58.31 12.40
N ILE A 594 -57.52 58.53 12.01
CA ILE A 594 -58.62 58.49 12.96
C ILE A 594 -59.50 57.30 12.61
N LEU A 595 -59.50 56.32 13.48
CA LEU A 595 -60.43 55.20 13.36
C LEU A 595 -61.83 55.67 13.73
N GLN A 596 -62.83 55.24 12.96
CA GLN A 596 -64.18 55.63 13.26
C GLN A 596 -64.75 54.72 14.36
N ASN A 597 -66.04 54.90 14.61
CA ASN A 597 -66.70 54.23 15.72
C ASN A 597 -67.72 53.20 15.25
N SER A 598 -68.63 53.61 14.37
CA SER A 598 -69.68 52.74 13.87
C SER A 598 -69.40 52.36 12.44
N MET A 599 -69.78 51.13 12.07
CA MET A 599 -69.70 50.68 10.69
C MET A 599 -71.04 50.75 9.99
N ARG A 600 -71.98 51.52 10.51
CA ARG A 600 -73.32 51.54 9.96
C ARG A 600 -73.43 52.68 8.96
N VAL A 601 -74.06 52.39 7.83
CA VAL A 601 -74.44 53.45 6.91
C VAL A 601 -75.48 54.31 7.60
N SER A 602 -75.23 55.62 7.62
CA SER A 602 -76.09 56.55 8.34
C SER A 602 -77.45 56.63 7.66
N GLY A 603 -78.50 56.38 8.42
CA GLY A 603 -79.84 56.32 7.88
C GLY A 603 -80.28 54.93 7.49
N SER A 604 -79.55 54.29 6.59
CA SER A 604 -79.92 52.95 6.15
C SER A 604 -79.44 51.94 7.18
N THR A 605 -80.39 51.39 7.94
CA THR A 605 -80.06 50.47 9.02
C THR A 605 -79.65 49.10 8.50
N THR A 606 -80.39 48.57 7.53
CA THR A 606 -80.11 47.24 6.98
C THR A 606 -78.88 47.19 6.09
N ARG A 607 -78.28 48.34 5.79
CA ARG A 607 -77.05 48.39 5.01
C ARG A 607 -75.92 48.87 5.92
N CYS A 608 -74.82 48.12 5.92
CA CYS A 608 -73.68 48.46 6.76
C CYS A 608 -72.39 48.17 6.02
N TYR A 609 -71.29 48.74 6.52
CA TYR A 609 -70.03 48.60 5.83
C TYR A 609 -69.40 47.24 6.10
N SER A 610 -68.31 46.96 5.39
CA SER A 610 -67.65 45.66 5.47
C SER A 610 -66.34 45.72 6.23
N ARG A 611 -65.53 46.74 6.01
CA ARG A 611 -64.29 46.99 6.73
C ARG A 611 -64.33 48.43 7.19
N PRO A 612 -63.66 48.77 8.31
CA PRO A 612 -63.99 50.02 9.02
C PRO A 612 -63.63 51.28 8.25
N LEU A 613 -64.45 52.31 8.47
CA LEU A 613 -64.18 53.60 7.88
C LEU A 613 -63.03 54.26 8.62
N ILE A 614 -62.27 55.08 7.91
CA ILE A 614 -61.17 55.80 8.52
C ILE A 614 -61.30 57.28 8.20
N SER A 615 -60.58 58.08 8.97
CA SER A 615 -60.51 59.52 8.74
C SER A 615 -59.05 59.91 8.64
N ILE A 616 -58.59 60.14 7.42
CA ILE A 616 -57.23 60.58 7.15
C ILE A 616 -57.22 62.09 7.23
N VAL A 625 -59.09 63.37 4.29
CA VAL A 625 -59.62 62.31 3.44
C VAL A 625 -60.47 61.37 4.28
N GLU A 626 -61.68 61.10 3.83
CA GLU A 626 -62.63 60.24 4.54
C GLU A 626 -62.78 58.94 3.75
N GLY A 627 -61.88 57.99 4.02
CA GLY A 627 -61.94 56.71 3.34
C GLY A 627 -62.23 55.56 4.28
N GLN A 628 -61.75 54.36 3.95
CA GLN A 628 -61.95 53.21 4.81
C GLN A 628 -60.70 52.34 4.78
N LEU A 629 -60.65 51.40 5.72
CA LEU A 629 -59.50 50.54 5.87
C LEU A 629 -59.54 49.42 4.84
N GLY A 630 -58.37 49.09 4.32
CA GLY A 630 -58.20 47.90 3.51
C GLY A 630 -57.73 46.73 4.34
N THR A 631 -56.73 46.03 3.84
CA THR A 631 -56.20 44.83 4.48
C THR A 631 -54.69 44.86 4.34
N ASP A 632 -54.00 44.43 5.41
CA ASP A 632 -52.54 44.51 5.54
C ASP A 632 -52.05 45.95 5.35
N ASN A 633 -52.67 46.84 6.14
CA ASN A 633 -52.31 48.24 6.25
C ASN A 633 -52.45 48.98 4.92
N GLU A 634 -53.33 48.50 4.07
CA GLU A 634 -53.75 49.23 2.89
C GLU A 634 -54.87 50.16 3.28
N LEU A 635 -54.90 51.34 2.69
CA LEU A 635 -55.85 52.38 3.08
C LEU A 635 -56.64 52.79 1.85
N ILE A 636 -57.91 52.40 1.81
CA ILE A 636 -58.77 52.68 0.69
C ILE A 636 -59.20 54.13 0.74
N MET A 637 -59.09 54.83 -0.39
CA MET A 637 -59.50 56.23 -0.44
C MET A 637 -61.02 56.37 -0.41
N SER A 638 -61.74 55.41 -0.94
CA SER A 638 -63.19 55.48 -0.96
C SER A 638 -63.78 54.76 0.24
N ARG A 639 -65.08 54.56 0.23
CA ARG A 639 -65.81 53.88 1.30
C ARG A 639 -66.82 52.90 0.71
N ASP A 640 -66.35 52.06 -0.21
CA ASP A 640 -67.24 51.28 -1.07
C ASP A 640 -67.52 49.87 -0.58
N LEU A 641 -66.83 49.39 0.44
CA LEU A 641 -67.06 48.03 0.94
C LEU A 641 -68.30 48.05 1.82
N LEU A 642 -69.41 47.60 1.27
CA LEU A 642 -70.69 47.56 1.98
C LEU A 642 -71.20 46.13 1.99
N GLU A 643 -72.14 45.86 2.89
CA GLU A 643 -72.71 44.53 3.02
C GLU A 643 -74.09 44.66 3.64
N PRO A 644 -74.92 43.63 3.55
CA PRO A 644 -76.12 43.58 4.40
C PRO A 644 -75.72 43.57 5.86
N CYS A 645 -76.45 44.34 6.66
CA CYS A 645 -76.07 44.62 8.03
C CYS A 645 -76.57 43.48 8.91
N VAL A 646 -75.71 42.48 9.12
CA VAL A 646 -76.09 41.20 9.69
C VAL A 646 -75.76 41.20 11.18
N ALA A 647 -76.67 40.67 11.99
CA ALA A 647 -76.46 40.53 13.43
C ALA A 647 -75.36 39.53 13.73
N ASN A 648 -74.97 39.50 15.01
CA ASN A 648 -73.83 38.74 15.54
C ASN A 648 -72.54 39.09 14.81
N HIS A 649 -72.42 40.36 14.45
CA HIS A 649 -71.29 40.84 13.66
C HIS A 649 -70.08 40.98 14.56
N LYS A 650 -69.17 40.00 14.49
CA LYS A 650 -68.02 39.91 15.38
C LYS A 650 -66.78 39.82 14.51
N ARG A 651 -66.07 40.92 14.31
CA ARG A 651 -64.93 40.94 13.42
C ARG A 651 -63.71 41.45 14.15
N TYR A 652 -62.54 41.05 13.68
CA TYR A 652 -61.31 41.75 14.06
C TYR A 652 -60.75 42.38 12.80
N PHE A 653 -59.81 43.30 12.99
CA PHE A 653 -59.13 43.94 11.87
C PHE A 653 -57.70 44.24 12.29
N LEU A 654 -56.75 43.94 11.41
CA LEU A 654 -55.37 44.31 11.66
C LEU A 654 -55.20 45.80 11.45
N PHE A 655 -54.61 46.48 12.42
CA PHE A 655 -54.41 47.93 12.34
C PHE A 655 -53.14 48.29 13.07
N GLY A 656 -52.12 48.70 12.32
CA GLY A 656 -50.88 49.08 12.94
C GLY A 656 -50.19 47.88 13.55
N HIS A 657 -50.27 47.79 14.87
CA HIS A 657 -49.82 46.61 15.59
C HIS A 657 -50.85 46.20 16.63
N HIS A 658 -52.12 46.43 16.32
CA HIS A 658 -53.19 46.12 17.25
C HIS A 658 -54.38 45.61 16.47
N TYR A 659 -54.85 44.41 16.79
CA TYR A 659 -56.12 43.97 16.24
C TYR A 659 -57.24 44.74 16.91
N VAL A 660 -58.02 45.44 16.11
CA VAL A 660 -59.17 46.18 16.60
C VAL A 660 -60.42 45.31 16.46
N TYR A 661 -61.08 45.04 17.58
CA TYR A 661 -62.27 44.22 17.59
C TYR A 661 -63.51 45.09 17.51
N TYR A 662 -64.41 44.72 16.61
CA TYR A 662 -65.72 45.34 16.53
C TYR A 662 -66.78 44.32 16.87
N GLU A 663 -67.85 44.77 17.52
CA GLU A 663 -69.01 43.93 17.69
C GLU A 663 -70.25 44.71 17.30
N ASP A 664 -71.05 44.11 16.41
CA ASP A 664 -72.31 44.65 15.92
C ASP A 664 -72.11 46.03 15.29
N TYR A 665 -71.08 46.11 14.44
CA TYR A 665 -70.74 47.31 13.65
C TYR A 665 -70.40 48.49 14.54
N ARG A 666 -69.83 48.21 15.71
CA ARG A 666 -69.47 49.22 16.69
C ARG A 666 -68.12 48.87 17.30
N TYR A 667 -67.37 49.90 17.68
CA TYR A 667 -66.08 49.67 18.32
C TYR A 667 -66.27 49.09 19.71
N VAL A 668 -65.36 48.19 20.09
CA VAL A 668 -65.34 47.68 21.46
C VAL A 668 -63.98 47.93 22.09
N ARG A 669 -62.93 47.36 21.52
CA ARG A 669 -61.62 47.42 22.14
C ARG A 669 -60.57 47.22 21.06
N GLU A 670 -59.31 47.21 21.48
CA GLU A 670 -58.23 46.70 20.65
C GLU A 670 -57.42 45.70 21.46
N ILE A 671 -56.54 44.99 20.77
CA ILE A 671 -55.71 43.96 21.39
C ILE A 671 -54.45 43.81 20.55
N ALA A 672 -53.33 43.60 21.22
CA ALA A 672 -52.03 43.58 20.56
C ALA A 672 -51.86 42.31 19.73
N VAL A 673 -50.83 42.31 18.90
CA VAL A 673 -50.63 41.25 17.92
C VAL A 673 -50.25 39.95 18.60
N HIS A 674 -49.19 39.98 19.41
CA HIS A 674 -48.70 38.78 20.07
C HIS A 674 -49.63 38.25 21.14
N ASP A 675 -50.68 38.99 21.50
CA ASP A 675 -51.73 38.41 22.32
C ASP A 675 -52.49 37.34 21.56
N VAL A 676 -52.64 37.53 20.26
CA VAL A 676 -53.36 36.56 19.44
C VAL A 676 -52.44 35.39 19.14
N GLY A 677 -52.93 34.18 19.37
CA GLY A 677 -52.15 33.00 19.11
C GLY A 677 -51.90 32.78 17.63
N MET A 678 -50.89 31.97 17.34
CA MET A 678 -50.48 31.73 15.98
C MET A 678 -50.58 30.25 15.65
N ILE A 679 -50.91 29.98 14.39
CA ILE A 679 -50.76 28.67 13.79
C ILE A 679 -49.73 28.78 12.68
N SER A 680 -49.01 27.70 12.46
CA SER A 680 -47.78 27.73 11.68
C SER A 680 -47.96 26.97 10.38
N THR A 681 -47.91 27.69 9.26
CA THR A 681 -47.91 27.05 7.97
C THR A 681 -46.53 26.62 7.54
N TYR A 682 -45.50 27.06 8.24
CA TYR A 682 -44.14 26.68 7.92
C TYR A 682 -43.92 25.24 8.31
N VAL A 683 -43.12 24.53 7.54
CA VAL A 683 -42.74 23.16 7.84
C VAL A 683 -41.25 23.14 8.12
N ASP A 684 -40.87 22.64 9.29
CA ASP A 684 -39.50 22.80 9.70
C ASP A 684 -38.57 21.84 8.98
N LEU A 685 -37.31 22.23 8.89
CA LEU A 685 -36.27 21.39 8.31
C LEU A 685 -34.95 21.85 8.91
N ASN A 686 -34.45 21.13 9.89
CA ASN A 686 -33.24 21.52 10.60
C ASN A 686 -32.08 20.77 9.96
N LEU A 687 -31.51 21.35 8.92
CA LEU A 687 -30.34 20.79 8.28
C LEU A 687 -29.10 21.40 8.90
N THR A 688 -28.16 20.56 9.28
CA THR A 688 -27.01 20.98 10.05
C THR A 688 -25.74 20.58 9.31
N LEU A 689 -24.75 21.47 9.32
CA LEU A 689 -23.55 21.30 8.52
C LEU A 689 -22.62 20.26 9.12
N LEU A 690 -21.48 20.06 8.46
CA LEU A 690 -20.43 19.20 8.98
C LEU A 690 -19.34 19.98 9.66
N LYS A 691 -18.69 19.35 10.62
CA LYS A 691 -17.65 20.01 11.40
C LYS A 691 -16.29 19.78 10.76
N ASP A 692 -15.35 20.66 11.10
CA ASP A 692 -14.01 20.57 10.57
C ASP A 692 -13.17 19.64 11.41
N ARG A 693 -12.23 18.95 10.76
CA ARG A 693 -11.41 17.96 11.42
C ARG A 693 -9.94 18.23 11.13
N GLU A 694 -9.09 17.60 11.93
CA GLU A 694 -7.66 17.59 11.66
C GLU A 694 -7.18 16.16 11.90
N PHE A 695 -6.84 15.48 10.80
CA PHE A 695 -6.36 14.08 10.90
C PHE A 695 -4.88 14.12 11.24
N MET A 696 -4.49 13.50 12.36
CA MET A 696 -3.08 13.59 12.80
C MET A 696 -2.27 12.46 12.16
N PRO A 697 -0.93 12.58 12.09
CA PRO A 697 -0.10 11.56 11.46
C PRO A 697 0.05 10.33 12.36
N LEU A 698 -1.00 9.51 12.49
CA LEU A 698 -0.93 8.36 13.44
C LEU A 698 -0.07 7.25 12.82
N GLN A 699 1.04 6.92 13.47
CA GLN A 699 1.98 5.87 12.96
C GLN A 699 2.10 4.76 14.00
N VAL A 700 1.76 3.52 13.64
CA VAL A 700 1.79 2.42 14.65
C VAL A 700 3.24 2.21 15.11
N TYR A 701 4.20 2.20 14.19
CA TYR A 701 5.64 2.00 14.53
C TYR A 701 6.51 3.05 13.84
N THR A 702 7.42 3.70 14.57
CA THR A 702 8.35 4.64 13.98
C THR A 702 9.35 3.89 13.10
N ARG A 703 10.17 4.65 12.39
CA ARG A 703 11.22 3.99 11.63
C ARG A 703 12.29 3.44 12.54
N ASP A 704 12.47 4.03 13.72
CA ASP A 704 13.43 3.50 14.67
C ASP A 704 12.95 2.17 15.21
N GLU A 705 11.65 2.03 15.44
CA GLU A 705 11.13 0.78 15.93
C GLU A 705 11.12 -0.29 14.87
N LEU A 706 11.14 0.08 13.60
CA LEU A 706 11.20 -0.93 12.56
C LEU A 706 12.63 -1.37 12.25
N ARG A 707 13.63 -0.68 12.76
CA ARG A 707 15.00 -1.14 12.64
C ARG A 707 15.52 -1.74 13.94
N ASP A 708 14.67 -1.89 14.94
CA ASP A 708 15.09 -2.30 16.27
C ASP A 708 14.60 -3.71 16.59
N THR A 709 14.36 -4.51 15.56
CA THR A 709 13.86 -5.85 15.76
C THR A 709 14.93 -6.92 15.58
N GLY A 710 16.06 -6.60 15.01
CA GLY A 710 17.08 -7.58 14.81
C GLY A 710 17.92 -7.80 16.04
N LEU A 711 18.54 -8.97 16.11
CA LEU A 711 19.40 -9.28 17.23
C LEU A 711 20.68 -8.47 17.19
N LEU A 712 21.26 -8.32 16.02
CA LEU A 712 22.45 -7.48 15.88
C LEU A 712 22.23 -6.54 14.72
N ASP A 713 22.97 -5.44 14.74
CA ASP A 713 23.01 -4.49 13.64
C ASP A 713 24.44 -4.46 13.14
N TYR A 714 24.62 -4.74 11.85
CA TYR A 714 25.97 -4.92 11.32
C TYR A 714 26.77 -3.63 11.35
N SER A 715 26.13 -2.51 11.05
CA SER A 715 26.86 -1.25 11.08
C SER A 715 27.18 -0.83 12.50
N GLU A 716 26.32 -1.21 13.45
CA GLU A 716 26.57 -0.83 14.82
C GLU A 716 27.72 -1.63 15.41
N ILE A 717 27.82 -2.91 15.05
CA ILE A 717 28.91 -3.73 15.57
C ILE A 717 30.24 -3.29 15.00
N GLN A 718 30.27 -2.97 13.73
CA GLN A 718 31.53 -2.58 13.11
C GLN A 718 31.99 -1.20 13.54
N ARG A 719 31.09 -0.32 13.99
CA ARG A 719 31.57 0.94 14.54
C ARG A 719 32.26 0.76 15.87
N ARG A 720 32.03 -0.35 16.54
CA ARG A 720 32.67 -0.60 17.82
C ARG A 720 33.88 -1.51 17.71
N ASN A 721 33.82 -2.51 16.85
CA ASN A 721 34.96 -3.39 16.74
C ASN A 721 36.09 -2.76 15.96
N GLN A 722 35.81 -1.90 15.00
CA GLN A 722 36.90 -1.45 14.15
C GLN A 722 37.66 -0.29 14.74
N MET A 723 37.36 0.11 15.97
CA MET A 723 38.22 1.02 16.71
C MET A 723 38.84 0.34 17.91
N HIS A 724 38.98 -0.99 17.83
CA HIS A 724 39.51 -1.76 18.93
C HIS A 724 40.95 -1.38 19.24
N SER A 725 41.79 -1.30 18.21
CA SER A 725 43.18 -0.94 18.44
C SER A 725 43.33 0.52 18.83
N LEU A 726 42.39 1.37 18.47
CA LEU A 726 42.48 2.76 18.87
C LEU A 726 42.16 2.91 20.35
N ARG A 727 41.18 2.16 20.84
CA ARG A 727 40.77 2.31 22.23
C ARG A 727 41.78 1.68 23.17
N PHE A 728 42.25 0.50 22.83
CA PHE A 728 42.98 -0.30 23.79
C PHE A 728 44.47 -0.37 23.53
N TYR A 729 44.98 0.35 22.54
CA TYR A 729 46.40 0.32 22.27
C TYR A 729 46.86 1.70 21.81
N ASP A 730 48.09 2.04 22.17
CA ASP A 730 48.71 3.26 21.71
C ASP A 730 49.40 2.97 20.39
N ILE A 731 48.80 3.41 19.28
CA ILE A 731 49.35 3.10 17.98
C ILE A 731 50.29 4.15 17.48
N ASP A 732 50.50 5.22 18.22
CA ASP A 732 51.26 6.31 17.63
C ASP A 732 52.75 6.20 17.91
N LYS A 733 53.12 5.72 19.09
CA LYS A 733 54.53 5.67 19.43
C LYS A 733 55.23 4.55 18.68
N VAL A 734 56.48 4.80 18.34
CA VAL A 734 57.31 3.78 17.70
C VAL A 734 58.48 3.50 18.62
N VAL A 735 59.18 2.41 18.34
CA VAL A 735 60.31 1.99 19.14
C VAL A 735 61.54 1.95 18.25
N GLN A 736 62.60 2.63 18.68
CA GLN A 736 63.84 2.61 17.94
C GLN A 736 64.77 1.54 18.47
N THR B 115 -44.57 28.03 -35.96
CA THR B 115 -45.29 26.77 -35.99
C THR B 115 -46.80 26.99 -35.88
N LYS B 116 -47.55 25.89 -35.91
CA LYS B 116 -48.99 26.04 -35.83
C LYS B 116 -49.43 26.02 -34.37
N PRO B 117 -50.29 26.94 -33.95
CA PRO B 117 -50.81 26.90 -32.58
C PRO B 117 -51.78 25.75 -32.38
N THR B 118 -51.56 25.00 -31.31
CA THR B 118 -52.35 23.82 -31.01
C THR B 118 -53.56 24.24 -30.19
N PHE B 119 -54.75 23.92 -30.69
CA PHE B 119 -55.98 24.26 -30.02
C PHE B 119 -56.67 23.00 -29.53
N TYR B 120 -57.46 23.15 -28.49
CA TYR B 120 -58.08 22.04 -27.80
C TYR B 120 -59.59 22.19 -27.82
N VAL B 121 -60.27 21.08 -28.04
CA VAL B 121 -61.73 21.03 -27.99
C VAL B 121 -62.10 20.09 -26.87
N CYS B 122 -62.89 20.58 -25.93
CA CYS B 122 -63.39 19.74 -24.86
C CYS B 122 -64.81 19.33 -25.16
N PRO B 123 -65.06 18.04 -25.37
CA PRO B 123 -66.40 17.56 -25.69
C PRO B 123 -67.31 17.66 -24.47
N PRO B 124 -68.63 17.55 -24.65
CA PRO B 124 -69.52 17.48 -23.48
C PRO B 124 -69.25 16.25 -22.67
N PRO B 125 -69.00 16.41 -21.37
CA PRO B 125 -68.55 15.29 -20.54
C PRO B 125 -69.65 14.27 -20.31
N THR B 126 -69.21 13.05 -20.01
CA THR B 126 -70.07 11.92 -19.71
C THR B 126 -69.64 11.34 -18.37
N GLY B 127 -70.60 11.00 -17.52
CA GLY B 127 -70.31 10.60 -16.16
C GLY B 127 -69.79 9.19 -15.97
N SER B 128 -69.02 8.69 -16.93
CA SER B 128 -68.46 7.35 -16.85
C SER B 128 -67.28 7.30 -15.90
N THR B 129 -66.22 8.03 -16.22
CA THR B 129 -64.99 7.95 -15.44
C THR B 129 -65.10 8.84 -14.21
N ILE B 130 -64.79 8.27 -13.04
CA ILE B 130 -64.81 8.98 -11.77
C ILE B 130 -63.47 8.75 -11.09
N VAL B 131 -63.02 9.73 -10.31
CA VAL B 131 -61.84 9.58 -9.47
C VAL B 131 -62.08 10.27 -8.14
N ARG B 132 -61.08 10.17 -7.27
CA ARG B 132 -61.11 10.85 -5.95
C ARG B 132 -59.67 11.11 -5.55
N LEU B 133 -59.36 12.26 -4.94
CA LEU B 133 -57.96 12.60 -4.59
C LEU B 133 -57.41 11.57 -3.61
N GLU B 134 -56.17 11.12 -3.82
CA GLU B 134 -55.58 10.04 -2.96
C GLU B 134 -55.55 10.50 -1.50
N PRO B 135 -55.94 9.63 -0.54
CA PRO B 135 -55.89 9.97 0.89
C PRO B 135 -54.45 10.22 1.35
N THR B 136 -54.27 11.09 2.35
CA THR B 136 -52.90 11.47 2.81
C THR B 136 -52.07 10.21 3.06
N ARG B 137 -50.81 10.21 2.63
CA ARG B 137 -49.91 9.06 2.85
C ARG B 137 -49.36 9.14 4.28
N THR B 138 -48.74 8.04 4.74
CA THR B 138 -48.17 8.00 6.12
C THR B 138 -46.68 8.34 6.03
N CYS B 139 -46.19 9.16 6.96
CA CYS B 139 -44.78 9.62 6.87
C CYS B 139 -43.87 8.59 7.56
N PRO B 140 -42.77 8.15 6.93
CA PRO B 140 -41.90 7.13 7.51
C PRO B 140 -40.97 7.72 8.57
N ASP B 141 -40.55 6.89 9.53
CA ASP B 141 -39.63 7.36 10.55
C ASP B 141 -38.36 6.55 10.48
N TYR B 142 -37.23 7.24 10.47
CA TYR B 142 -35.93 6.61 10.41
C TYR B 142 -35.36 6.62 11.82
N HIS B 143 -35.41 5.47 12.48
CA HIS B 143 -34.93 5.34 13.85
C HIS B 143 -33.39 5.31 13.83
N LEU B 144 -32.83 6.49 13.64
CA LEU B 144 -31.38 6.63 13.57
C LEU B 144 -30.88 7.12 14.92
N GLY B 145 -30.03 6.32 15.54
CA GLY B 145 -29.56 6.60 16.89
C GLY B 145 -29.13 5.33 17.56
N LYS B 146 -27.99 5.37 18.25
CA LYS B 146 -27.33 4.16 18.68
C LYS B 146 -27.19 4.13 20.19
N ASN B 147 -27.50 2.97 20.74
CA ASN B 147 -27.38 2.75 22.18
C ASN B 147 -25.91 2.55 22.47
N PHE B 148 -25.22 3.64 22.77
CA PHE B 148 -23.78 3.58 22.94
C PHE B 148 -23.42 3.62 24.41
N THR B 149 -22.12 3.53 24.69
CA THR B 149 -21.61 3.49 26.06
C THR B 149 -20.22 4.08 26.05
N GLU B 150 -20.04 5.28 26.57
CA GLU B 150 -18.71 5.86 26.46
C GLU B 150 -17.88 5.53 27.69
N GLY B 151 -16.58 5.66 27.54
CA GLY B 151 -15.68 5.30 28.60
C GLY B 151 -14.23 5.69 28.34
N ILE B 152 -13.31 4.86 28.81
CA ILE B 152 -11.88 5.11 28.71
C ILE B 152 -11.24 3.86 28.13
N ALA B 153 -10.32 4.05 27.18
CA ALA B 153 -9.65 2.91 26.60
C ALA B 153 -8.17 3.18 26.42
N VAL B 154 -7.39 2.13 26.49
CA VAL B 154 -5.95 2.14 26.21
C VAL B 154 -5.68 1.06 25.20
N VAL B 155 -4.90 1.37 24.16
CA VAL B 155 -4.69 0.48 23.03
C VAL B 155 -3.25 0.00 23.02
N TYR B 156 -3.06 -1.31 23.07
CA TYR B 156 -1.76 -1.94 23.03
C TYR B 156 -1.51 -2.58 21.68
N LYS B 157 -0.27 -2.55 21.24
CA LYS B 157 0.17 -3.14 19.99
C LYS B 157 1.17 -4.23 20.28
N GLU B 158 1.62 -4.91 19.25
CA GLU B 158 2.64 -5.93 19.41
C GLU B 158 3.97 -5.30 19.74
N ASN B 159 4.58 -5.70 20.84
CA ASN B 159 5.95 -5.27 21.13
C ASN B 159 6.87 -6.01 20.18
N ILE B 160 7.48 -5.28 19.25
CA ILE B 160 8.41 -5.90 18.32
C ILE B 160 9.85 -5.58 18.65
N ALA B 161 10.10 -4.69 19.59
CA ALA B 161 11.47 -4.29 19.87
C ALA B 161 12.20 -5.39 20.62
N ALA B 162 13.51 -5.37 20.52
CA ALA B 162 14.34 -6.32 21.24
C ALA B 162 14.45 -5.90 22.70
N TYR B 163 14.52 -6.89 23.57
CA TYR B 163 14.76 -6.60 24.97
C TYR B 163 16.20 -6.18 25.16
N LYS B 164 16.40 -5.05 25.81
CA LYS B 164 17.73 -4.47 25.96
C LYS B 164 18.10 -4.38 27.42
N PHE B 165 19.35 -4.72 27.71
CA PHE B 165 19.88 -4.62 29.06
C PHE B 165 21.38 -4.53 28.95
N LYS B 166 22.02 -4.11 30.02
CA LYS B 166 23.45 -3.86 30.00
C LYS B 166 24.19 -4.94 30.75
N ALA B 167 25.34 -5.33 30.21
CA ALA B 167 26.12 -6.42 30.74
C ALA B 167 27.57 -6.00 30.70
N THR B 168 28.46 -6.95 30.95
CA THR B 168 29.87 -6.64 31.09
C THR B 168 30.66 -7.81 30.54
N VAL B 169 31.71 -7.54 29.78
CA VAL B 169 32.60 -8.60 29.33
C VAL B 169 33.94 -8.44 30.03
N TYR B 170 34.60 -9.57 30.24
CA TYR B 170 35.86 -9.62 30.94
C TYR B 170 36.77 -10.53 30.15
N TYR B 171 37.77 -9.98 29.47
CA TYR B 171 38.63 -10.87 28.74
C TYR B 171 40.04 -10.33 28.71
N LYS B 172 40.98 -11.23 28.45
CA LYS B 172 42.36 -10.87 28.26
C LYS B 172 42.70 -11.09 26.79
N ASP B 173 43.35 -10.13 26.20
CA ASP B 173 43.72 -10.16 24.79
C ASP B 173 45.12 -10.71 24.72
N VAL B 174 45.30 -11.84 24.04
CA VAL B 174 46.57 -12.52 23.98
C VAL B 174 47.08 -12.50 22.55
N ILE B 175 48.25 -11.92 22.34
CA ILE B 175 48.82 -11.72 21.02
C ILE B 175 50.23 -12.27 21.02
N VAL B 176 50.52 -13.17 20.10
CA VAL B 176 51.84 -13.76 19.96
C VAL B 176 52.45 -13.29 18.67
N SER B 177 53.50 -12.48 18.75
CA SER B 177 54.17 -12.02 17.56
C SER B 177 55.48 -12.76 17.37
N THR B 178 55.83 -13.01 16.12
CA THR B 178 57.06 -13.72 15.77
C THR B 178 57.82 -12.90 14.76
N ALA B 179 59.00 -12.42 15.15
CA ALA B 179 59.78 -11.58 14.28
C ALA B 179 60.93 -12.37 13.68
N TRP B 180 61.52 -11.80 12.64
CA TRP B 180 62.70 -12.40 12.02
C TRP B 180 63.62 -11.25 11.62
N ALA B 181 64.67 -11.04 12.39
CA ALA B 181 65.57 -9.93 12.12
C ALA B 181 66.38 -10.25 10.89
N GLY B 182 66.20 -9.46 9.85
CA GLY B 182 66.96 -9.60 8.63
C GLY B 182 68.27 -8.84 8.72
N SER B 183 68.76 -8.42 7.57
CA SER B 183 69.97 -7.61 7.55
C SER B 183 69.68 -6.22 8.11
N SER B 184 68.68 -5.56 7.56
CA SER B 184 68.40 -4.18 7.91
C SER B 184 66.91 -3.92 8.07
N TYR B 185 66.17 -4.92 8.51
CA TYR B 185 64.75 -4.77 8.75
C TYR B 185 64.34 -5.76 9.81
N THR B 186 63.05 -5.84 10.09
CA THR B 186 62.55 -6.75 11.11
C THR B 186 61.19 -7.21 10.64
N GLN B 187 61.12 -8.35 9.98
CA GLN B 187 59.86 -8.79 9.41
C GLN B 187 59.08 -9.60 10.43
N ILE B 188 57.80 -9.31 10.56
CA ILE B 188 56.91 -10.12 11.37
C ILE B 188 56.40 -11.25 10.51
N THR B 189 56.61 -12.47 10.95
CA THR B 189 56.15 -13.60 10.17
C THR B 189 54.91 -14.25 10.73
N ASN B 190 54.46 -13.85 11.91
CA ASN B 190 53.21 -14.36 12.44
C ASN B 190 52.73 -13.38 13.50
N ARG B 191 51.41 -13.25 13.60
CA ARG B 191 50.78 -12.53 14.68
C ARG B 191 49.46 -13.22 14.96
N TYR B 192 49.46 -14.05 15.98
CA TYR B 192 48.29 -14.83 16.35
C TYR B 192 47.54 -14.12 17.47
N ALA B 193 46.42 -13.50 17.12
CA ALA B 193 45.63 -12.78 18.10
C ALA B 193 44.53 -13.68 18.62
N ASP B 194 44.27 -13.59 19.92
CA ASP B 194 43.28 -14.46 20.53
C ASP B 194 42.77 -13.77 21.78
N ARG B 195 41.50 -14.00 22.09
CA ARG B 195 40.87 -13.36 23.22
C ARG B 195 40.44 -14.44 24.20
N VAL B 196 41.04 -14.45 25.38
CA VAL B 196 40.78 -15.54 26.31
C VAL B 196 39.95 -15.03 27.48
N PRO B 197 39.14 -15.86 28.11
CA PRO B 197 38.29 -15.36 29.20
C PRO B 197 39.08 -15.16 30.48
N ILE B 198 38.55 -14.27 31.31
CA ILE B 198 39.02 -14.09 32.66
C ILE B 198 38.18 -15.01 33.53
N PRO B 199 38.76 -15.90 34.31
CA PRO B 199 37.95 -16.81 35.11
C PRO B 199 37.32 -16.09 36.28
N VAL B 200 36.20 -16.64 36.77
CA VAL B 200 35.43 -15.92 37.78
C VAL B 200 36.10 -15.97 39.14
N SER B 201 37.05 -16.89 39.35
CA SER B 201 37.82 -16.84 40.57
C SER B 201 38.82 -15.70 40.54
N GLU B 202 39.10 -15.16 39.37
CA GLU B 202 39.96 -13.99 39.26
C GLU B 202 39.17 -12.70 39.32
N ILE B 203 37.91 -12.72 38.87
CA ILE B 203 37.10 -11.52 38.95
C ILE B 203 36.69 -11.24 40.38
N THR B 204 36.09 -12.22 41.04
CA THR B 204 35.54 -12.02 42.36
C THR B 204 36.61 -11.88 43.44
N ASP B 205 37.87 -12.11 43.12
CA ASP B 205 38.91 -12.07 44.11
C ASP B 205 40.01 -11.06 43.83
N THR B 206 40.16 -10.60 42.60
CA THR B 206 41.19 -9.62 42.33
C THR B 206 40.62 -8.32 41.79
N ILE B 207 39.74 -8.38 40.80
CA ILE B 207 39.19 -7.16 40.23
C ILE B 207 38.29 -6.46 41.23
N ASP B 208 37.29 -7.16 41.73
CA ASP B 208 36.34 -6.55 42.63
C ASP B 208 36.87 -6.35 44.04
N LYS B 209 38.06 -6.83 44.34
CA LYS B 209 38.69 -6.55 45.62
C LYS B 209 39.77 -5.51 45.54
N PHE B 210 40.38 -5.32 44.38
CA PHE B 210 41.48 -4.38 44.29
C PHE B 210 41.47 -3.48 43.08
N GLY B 211 40.63 -3.73 42.08
CA GLY B 211 40.77 -2.99 40.85
C GLY B 211 41.99 -3.37 40.07
N LYS B 212 42.48 -4.59 40.26
CA LYS B 212 43.67 -5.07 39.57
C LYS B 212 43.30 -6.32 38.79
N CYS B 213 44.11 -6.59 37.77
CA CYS B 213 43.99 -7.81 37.00
C CYS B 213 45.37 -8.40 36.88
N SER B 214 45.43 -9.71 36.70
CA SER B 214 46.74 -10.33 36.69
C SER B 214 47.40 -10.16 35.33
N SER B 215 48.54 -10.80 35.18
CA SER B 215 49.28 -10.79 33.94
C SER B 215 49.49 -12.18 33.37
N LYS B 216 49.07 -13.22 34.09
CA LYS B 216 49.14 -14.58 33.63
C LYS B 216 47.78 -14.97 33.09
N ALA B 217 47.70 -15.21 31.80
CA ALA B 217 46.45 -15.60 31.18
C ALA B 217 46.32 -17.12 31.27
N THR B 218 45.49 -17.60 32.18
CA THR B 218 45.21 -19.02 32.31
C THR B 218 43.91 -19.33 31.62
N TYR B 219 43.96 -20.20 30.62
CA TYR B 219 42.76 -20.49 29.86
C TYR B 219 42.87 -21.88 29.29
N VAL B 220 41.92 -22.25 28.44
CA VAL B 220 41.82 -23.58 27.88
C VAL B 220 41.62 -23.45 26.39
N ARG B 221 42.54 -24.01 25.61
CA ARG B 221 42.34 -24.25 24.19
C ARG B 221 42.62 -25.70 23.88
N ASN B 222 41.93 -26.21 22.86
CA ASN B 222 42.14 -27.55 22.30
C ASN B 222 42.04 -28.64 23.34
N ASN B 223 41.20 -28.42 24.36
CA ASN B 223 41.05 -29.28 25.53
C ASN B 223 42.37 -29.43 26.30
N HIS B 224 43.23 -28.43 26.23
CA HIS B 224 44.47 -28.41 26.97
C HIS B 224 44.53 -27.17 27.84
N LYS B 225 45.23 -27.28 28.96
CA LYS B 225 45.34 -26.19 29.90
C LYS B 225 46.55 -25.36 29.53
N VAL B 226 46.33 -24.11 29.18
CA VAL B 226 47.30 -23.27 28.51
C VAL B 226 47.52 -22.02 29.31
N GLU B 227 48.76 -21.61 29.47
CA GLU B 227 49.07 -20.35 30.12
C GLU B 227 49.78 -19.41 29.17
N ALA B 228 49.86 -18.15 29.56
CA ALA B 228 50.53 -17.13 28.76
C ALA B 228 50.99 -16.01 29.67
N PHE B 229 52.17 -15.49 29.41
CA PHE B 229 52.76 -14.44 30.25
C PHE B 229 52.94 -13.18 29.42
N ASN B 230 52.43 -12.06 29.92
CA ASN B 230 52.71 -10.79 29.27
C ASN B 230 54.17 -10.47 29.41
N GLU B 231 54.81 -10.20 28.28
CA GLU B 231 56.21 -9.81 28.15
C GLU B 231 57.17 -10.87 28.66
N ASP B 232 56.67 -12.11 28.82
CA ASP B 232 57.44 -13.26 29.27
C ASP B 232 58.11 -13.05 30.62
N LYS B 233 57.48 -12.25 31.47
CA LYS B 233 57.97 -11.94 32.78
C LYS B 233 57.13 -12.68 33.81
N ASN B 234 57.39 -12.41 35.07
CA ASN B 234 56.59 -13.00 36.12
C ASN B 234 55.22 -12.33 36.18
N PRO B 235 54.20 -13.04 36.66
CA PRO B 235 52.88 -12.44 36.77
C PRO B 235 52.84 -11.35 37.82
N GLN B 236 52.30 -10.21 37.43
CA GLN B 236 52.04 -9.12 38.35
C GLN B 236 50.57 -8.76 38.29
N ASP B 237 50.13 -7.99 39.27
CA ASP B 237 48.75 -7.53 39.31
C ASP B 237 48.75 -6.08 38.89
N MET B 238 48.65 -5.86 37.63
CA MET B 238 48.65 -4.53 37.10
C MET B 238 47.27 -3.90 37.28
N PRO B 239 47.20 -2.59 37.51
CA PRO B 239 45.91 -1.96 37.75
C PRO B 239 45.15 -1.73 36.47
N LEU B 240 43.84 -1.62 36.61
CA LEU B 240 42.97 -1.34 35.47
C LEU B 240 42.86 0.15 35.27
N ILE B 241 43.16 0.61 34.07
CA ILE B 241 43.21 2.03 33.75
C ILE B 241 42.16 2.31 32.69
N ALA B 242 41.47 3.43 32.83
CA ALA B 242 40.41 3.81 31.90
C ALA B 242 40.95 4.03 30.50
N SER B 243 40.13 3.69 29.50
CA SER B 243 40.49 3.90 28.11
C SER B 243 40.46 5.37 27.78
N LYS B 244 41.09 5.73 26.67
CA LYS B 244 41.12 7.13 26.33
C LYS B 244 39.86 7.62 25.66
N TYR B 245 38.96 6.74 25.26
CA TYR B 245 37.71 7.15 24.64
C TYR B 245 36.52 6.85 25.52
N ASN B 246 36.66 7.00 26.83
CA ASN B 246 35.51 6.79 27.69
C ASN B 246 34.66 8.04 27.66
N SER B 247 33.65 8.00 26.81
CA SER B 247 32.53 8.91 26.96
C SER B 247 31.54 8.24 27.90
N VAL B 248 30.33 8.75 27.98
CA VAL B 248 29.28 7.99 28.63
C VAL B 248 28.75 6.93 27.66
N GLY B 249 28.11 5.92 28.21
CA GLY B 249 27.57 4.85 27.40
C GLY B 249 28.53 3.75 26.99
N SER B 250 29.70 4.11 26.47
CA SER B 250 30.70 3.15 26.02
C SER B 250 31.92 3.30 26.90
N LYS B 251 32.04 2.45 27.91
CA LYS B 251 33.13 2.55 28.86
C LYS B 251 34.00 1.31 28.81
N ALA B 252 35.28 1.49 29.11
CA ALA B 252 36.18 0.36 29.15
C ALA B 252 37.36 0.67 30.06
N TRP B 253 38.04 -0.40 30.47
CA TRP B 253 39.22 -0.29 31.31
C TRP B 253 40.19 -1.38 30.89
N HIS B 254 41.47 -1.05 30.79
CA HIS B 254 42.44 -2.05 30.39
C HIS B 254 43.70 -1.87 31.22
N THR B 255 44.77 -2.54 30.81
CA THR B 255 46.00 -2.56 31.57
C THR B 255 47.23 -2.10 30.81
N THR B 256 47.27 -2.20 29.50
CA THR B 256 48.51 -1.98 28.78
C THR B 256 48.24 -1.27 27.47
N ASN B 257 48.79 -0.08 27.31
CA ASN B 257 48.70 0.60 26.04
C ASN B 257 49.66 0.05 25.01
N ASP B 258 50.65 -0.74 25.43
CA ASP B 258 51.69 -1.24 24.55
C ASP B 258 51.36 -2.62 24.02
N THR B 259 52.21 -3.08 23.11
CA THR B 259 52.21 -4.45 22.62
C THR B 259 53.66 -4.88 22.53
N TYR B 260 53.95 -6.09 22.98
CA TYR B 260 55.32 -6.53 23.16
C TYR B 260 55.77 -7.39 22.00
N MET B 261 56.93 -7.07 21.44
CA MET B 261 57.62 -7.96 20.52
C MET B 261 59.11 -7.68 20.63
N VAL B 262 59.91 -8.66 20.26
CA VAL B 262 61.36 -8.55 20.34
C VAL B 262 61.98 -8.94 19.01
N ALA B 263 63.16 -8.41 18.75
CA ALA B 263 63.81 -8.63 17.46
C ALA B 263 64.79 -9.78 17.50
N GLY B 264 65.84 -9.66 18.29
CA GLY B 264 66.85 -10.69 18.35
C GLY B 264 67.95 -10.48 17.34
N THR B 265 68.94 -11.36 17.41
CA THR B 265 70.08 -11.31 16.52
C THR B 265 69.66 -11.65 15.10
N PRO B 266 70.34 -11.10 14.09
CA PRO B 266 69.92 -11.34 12.71
C PRO B 266 70.07 -12.80 12.30
N GLY B 267 69.18 -13.22 11.41
CA GLY B 267 69.09 -14.59 11.01
C GLY B 267 68.24 -15.47 11.90
N THR B 268 67.73 -14.94 13.00
CA THR B 268 67.01 -15.75 13.97
C THR B 268 65.57 -15.30 14.10
N TYR B 269 64.78 -16.16 14.73
CA TYR B 269 63.41 -15.84 15.09
C TYR B 269 63.32 -15.64 16.58
N ARG B 270 62.45 -14.72 16.99
CA ARG B 270 62.15 -14.50 18.38
C ARG B 270 60.64 -14.39 18.51
N THR B 271 60.13 -14.49 19.73
CA THR B 271 58.70 -14.62 19.92
C THR B 271 58.27 -13.81 21.13
N GLY B 272 57.35 -12.88 20.93
CA GLY B 272 56.84 -12.05 22.00
C GLY B 272 55.42 -12.43 22.36
N THR B 273 54.96 -11.92 23.49
CA THR B 273 53.63 -12.26 23.97
C THR B 273 53.07 -11.08 24.75
N SER B 274 51.94 -10.55 24.31
CA SER B 274 51.28 -9.45 25.01
C SER B 274 49.97 -9.95 25.58
N VAL B 275 49.78 -9.75 26.87
CA VAL B 275 48.52 -10.09 27.53
C VAL B 275 47.95 -8.82 28.11
N ASN B 276 46.70 -8.54 27.80
CA ASN B 276 46.09 -7.25 28.10
C ASN B 276 44.70 -7.51 28.65
N CYS B 277 44.52 -7.31 29.95
CA CYS B 277 43.20 -7.45 30.54
C CYS B 277 42.30 -6.35 30.03
N ILE B 278 41.05 -6.67 29.73
CA ILE B 278 40.11 -5.73 29.15
C ILE B 278 38.74 -5.96 29.75
N ILE B 279 38.10 -4.91 30.22
CA ILE B 279 36.72 -4.97 30.71
C ILE B 279 35.92 -3.92 29.96
N GLU B 280 34.80 -4.32 29.38
CA GLU B 280 33.93 -3.37 28.70
C GLU B 280 32.53 -3.41 29.27
N GLU B 281 31.91 -2.24 29.33
CA GLU B 281 30.47 -2.15 29.47
C GLU B 281 29.84 -2.37 28.11
N VAL B 282 28.94 -3.32 27.99
CA VAL B 282 28.30 -3.54 26.71
C VAL B 282 26.81 -3.34 26.83
N GLU B 283 26.10 -3.53 25.72
CA GLU B 283 24.65 -3.41 25.66
C GLU B 283 24.14 -4.72 25.09
N ALA B 284 23.78 -5.65 25.96
CA ALA B 284 23.25 -6.90 25.45
C ALA B 284 21.84 -6.69 24.96
N ARG B 285 21.32 -7.68 24.27
CA ARG B 285 20.17 -7.46 23.40
C ARG B 285 19.60 -8.82 23.04
N SER B 286 18.29 -8.98 23.17
CA SER B 286 17.71 -10.28 22.92
C SER B 286 16.31 -10.14 22.39
N ILE B 287 15.94 -11.04 21.47
CA ILE B 287 14.63 -11.00 20.83
C ILE B 287 13.86 -12.24 21.22
N PHE B 288 12.63 -12.34 20.75
CA PHE B 288 11.73 -13.42 21.16
C PHE B 288 12.24 -14.75 20.62
N PRO B 289 12.08 -15.85 21.36
CA PRO B 289 11.50 -16.13 22.68
C PRO B 289 12.49 -16.01 23.79
N TYR B 290 13.51 -15.19 23.61
CA TYR B 290 14.49 -14.82 24.62
C TYR B 290 15.21 -16.06 25.15
N ASP B 291 15.91 -16.73 24.24
CA ASP B 291 16.76 -17.85 24.62
C ASP B 291 18.17 -17.70 24.13
N SER B 292 18.52 -16.53 23.62
CA SER B 292 19.89 -16.20 23.25
C SER B 292 20.00 -14.70 23.33
N PHE B 293 21.19 -14.21 23.57
CA PHE B 293 21.36 -12.77 23.51
C PHE B 293 22.71 -12.44 22.94
N GLY B 294 22.75 -11.43 22.08
CA GLY B 294 23.97 -11.02 21.43
C GLY B 294 24.49 -9.75 22.07
N LEU B 295 25.79 -9.70 22.28
CA LEU B 295 26.38 -8.55 22.93
C LEU B 295 26.62 -7.46 21.91
N SER B 296 27.22 -6.37 22.34
CA SER B 296 27.57 -5.30 21.43
C SER B 296 28.97 -5.42 20.91
N THR B 297 29.71 -6.45 21.30
CA THR B 297 30.96 -6.78 20.64
C THR B 297 30.74 -7.75 19.50
N GLY B 298 29.50 -8.03 19.16
CA GLY B 298 29.21 -8.96 18.09
C GLY B 298 29.34 -10.39 18.50
N ASP B 299 28.98 -10.72 19.73
CA ASP B 299 29.12 -12.06 20.27
C ASP B 299 27.77 -12.60 20.63
N ILE B 300 27.35 -13.66 19.98
CA ILE B 300 26.14 -14.33 20.40
C ILE B 300 26.47 -15.13 21.64
N ILE B 301 25.62 -15.04 22.65
CA ILE B 301 25.73 -15.85 23.85
C ILE B 301 24.54 -16.77 23.89
N TYR B 302 24.80 -18.06 23.90
CA TYR B 302 23.74 -19.04 23.74
C TYR B 302 23.19 -19.46 25.09
N MET B 303 22.55 -18.50 25.74
CA MET B 303 21.84 -18.71 26.97
C MET B 303 20.74 -17.67 27.02
N SER B 304 19.61 -18.03 27.58
CA SER B 304 18.59 -17.02 27.80
C SER B 304 19.09 -16.05 28.84
N PRO B 305 18.74 -14.77 28.74
CA PRO B 305 19.20 -13.80 29.73
C PRO B 305 18.59 -13.99 31.08
N PHE B 306 17.52 -14.76 31.19
CA PHE B 306 16.81 -14.94 32.44
C PHE B 306 17.18 -16.24 33.11
N PHE B 307 18.36 -16.76 32.82
CA PHE B 307 18.79 -18.02 33.41
C PHE B 307 19.27 -17.76 34.82
N GLY B 308 18.99 -18.70 35.71
CA GLY B 308 19.36 -18.52 37.10
C GLY B 308 19.29 -19.82 37.84
N LEU B 309 19.20 -19.73 39.16
CA LEU B 309 19.02 -20.93 39.96
C LEU B 309 17.76 -20.93 40.80
N ARG B 310 17.14 -19.78 41.03
CA ARG B 310 15.92 -19.69 41.80
C ARG B 310 14.74 -19.47 40.87
N ASP B 311 13.54 -19.55 41.44
CA ASP B 311 12.26 -19.31 40.76
C ASP B 311 12.04 -20.21 39.55
N GLY B 312 12.71 -21.35 39.48
CA GLY B 312 12.64 -22.16 38.29
C GLY B 312 13.29 -21.54 37.08
N ALA B 313 14.23 -20.63 37.27
CA ALA B 313 14.94 -20.06 36.12
C ALA B 313 15.97 -21.01 35.56
N TYR B 314 16.31 -22.08 36.27
CA TYR B 314 17.20 -23.10 35.74
C TYR B 314 16.55 -23.87 34.60
N ARG B 315 15.24 -23.82 34.51
CA ARG B 315 14.46 -24.45 33.45
C ARG B 315 14.62 -23.75 32.12
N GLU B 316 15.16 -22.52 32.10
CA GLU B 316 15.33 -21.75 30.89
C GLU B 316 16.33 -22.39 29.94
N HIS B 317 16.33 -21.91 28.71
CA HIS B 317 17.15 -22.52 27.68
C HIS B 317 18.61 -22.18 27.86
N SER B 318 19.46 -23.17 27.65
CA SER B 318 20.89 -22.98 27.72
C SER B 318 21.57 -24.04 26.88
N ASN B 319 22.72 -23.67 26.31
CA ASN B 319 23.53 -24.64 25.60
C ASN B 319 24.82 -24.96 26.32
N TYR B 320 25.25 -24.12 27.23
CA TYR B 320 26.52 -24.31 27.89
C TYR B 320 26.35 -25.24 29.05
N ALA B 321 27.42 -25.96 29.38
CA ALA B 321 27.38 -26.86 30.53
C ALA B 321 27.33 -26.07 31.82
N MET B 322 26.85 -26.71 32.87
CA MET B 322 26.64 -25.99 34.11
C MET B 322 27.91 -25.67 34.86
N ASP B 323 29.06 -26.14 34.40
CA ASP B 323 30.30 -25.69 34.99
C ASP B 323 30.63 -24.26 34.61
N ARG B 324 30.09 -23.78 33.51
CA ARG B 324 30.44 -22.46 33.00
C ARG B 324 29.57 -21.37 33.60
N PHE B 325 28.59 -21.70 34.40
CA PHE B 325 27.64 -20.73 34.93
C PHE B 325 27.87 -20.54 36.42
N HIS B 326 27.74 -19.31 36.90
CA HIS B 326 27.93 -19.01 38.31
C HIS B 326 27.00 -17.88 38.69
N GLN B 327 26.20 -18.08 39.73
CA GLN B 327 25.23 -17.08 40.17
C GLN B 327 25.51 -16.73 41.63
N PHE B 328 25.68 -15.43 41.90
CA PHE B 328 26.12 -14.94 43.19
C PHE B 328 25.12 -13.94 43.71
N GLU B 329 24.30 -14.33 44.69
CA GLU B 329 23.39 -13.38 45.31
C GLU B 329 24.14 -12.39 46.19
N GLY B 330 23.60 -11.18 46.24
CA GLY B 330 24.20 -10.11 47.03
C GLY B 330 25.55 -9.69 46.54
N TYR B 331 25.82 -9.82 45.25
CA TYR B 331 27.15 -9.53 44.76
C TYR B 331 27.36 -8.03 44.68
N ARG B 332 28.58 -7.61 44.94
CA ARG B 332 28.94 -6.19 45.01
C ARG B 332 29.99 -5.90 43.96
N GLN B 333 29.54 -5.54 42.76
CA GLN B 333 30.43 -5.16 41.68
C GLN B 333 31.17 -3.87 42.01
N ARG B 334 32.46 -3.85 41.72
CA ARG B 334 33.29 -2.68 41.96
C ARG B 334 33.17 -1.71 40.78
N ASP B 335 32.78 -0.48 41.07
CA ASP B 335 32.77 0.57 40.07
C ASP B 335 34.19 1.08 39.90
N LEU B 336 34.77 0.89 38.72
CA LEU B 336 36.20 1.08 38.57
C LEU B 336 36.64 2.53 38.54
N ASP B 337 35.72 3.47 38.39
CA ASP B 337 36.16 4.87 38.44
C ASP B 337 36.06 5.44 39.84
N THR B 338 34.91 5.24 40.50
CA THR B 338 34.76 5.73 41.86
C THR B 338 35.53 4.90 42.86
N ARG B 339 36.01 3.72 42.46
CA ARG B 339 36.77 2.79 43.29
C ARG B 339 35.98 2.36 44.52
N ALA B 340 34.68 2.22 44.36
CA ALA B 340 33.80 1.86 45.45
C ALA B 340 33.17 0.51 45.15
N LEU B 341 32.19 0.14 45.95
CA LEU B 341 31.40 -1.04 45.69
C LEU B 341 29.96 -0.64 45.45
N LEU B 342 29.34 -1.28 44.47
CA LEU B 342 27.96 -0.96 44.17
C LEU B 342 27.03 -1.70 45.12
N GLU B 343 25.75 -1.64 44.85
CA GLU B 343 24.75 -2.20 45.72
C GLU B 343 24.68 -3.71 45.54
N PRO B 344 24.21 -4.44 46.55
CA PRO B 344 24.08 -5.89 46.39
C PRO B 344 22.98 -6.24 45.40
N ALA B 345 23.32 -7.11 44.47
CA ALA B 345 22.36 -7.61 43.51
C ALA B 345 22.85 -8.95 42.99
N ALA B 346 21.92 -9.79 42.57
CA ALA B 346 22.29 -11.10 42.06
C ALA B 346 22.89 -10.95 40.67
N ARG B 347 24.14 -11.37 40.51
CA ARG B 347 24.88 -11.16 39.29
C ARG B 347 25.37 -12.47 38.73
N ASN B 348 24.99 -12.77 37.51
CA ASN B 348 25.39 -14.01 36.87
C ASN B 348 26.79 -13.89 36.29
N PHE B 349 27.38 -15.04 35.99
CA PHE B 349 28.67 -15.06 35.31
C PHE B 349 28.72 -16.29 34.42
N LEU B 350 29.01 -16.07 33.15
CA LEU B 350 29.07 -17.16 32.19
C LEU B 350 30.43 -17.10 31.52
N VAL B 351 31.09 -18.24 31.43
CA VAL B 351 32.43 -18.31 30.90
C VAL B 351 32.35 -19.01 29.55
N THR B 352 32.40 -18.23 28.49
CA THR B 352 32.46 -18.75 27.13
C THR B 352 33.88 -19.17 26.83
N PRO B 353 34.12 -19.81 25.70
CA PRO B 353 35.51 -20.04 25.29
C PRO B 353 36.23 -18.82 24.76
N HIS B 354 35.67 -17.62 24.87
CA HIS B 354 36.46 -16.45 24.52
C HIS B 354 36.42 -15.37 25.57
N LEU B 355 35.34 -15.25 26.30
CA LEU B 355 35.21 -14.15 27.25
C LEU B 355 34.24 -14.52 28.35
N THR B 356 34.27 -13.73 29.41
CA THR B 356 33.42 -13.93 30.57
C THR B 356 32.37 -12.86 30.58
N VAL B 357 31.11 -13.24 30.61
CA VAL B 357 30.01 -12.30 30.60
C VAL B 357 29.37 -12.26 31.96
N GLY B 358 29.22 -11.08 32.52
CA GLY B 358 28.49 -10.90 33.75
C GLY B 358 27.35 -9.93 33.54
N TRP B 359 26.19 -10.26 34.11
CA TRP B 359 25.07 -9.34 34.05
C TRP B 359 24.22 -9.58 35.28
N ASN B 360 23.54 -8.53 35.73
CA ASN B 360 22.72 -8.65 36.92
C ASN B 360 21.43 -9.37 36.58
N TRP B 361 21.13 -10.41 37.34
CA TRP B 361 19.97 -11.23 37.05
C TRP B 361 18.68 -10.50 37.41
N LYS B 362 17.69 -10.60 36.53
CA LYS B 362 16.36 -10.06 36.75
C LYS B 362 15.38 -11.09 36.23
N PRO B 363 14.31 -11.37 36.95
CA PRO B 363 13.43 -12.48 36.58
C PRO B 363 12.62 -12.12 35.35
N LYS B 364 12.13 -13.17 34.67
CA LYS B 364 11.64 -13.01 33.32
C LYS B 364 10.30 -12.29 33.28
N ARG B 365 9.40 -12.64 34.17
CA ARG B 365 8.03 -12.19 34.07
C ARG B 365 7.85 -10.71 34.37
N THR B 366 8.88 -10.02 34.83
CA THR B 366 8.79 -8.59 35.07
C THR B 366 9.68 -7.79 34.14
N GLU B 367 10.22 -8.40 33.10
CA GLU B 367 11.11 -7.70 32.19
C GLU B 367 10.54 -7.61 30.78
N VAL B 368 10.21 -8.73 30.18
CA VAL B 368 9.72 -8.73 28.82
C VAL B 368 8.20 -8.62 28.81
N CYS B 369 7.64 -8.30 27.64
CA CYS B 369 6.21 -8.11 27.52
C CYS B 369 5.85 -8.19 26.05
N SER B 370 4.80 -8.92 25.72
CA SER B 370 4.45 -9.05 24.32
C SER B 370 3.72 -7.83 23.79
N LEU B 371 3.08 -7.05 24.66
CA LEU B 371 2.24 -5.94 24.24
C LEU B 371 2.76 -4.67 24.87
N VAL B 372 3.04 -3.68 24.05
CA VAL B 372 3.53 -2.40 24.54
C VAL B 372 2.44 -1.38 24.24
N LYS B 373 2.45 -0.28 24.99
CA LYS B 373 1.38 0.70 24.86
C LYS B 373 1.55 1.50 23.60
N TRP B 374 0.46 1.67 22.85
CA TRP B 374 0.50 2.51 21.66
C TRP B 374 -0.03 3.90 21.90
N ARG B 375 -1.24 4.01 22.44
CA ARG B 375 -1.87 5.31 22.61
C ARG B 375 -2.95 5.17 23.65
N GLU B 376 -2.85 5.94 24.73
CA GLU B 376 -3.95 6.00 25.68
C GLU B 376 -4.99 6.97 25.14
N VAL B 377 -6.27 6.67 25.40
CA VAL B 377 -7.35 7.46 24.82
C VAL B 377 -8.30 7.86 25.92
N GLU B 378 -8.54 9.16 26.06
CA GLU B 378 -9.36 9.64 27.16
C GLU B 378 -10.85 9.39 26.96
N ASP B 379 -11.34 9.42 25.73
CA ASP B 379 -12.78 9.27 25.51
C ASP B 379 -13.05 8.47 24.26
N VAL B 380 -13.73 7.35 24.42
CA VAL B 380 -14.16 6.55 23.29
C VAL B 380 -15.66 6.49 23.34
N VAL B 381 -16.27 5.81 22.38
CA VAL B 381 -17.71 5.57 22.34
C VAL B 381 -17.89 4.16 21.82
N ARG B 382 -18.55 3.30 22.59
CA ARG B 382 -18.72 1.93 22.20
C ARG B 382 -20.11 1.71 21.63
N ASP B 383 -20.19 1.38 20.35
CA ASP B 383 -21.47 1.15 19.70
C ASP B 383 -21.80 -0.33 19.67
N GLU B 384 -22.90 -0.67 19.01
CA GLU B 384 -23.48 -1.99 19.11
C GLU B 384 -23.94 -2.49 17.73
N TYR B 385 -23.03 -2.65 16.78
CA TYR B 385 -23.48 -3.13 15.49
C TYR B 385 -23.79 -4.63 15.55
N ALA B 386 -24.04 -5.22 14.38
CA ALA B 386 -24.46 -6.61 14.28
C ALA B 386 -23.30 -7.51 14.66
N HIS B 387 -23.33 -7.97 15.92
CA HIS B 387 -22.33 -8.84 16.52
C HIS B 387 -20.94 -8.23 16.52
N ASN B 388 -20.87 -6.91 16.61
CA ASN B 388 -19.59 -6.23 16.66
C ASN B 388 -19.70 -5.01 17.54
N PHE B 389 -18.56 -4.58 18.07
CA PHE B 389 -18.44 -3.30 18.71
C PHE B 389 -17.68 -2.35 17.82
N ARG B 390 -17.85 -1.06 18.07
CA ARG B 390 -17.05 -0.04 17.43
C ARG B 390 -16.51 0.87 18.51
N PHE B 391 -15.22 1.15 18.46
CA PHE B 391 -14.61 2.00 19.46
C PHE B 391 -14.25 3.30 18.75
N THR B 392 -15.21 4.19 18.65
CA THR B 392 -15.00 5.45 17.95
C THR B 392 -14.18 6.37 18.82
N MET B 393 -12.97 6.67 18.38
CA MET B 393 -12.03 7.47 19.16
C MET B 393 -11.88 8.81 18.46
N LYS B 394 -12.78 9.73 18.79
CA LYS B 394 -12.93 10.94 18.00
C LYS B 394 -11.79 11.92 18.17
N THR B 395 -10.92 11.75 19.15
CA THR B 395 -9.75 12.61 19.21
C THR B 395 -8.70 12.16 18.22
N LEU B 396 -8.53 10.86 18.08
CA LEU B 396 -7.54 10.32 17.17
C LEU B 396 -8.06 10.16 15.75
N SER B 397 -9.35 10.39 15.53
CA SER B 397 -10.04 10.16 14.27
C SER B 397 -9.86 8.72 13.81
N THR B 398 -10.26 7.80 14.67
CA THR B 398 -9.88 6.41 14.51
C THR B 398 -11.00 5.55 15.06
N THR B 399 -11.28 4.42 14.41
CA THR B 399 -12.34 3.54 14.86
C THR B 399 -11.90 2.10 14.76
N PHE B 400 -12.02 1.36 15.85
CA PHE B 400 -11.67 -0.04 15.89
C PHE B 400 -12.92 -0.88 16.04
N ILE B 401 -12.90 -2.06 15.44
CA ILE B 401 -14.05 -2.94 15.39
C ILE B 401 -13.67 -4.26 16.03
N SER B 402 -14.52 -4.76 16.92
CA SER B 402 -14.23 -5.98 17.64
C SER B 402 -15.50 -6.79 17.77
N GLU B 403 -15.36 -8.11 17.75
CA GLU B 403 -16.52 -8.95 17.96
C GLU B 403 -16.94 -8.90 19.42
N THR B 404 -18.15 -9.38 19.70
CA THR B 404 -18.80 -9.08 20.97
C THR B 404 -18.21 -9.81 22.16
N ASN B 405 -17.37 -10.81 21.95
CA ASN B 405 -16.88 -11.53 23.10
C ASN B 405 -15.73 -10.78 23.76
N GLU B 406 -15.41 -11.23 24.97
CA GLU B 406 -14.16 -10.84 25.61
C GLU B 406 -13.00 -11.49 24.88
N PHE B 407 -11.80 -11.10 25.28
CA PHE B 407 -10.60 -11.76 24.81
C PHE B 407 -9.71 -12.05 26.00
N ASN B 408 -9.49 -13.32 26.28
CA ASN B 408 -8.70 -13.69 27.43
C ASN B 408 -7.23 -13.56 27.08
N LEU B 409 -6.52 -12.68 27.79
CA LEU B 409 -5.12 -12.45 27.53
C LEU B 409 -4.22 -13.57 27.99
N ASN B 410 -4.75 -14.59 28.67
CA ASN B 410 -3.91 -15.70 29.04
C ASN B 410 -3.56 -16.58 27.86
N GLN B 411 -4.25 -16.41 26.74
CA GLN B 411 -3.84 -17.08 25.51
C GLN B 411 -2.51 -16.54 25.03
N ILE B 412 -2.26 -15.25 25.25
CA ILE B 412 -1.08 -14.63 24.69
C ILE B 412 0.09 -14.82 25.64
N HIS B 413 1.23 -15.25 25.11
CA HIS B 413 2.42 -15.39 25.92
C HIS B 413 2.89 -14.04 26.41
N LEU B 414 3.39 -14.03 27.64
CA LEU B 414 4.05 -12.87 28.26
C LEU B 414 3.12 -11.67 28.31
N SER B 415 1.93 -11.85 28.87
CA SER B 415 0.94 -10.74 28.82
C SER B 415 0.49 -10.42 30.25
N GLN B 416 1.43 -10.08 31.13
CA GLN B 416 1.09 -9.79 32.54
C GLN B 416 1.14 -8.28 32.77
N CYS B 417 1.62 -7.54 31.77
CA CYS B 417 1.77 -6.07 31.92
C CYS B 417 0.54 -5.33 31.39
N VAL B 418 -0.30 -6.03 30.62
CA VAL B 418 -1.46 -5.33 29.98
C VAL B 418 -2.44 -4.83 31.04
N LYS B 419 -2.98 -5.72 31.88
CA LYS B 419 -4.04 -5.29 32.83
C LYS B 419 -3.48 -4.32 33.88
N GLU B 420 -2.33 -4.64 34.48
CA GLU B 420 -1.82 -3.77 35.58
C GLU B 420 -1.52 -2.39 35.04
N GLU B 421 -0.70 -2.28 33.99
CA GLU B 421 -0.28 -0.95 33.46
C GLU B 421 -1.52 -0.19 32.99
N ALA B 422 -2.61 -0.90 32.68
CA ALA B 422 -3.87 -0.23 32.28
C ALA B 422 -4.56 0.36 33.51
N ARG B 423 -4.75 -0.43 34.58
CA ARG B 423 -5.47 0.09 35.73
C ARG B 423 -4.73 1.24 36.38
N ALA B 424 -3.41 1.27 36.28
CA ALA B 424 -2.68 2.44 36.73
C ALA B 424 -2.95 3.65 35.86
N ILE B 425 -3.31 3.43 34.60
CA ILE B 425 -3.56 4.55 33.70
C ILE B 425 -5.00 5.00 33.76
N ILE B 426 -5.94 4.05 33.76
CA ILE B 426 -7.36 4.41 33.77
C ILE B 426 -7.73 5.08 35.08
N ASN B 427 -7.19 4.59 36.19
CA ASN B 427 -7.48 5.23 37.46
C ASN B 427 -6.73 6.53 37.62
N ARG B 428 -5.76 6.82 36.76
CA ARG B 428 -5.29 8.19 36.66
C ARG B 428 -6.31 9.06 35.94
N ILE B 429 -6.79 8.57 34.79
CA ILE B 429 -7.64 9.38 33.93
C ILE B 429 -9.03 9.54 34.52
N TYR B 430 -9.56 8.49 35.15
CA TYR B 430 -10.84 8.63 35.84
C TYR B 430 -10.74 9.59 37.00
N THR B 431 -9.57 9.67 37.63
CA THR B 431 -9.37 10.66 38.68
C THR B 431 -9.26 12.06 38.10
N THR B 432 -8.35 12.25 37.15
CA THR B 432 -7.98 13.59 36.77
C THR B 432 -9.01 14.30 35.91
N ARG B 433 -9.90 13.58 35.24
CA ARG B 433 -10.86 14.23 34.37
C ARG B 433 -12.30 13.89 34.70
N TYR B 434 -12.62 12.62 34.87
CA TYR B 434 -13.99 12.16 35.00
C TYR B 434 -14.38 11.97 36.45
N ASN B 435 -13.88 12.84 37.32
CA ASN B 435 -14.07 12.68 38.76
C ASN B 435 -15.52 12.93 39.14
N SER B 436 -15.99 14.15 38.94
CA SER B 436 -17.33 14.49 39.34
C SER B 436 -18.37 13.95 38.38
N SER B 437 -18.06 13.96 37.09
CA SER B 437 -19.10 13.87 36.09
C SER B 437 -19.56 12.44 35.84
N HIS B 438 -18.67 11.48 35.98
CA HIS B 438 -19.00 10.13 35.56
C HIS B 438 -18.63 9.10 36.62
N VAL B 439 -19.29 7.97 36.54
CA VAL B 439 -19.11 6.87 37.48
C VAL B 439 -18.72 5.63 36.69
N ARG B 440 -17.91 4.77 37.31
CA ARG B 440 -17.50 3.53 36.66
C ARG B 440 -18.63 2.52 36.68
N THR B 441 -18.55 1.56 35.77
CA THR B 441 -19.61 0.56 35.65
C THR B 441 -18.99 -0.82 35.47
N GLY B 442 -18.05 -1.16 36.34
CA GLY B 442 -17.56 -2.51 36.41
C GLY B 442 -16.07 -2.58 36.13
N ASP B 443 -15.59 -3.82 36.02
CA ASP B 443 -14.19 -4.06 35.80
C ASP B 443 -13.81 -3.70 34.38
N ILE B 444 -12.52 -3.48 34.14
CA ILE B 444 -12.03 -3.18 32.82
C ILE B 444 -12.21 -4.39 31.92
N GLN B 445 -12.32 -4.14 30.62
CA GLN B 445 -12.65 -5.17 29.66
C GLN B 445 -11.60 -5.19 28.58
N THR B 446 -11.34 -6.38 28.05
CA THR B 446 -10.27 -6.58 27.08
C THR B 446 -10.88 -7.06 25.77
N TYR B 447 -10.58 -6.35 24.70
CA TYR B 447 -11.07 -6.74 23.38
C TYR B 447 -9.92 -6.81 22.40
N LEU B 448 -9.98 -7.77 21.50
CA LEU B 448 -9.01 -7.89 20.42
C LEU B 448 -9.54 -7.13 19.22
N ALA B 449 -8.96 -5.98 18.94
CA ALA B 449 -9.46 -5.15 17.86
C ALA B 449 -9.00 -5.70 16.52
N ARG B 450 -9.77 -5.39 15.49
CA ARG B 450 -9.46 -5.90 14.17
C ARG B 450 -8.23 -5.21 13.63
N GLY B 451 -7.30 -6.01 13.15
CA GLY B 451 -5.99 -5.51 12.80
C GLY B 451 -4.94 -5.88 13.80
N GLY B 452 -5.32 -6.53 14.89
CA GLY B 452 -4.35 -6.97 15.86
C GLY B 452 -4.03 -5.97 16.93
N PHE B 453 -5.00 -5.20 17.39
CA PHE B 453 -4.81 -4.30 18.51
C PHE B 453 -5.55 -4.83 19.72
N VAL B 454 -5.01 -4.57 20.89
CA VAL B 454 -5.65 -4.91 22.13
C VAL B 454 -6.21 -3.64 22.73
N VAL B 455 -7.52 -3.59 22.89
CA VAL B 455 -8.19 -2.42 23.43
C VAL B 455 -8.65 -2.76 24.82
N VAL B 456 -8.05 -2.13 25.82
CA VAL B 456 -8.44 -2.33 27.20
C VAL B 456 -9.42 -1.22 27.54
N PHE B 457 -10.70 -1.54 27.62
CA PHE B 457 -11.75 -0.54 27.70
C PHE B 457 -12.44 -0.57 29.04
N GLN B 458 -12.44 0.57 29.73
CA GLN B 458 -13.20 0.78 30.93
C GLN B 458 -14.46 1.57 30.61
N PRO B 459 -15.64 1.06 30.91
CA PRO B 459 -16.84 1.84 30.66
C PRO B 459 -16.98 2.97 31.66
N LEU B 460 -17.77 3.96 31.29
CA LEU B 460 -18.22 4.98 32.21
C LEU B 460 -19.73 5.10 32.09
N LEU B 461 -20.26 6.08 32.80
CA LEU B 461 -21.69 6.36 32.80
C LEU B 461 -21.87 7.72 33.44
N SER B 462 -22.70 8.56 32.83
CA SER B 462 -22.98 9.84 33.43
C SER B 462 -23.80 9.66 34.70
N ASN B 463 -23.82 10.71 35.52
CA ASN B 463 -24.47 10.64 36.82
C ASN B 463 -25.98 10.52 36.71
N SER B 464 -26.56 10.98 35.62
CA SER B 464 -27.99 10.89 35.41
C SER B 464 -28.40 9.47 35.09
N ASN B 503 -2.32 -21.18 22.84
CA ASN B 503 -1.27 -20.20 23.07
C ASN B 503 -0.68 -19.65 21.77
N ARG B 504 -0.70 -18.33 21.64
CA ARG B 504 -0.30 -17.67 20.41
C ARG B 504 0.20 -16.27 20.71
N THR B 505 0.53 -15.54 19.66
CA THR B 505 1.13 -14.22 19.76
C THR B 505 0.49 -13.29 18.75
N ILE B 506 0.12 -12.09 19.20
CA ILE B 506 -0.57 -11.14 18.36
C ILE B 506 0.42 -10.48 17.40
N THR B 507 0.05 -10.43 16.12
CA THR B 507 0.76 -9.63 15.13
C THR B 507 -0.14 -8.51 14.68
N THR B 508 0.37 -7.28 14.75
CA THR B 508 -0.39 -6.08 14.45
C THR B 508 0.08 -5.51 13.13
N THR B 509 -0.87 -5.04 12.32
CA THR B 509 -0.55 -4.45 11.02
C THR B 509 0.29 -3.20 11.18
N SER B 510 0.98 -2.85 10.11
CA SER B 510 1.91 -1.73 10.15
C SER B 510 1.29 -0.44 9.70
N SER B 511 -0.03 -0.35 9.70
CA SER B 511 -0.69 0.86 9.22
C SER B 511 -2.08 0.95 9.82
N VAL B 512 -2.41 2.09 10.41
CA VAL B 512 -3.72 2.31 10.99
C VAL B 512 -4.62 3.11 10.08
N GLU B 513 -4.23 3.33 8.84
CA GLU B 513 -5.07 4.11 7.96
C GLU B 513 -6.26 3.33 7.44
N PHE B 514 -6.38 2.05 7.74
CA PHE B 514 -7.67 1.43 7.52
C PHE B 514 -8.65 1.90 8.56
N ALA B 515 -8.17 2.19 9.77
CA ALA B 515 -9.09 2.57 10.81
C ALA B 515 -9.51 4.02 10.67
N MET B 516 -8.61 4.87 10.16
CA MET B 516 -8.99 6.25 9.94
C MET B 516 -10.01 6.38 8.83
N LEU B 517 -9.95 5.49 7.84
CA LEU B 517 -11.03 5.42 6.87
C LEU B 517 -12.31 4.95 7.51
N GLN B 518 -12.22 3.99 8.42
CA GLN B 518 -13.42 3.48 9.07
C GLN B 518 -14.05 4.54 9.93
N PHE B 519 -13.25 5.44 10.46
CA PHE B 519 -13.83 6.58 11.15
C PHE B 519 -14.41 7.59 10.17
N THR B 520 -13.66 7.89 9.11
CA THR B 520 -14.07 8.96 8.21
C THR B 520 -15.31 8.58 7.44
N TYR B 521 -15.44 7.31 7.07
CA TYR B 521 -16.66 6.87 6.44
C TYR B 521 -17.83 6.94 7.40
N ASP B 522 -17.65 6.41 8.61
CA ASP B 522 -18.74 6.40 9.56
C ASP B 522 -19.06 7.77 10.11
N HIS B 523 -18.18 8.74 9.94
CA HIS B 523 -18.55 10.08 10.34
C HIS B 523 -19.43 10.74 9.31
N ILE B 524 -19.25 10.39 8.04
CA ILE B 524 -20.10 10.95 7.00
C ILE B 524 -21.39 10.17 6.91
N GLN B 525 -21.27 8.85 6.93
CA GLN B 525 -22.43 7.96 6.81
C GLN B 525 -23.38 8.12 7.98
N GLU B 526 -22.89 8.54 9.13
CA GLU B 526 -23.79 8.99 10.18
C GLU B 526 -24.49 10.26 9.77
N HIS B 527 -23.76 11.19 9.17
CA HIS B 527 -24.27 12.53 9.06
C HIS B 527 -25.20 12.69 7.87
N VAL B 528 -24.84 12.12 6.73
CA VAL B 528 -25.69 12.24 5.55
C VAL B 528 -27.00 11.51 5.76
N ASN B 529 -26.94 10.32 6.35
CA ASN B 529 -28.14 9.57 6.66
C ASN B 529 -29.03 10.31 7.63
N GLU B 530 -28.45 11.08 8.54
CA GLU B 530 -29.26 11.91 9.40
C GLU B 530 -29.91 13.03 8.61
N MET B 531 -29.16 13.63 7.68
CA MET B 531 -29.74 14.72 6.92
C MET B 531 -30.74 14.21 5.90
N LEU B 532 -30.49 13.03 5.33
CA LEU B 532 -31.47 12.47 4.40
C LEU B 532 -32.73 12.02 5.08
N ALA B 533 -32.68 11.69 6.37
CA ALA B 533 -33.92 11.34 7.04
C ALA B 533 -34.77 12.57 7.28
N ARG B 534 -34.14 13.71 7.52
CA ARG B 534 -34.92 14.90 7.78
C ARG B 534 -35.53 15.47 6.53
N ILE B 535 -34.94 15.19 5.37
CA ILE B 535 -35.58 15.60 4.12
C ILE B 535 -36.84 14.80 3.89
N SER B 536 -36.73 13.48 4.02
CA SER B 536 -37.85 12.61 3.70
C SER B 536 -39.00 12.76 4.68
N SER B 537 -38.70 13.09 5.92
CA SER B 537 -39.77 13.37 6.86
C SER B 537 -40.44 14.68 6.50
N SER B 538 -39.65 15.72 6.26
CA SER B 538 -40.22 17.03 5.99
C SER B 538 -40.79 17.12 4.59
N TRP B 539 -40.36 16.29 3.66
CA TRP B 539 -41.03 16.26 2.38
C TRP B 539 -42.41 15.67 2.54
N CYS B 540 -42.51 14.55 3.28
CA CYS B 540 -43.79 13.89 3.47
C CYS B 540 -44.75 14.75 4.25
N GLN B 541 -44.25 15.55 5.20
CA GLN B 541 -45.13 16.45 5.90
C GLN B 541 -45.59 17.58 5.00
N LEU B 542 -44.77 17.94 4.03
CA LEU B 542 -45.15 19.02 3.14
C LEU B 542 -46.28 18.59 2.23
N GLN B 543 -46.13 17.43 1.59
CA GLN B 543 -47.10 16.94 0.64
C GLN B 543 -48.44 16.68 1.29
N ASN B 544 -48.42 16.24 2.54
CA ASN B 544 -49.66 16.01 3.25
C ASN B 544 -50.38 17.31 3.56
N ARG B 545 -49.64 18.38 3.79
CA ARG B 545 -50.31 19.66 3.95
C ARG B 545 -50.79 20.18 2.62
N GLU B 546 -50.05 19.92 1.54
CA GLU B 546 -50.40 20.47 0.24
C GLU B 546 -51.69 19.91 -0.31
N ARG B 547 -52.10 18.73 0.14
CA ARG B 547 -53.36 18.14 -0.30
C ARG B 547 -54.54 19.01 0.08
N ALA B 548 -54.44 19.70 1.21
CA ALA B 548 -55.49 20.60 1.64
C ALA B 548 -55.64 21.77 0.67
N LEU B 549 -54.55 22.21 0.07
CA LEU B 549 -54.67 23.23 -0.96
C LEU B 549 -55.36 22.67 -2.18
N TRP B 550 -55.03 21.45 -2.59
CA TRP B 550 -55.64 20.87 -3.79
C TRP B 550 -57.11 20.60 -3.55
N SER B 551 -57.43 19.93 -2.45
CA SER B 551 -58.81 19.57 -2.16
C SER B 551 -59.67 20.79 -1.90
N GLY B 552 -59.08 21.86 -1.38
CA GLY B 552 -59.86 23.07 -1.19
C GLY B 552 -60.10 23.83 -2.46
N LEU B 553 -59.25 23.68 -3.46
CA LEU B 553 -59.33 24.53 -4.62
C LEU B 553 -60.07 23.90 -5.79
N PHE B 554 -60.14 22.57 -5.86
CA PHE B 554 -60.94 21.87 -6.86
C PHE B 554 -62.38 22.31 -7.08
N PRO B 555 -63.11 22.88 -6.12
CA PRO B 555 -64.37 23.54 -6.49
C PRO B 555 -64.21 24.78 -7.31
N ILE B 556 -63.04 25.42 -7.34
CA ILE B 556 -62.92 26.68 -8.06
C ILE B 556 -62.70 26.44 -9.54
N ASN B 557 -61.61 25.77 -9.90
CA ASN B 557 -61.29 25.51 -11.30
C ASN B 557 -60.83 24.07 -11.40
N PRO B 558 -61.75 23.14 -11.65
CA PRO B 558 -61.38 21.72 -11.62
C PRO B 558 -60.55 21.32 -12.81
N SER B 559 -60.91 21.79 -14.00
CA SER B 559 -60.28 21.31 -15.21
C SER B 559 -58.84 21.77 -15.32
N ALA B 560 -58.51 22.92 -14.73
CA ALA B 560 -57.12 23.34 -14.72
C ALA B 560 -56.30 22.47 -13.78
N LEU B 561 -56.86 22.13 -12.62
CA LEU B 561 -56.07 21.41 -11.63
C LEU B 561 -55.96 19.94 -11.98
N ALA B 562 -57.03 19.34 -12.49
CA ALA B 562 -57.00 17.95 -12.88
C ALA B 562 -56.09 17.72 -14.07
N SER B 563 -55.88 18.74 -14.88
CA SER B 563 -55.02 18.59 -16.04
C SER B 563 -53.56 18.43 -15.64
N THR B 564 -53.15 19.14 -14.59
CA THR B 564 -51.77 19.05 -14.14
C THR B 564 -51.50 17.70 -13.48
N ILE B 565 -52.52 17.15 -12.83
CA ILE B 565 -52.36 15.85 -12.18
C ILE B 565 -52.26 14.75 -13.22
N LEU B 566 -53.04 14.84 -14.28
CA LEU B 566 -53.08 13.78 -15.25
C LEU B 566 -52.12 13.97 -16.42
N ASP B 567 -51.42 15.11 -16.48
CA ASP B 567 -50.50 15.46 -17.58
C ASP B 567 -51.18 15.41 -18.94
N GLN B 568 -52.45 15.81 -18.98
CA GLN B 568 -53.28 15.62 -20.15
C GLN B 568 -54.42 16.62 -20.06
N ARG B 569 -54.70 17.30 -21.15
CA ARG B 569 -55.75 18.32 -21.13
C ARG B 569 -57.10 17.65 -21.04
N VAL B 570 -57.73 17.74 -19.87
CA VAL B 570 -58.97 17.04 -19.61
C VAL B 570 -60.05 18.03 -19.21
N LYS B 571 -61.24 17.53 -18.96
CA LYS B 571 -62.41 18.34 -18.63
C LYS B 571 -63.10 17.67 -17.46
N ALA B 572 -63.10 18.33 -16.31
CA ALA B 572 -63.60 17.71 -15.09
C ALA B 572 -64.85 18.42 -14.60
N ARG B 573 -65.62 17.69 -13.81
CA ARG B 573 -66.74 18.26 -13.08
C ARG B 573 -66.63 17.83 -11.63
N ILE B 574 -67.46 18.43 -10.80
CA ILE B 574 -67.57 18.05 -9.40
C ILE B 574 -68.96 17.50 -9.20
N LEU B 575 -69.07 16.19 -9.05
CA LEU B 575 -70.36 15.56 -8.84
C LEU B 575 -70.56 15.34 -7.35
N GLY B 576 -70.63 16.44 -6.63
CA GLY B 576 -70.73 16.35 -5.19
C GLY B 576 -69.36 16.29 -4.55
N ASP B 577 -68.87 15.08 -4.29
CA ASP B 577 -67.61 14.91 -3.60
C ASP B 577 -66.59 14.11 -4.39
N VAL B 578 -66.82 13.87 -5.68
CA VAL B 578 -65.87 13.19 -6.53
C VAL B 578 -65.63 14.04 -7.77
N ILE B 579 -64.71 13.56 -8.60
CA ILE B 579 -64.31 14.25 -9.81
C ILE B 579 -64.57 13.32 -10.99
N SER B 580 -65.33 13.80 -11.96
CA SER B 580 -65.58 13.05 -13.18
C SER B 580 -64.91 13.77 -14.32
N VAL B 581 -64.01 13.08 -15.00
CA VAL B 581 -63.16 13.69 -15.99
C VAL B 581 -63.70 13.41 -17.37
N SER B 582 -63.14 14.10 -18.36
CA SER B 582 -63.50 13.90 -19.76
C SER B 582 -62.33 14.39 -20.58
N ASN B 583 -61.78 13.52 -21.44
CA ASN B 583 -60.60 13.89 -22.20
C ASN B 583 -60.93 14.90 -23.29
N CYS B 584 -60.02 15.83 -23.51
CA CYS B 584 -60.20 16.85 -24.54
C CYS B 584 -59.24 16.58 -25.67
N PRO B 585 -59.71 16.17 -26.83
CA PRO B 585 -58.81 16.02 -27.98
C PRO B 585 -58.44 17.37 -28.56
N GLU B 586 -57.44 17.34 -29.43
CA GLU B 586 -56.95 18.54 -30.06
C GLU B 586 -57.93 19.03 -31.13
N LEU B 587 -57.56 20.13 -31.76
CA LEU B 587 -58.19 20.52 -33.01
C LEU B 587 -57.34 19.96 -34.14
N GLY B 588 -57.99 19.32 -35.10
CA GLY B 588 -57.31 18.71 -36.23
C GLY B 588 -56.84 19.71 -37.25
N SER B 589 -56.60 19.23 -38.46
CA SER B 589 -56.14 20.07 -39.55
C SER B 589 -57.34 20.75 -40.23
N ASP B 590 -57.08 21.35 -41.40
CA ASP B 590 -57.97 21.99 -42.38
C ASP B 590 -59.17 22.70 -41.78
N THR B 591 -58.92 23.49 -40.74
CA THR B 591 -59.97 24.13 -39.97
C THR B 591 -59.63 25.60 -39.79
N ARG B 592 -60.53 26.47 -40.19
CA ARG B 592 -60.29 27.90 -40.10
C ARG B 592 -60.91 28.46 -38.83
N ILE B 593 -60.18 29.36 -38.20
CA ILE B 593 -60.54 29.93 -36.92
C ILE B 593 -60.72 31.42 -37.17
N ILE B 594 -61.94 31.83 -37.43
CA ILE B 594 -62.24 33.22 -37.74
C ILE B 594 -62.55 33.91 -36.43
N LEU B 595 -61.59 34.69 -35.94
CA LEU B 595 -61.80 35.48 -34.75
C LEU B 595 -62.78 36.61 -35.04
N GLN B 596 -63.77 36.77 -34.17
CA GLN B 596 -64.78 37.78 -34.39
C GLN B 596 -64.24 39.16 -34.04
N ASN B 597 -65.08 40.18 -34.24
CA ASN B 597 -64.74 41.55 -33.95
C ASN B 597 -65.31 42.01 -32.62
N SER B 598 -66.59 41.79 -32.39
CA SER B 598 -67.29 42.36 -31.25
C SER B 598 -67.62 41.30 -30.21
N MET B 599 -67.72 41.76 -28.96
CA MET B 599 -68.20 40.95 -27.86
C MET B 599 -69.57 41.39 -27.38
N ARG B 600 -70.31 42.11 -28.22
CA ARG B 600 -71.59 42.65 -27.79
C ARG B 600 -72.71 41.74 -28.28
N VAL B 601 -73.70 41.52 -27.42
CA VAL B 601 -74.86 40.75 -27.79
C VAL B 601 -75.67 41.54 -28.81
N SER B 602 -75.95 40.92 -29.95
CA SER B 602 -76.65 41.59 -31.03
C SER B 602 -78.11 41.81 -30.63
N GLY B 603 -78.48 43.07 -30.44
CA GLY B 603 -79.82 43.40 -30.03
C GLY B 603 -79.87 44.06 -28.66
N SER B 604 -79.06 43.58 -27.74
CA SER B 604 -79.00 44.16 -26.40
C SER B 604 -77.81 45.09 -26.27
N THR B 605 -77.88 45.97 -25.29
CA THR B 605 -76.82 46.91 -24.98
C THR B 605 -76.23 46.66 -23.60
N THR B 606 -77.06 46.46 -22.59
CA THR B 606 -76.59 46.16 -21.25
C THR B 606 -76.02 44.75 -21.12
N ARG B 607 -76.27 43.87 -22.09
CA ARG B 607 -75.80 42.49 -22.07
C ARG B 607 -74.71 42.35 -23.11
N CYS B 608 -73.54 41.89 -22.68
CA CYS B 608 -72.43 41.70 -23.59
C CYS B 608 -71.74 40.38 -23.24
N TYR B 609 -70.92 39.89 -24.16
CA TYR B 609 -70.32 38.58 -23.96
C TYR B 609 -69.21 38.63 -22.93
N SER B 610 -68.77 37.45 -22.53
CA SER B 610 -67.74 37.32 -21.50
C SER B 610 -66.39 36.93 -22.04
N ARG B 611 -66.36 36.11 -23.08
CA ARG B 611 -65.13 35.71 -23.75
C ARG B 611 -65.36 35.78 -25.25
N PRO B 612 -64.29 35.94 -26.06
CA PRO B 612 -64.48 36.21 -27.48
C PRO B 612 -65.11 35.06 -28.25
N LEU B 613 -66.06 35.41 -29.11
CA LEU B 613 -66.71 34.43 -29.97
C LEU B 613 -65.78 34.06 -31.11
N ILE B 614 -65.94 32.85 -31.64
CA ILE B 614 -65.13 32.39 -32.76
C ILE B 614 -66.02 31.73 -33.79
N SER B 615 -65.46 31.52 -34.97
CA SER B 615 -66.15 30.89 -36.09
C SER B 615 -65.24 29.77 -36.59
N ILE B 616 -65.68 28.53 -36.38
CA ILE B 616 -64.86 27.36 -36.65
C ILE B 616 -65.29 26.82 -38.00
N THR B 624 -69.51 25.86 -40.83
CA THR B 624 -68.89 26.82 -39.93
C THR B 624 -69.54 26.71 -38.56
N VAL B 625 -68.74 26.42 -37.54
CA VAL B 625 -69.23 26.24 -36.19
C VAL B 625 -69.01 27.53 -35.41
N GLU B 626 -70.04 28.01 -34.73
CA GLU B 626 -70.05 29.29 -34.07
C GLU B 626 -69.91 29.07 -32.56
N GLY B 627 -68.66 29.00 -32.10
CA GLY B 627 -68.43 28.86 -30.68
C GLY B 627 -67.78 30.08 -30.09
N GLN B 628 -67.05 29.91 -28.99
CA GLN B 628 -66.33 31.02 -28.39
C GLN B 628 -65.08 30.51 -27.70
N LEU B 629 -64.19 31.45 -27.42
CA LEU B 629 -62.85 31.12 -26.96
C LEU B 629 -62.83 30.86 -25.46
N GLY B 630 -62.19 29.78 -25.07
CA GLY B 630 -61.96 29.47 -23.67
C GLY B 630 -60.61 29.98 -23.20
N THR B 631 -60.01 29.23 -22.30
CA THR B 631 -58.72 29.58 -21.74
C THR B 631 -57.77 28.40 -21.96
N ASP B 632 -56.51 28.72 -22.30
CA ASP B 632 -55.52 27.76 -22.75
C ASP B 632 -56.03 26.96 -23.94
N ASN B 633 -56.47 27.71 -24.95
CA ASN B 633 -56.80 27.22 -26.28
C ASN B 633 -57.97 26.23 -26.26
N GLU B 634 -58.84 26.39 -25.27
CA GLU B 634 -60.05 25.59 -25.22
C GLU B 634 -61.08 26.20 -26.16
N LEU B 635 -61.76 25.34 -26.90
CA LEU B 635 -62.71 25.79 -27.91
C LEU B 635 -64.09 25.32 -27.49
N ILE B 636 -64.85 26.21 -26.85
CA ILE B 636 -66.20 25.87 -26.46
C ILE B 636 -67.08 25.89 -27.70
N MET B 637 -67.84 24.81 -27.89
CA MET B 637 -68.68 24.69 -29.07
C MET B 637 -70.02 25.38 -28.94
N SER B 638 -70.23 26.15 -27.88
CA SER B 638 -71.41 27.00 -27.78
C SER B 638 -70.94 28.43 -27.50
N ARG B 639 -71.90 29.30 -27.20
CA ARG B 639 -71.64 30.70 -26.93
C ARG B 639 -72.39 31.14 -25.69
N ASP B 640 -72.23 30.39 -24.60
CA ASP B 640 -73.02 30.54 -23.39
C ASP B 640 -72.29 31.32 -22.30
N LEU B 641 -71.49 32.33 -22.64
CA LEU B 641 -70.83 33.16 -21.64
C LEU B 641 -71.29 34.61 -21.82
N LEU B 642 -72.18 35.04 -20.94
CA LEU B 642 -72.79 36.35 -21.01
C LEU B 642 -72.53 37.09 -19.70
N GLU B 643 -72.58 38.42 -19.77
CA GLU B 643 -72.28 39.24 -18.61
C GLU B 643 -72.92 40.60 -18.79
N PRO B 644 -73.13 41.35 -17.72
CA PRO B 644 -73.48 42.76 -17.88
C PRO B 644 -72.36 43.52 -18.57
N CYS B 645 -72.75 44.47 -19.41
CA CYS B 645 -71.82 45.09 -20.34
C CYS B 645 -71.07 46.19 -19.59
N VAL B 646 -69.97 45.81 -18.95
CA VAL B 646 -69.25 46.68 -18.01
C VAL B 646 -68.28 47.56 -18.79
N ALA B 647 -68.33 48.87 -18.53
CA ALA B 647 -67.47 49.82 -19.21
C ALA B 647 -66.01 49.65 -18.78
N ASN B 648 -65.13 50.34 -19.52
CA ASN B 648 -63.67 50.24 -19.41
C ASN B 648 -63.20 48.80 -19.54
N HIS B 649 -63.79 48.09 -20.49
CA HIS B 649 -63.61 46.65 -20.65
C HIS B 649 -62.28 46.39 -21.34
N LYS B 650 -61.20 46.53 -20.58
CA LYS B 650 -59.85 46.33 -21.08
C LYS B 650 -59.44 44.92 -20.72
N ARG B 651 -59.46 44.01 -21.69
CA ARG B 651 -59.19 42.60 -21.44
C ARG B 651 -58.19 42.07 -22.46
N TYR B 652 -57.27 41.24 -21.99
CA TYR B 652 -56.46 40.44 -22.90
C TYR B 652 -57.03 39.03 -22.96
N PHE B 653 -56.66 38.30 -23.99
CA PHE B 653 -57.06 36.91 -24.13
C PHE B 653 -55.94 36.16 -24.83
N LEU B 654 -55.53 35.05 -24.26
CA LEU B 654 -54.58 34.18 -24.95
C LEU B 654 -55.27 33.53 -26.13
N PHE B 655 -54.70 33.71 -27.32
CA PHE B 655 -55.23 33.08 -28.53
C PHE B 655 -54.06 32.56 -29.33
N GLY B 656 -53.85 31.25 -29.26
CA GLY B 656 -52.77 30.63 -30.00
C GLY B 656 -51.42 31.06 -29.47
N HIS B 657 -50.75 31.93 -30.20
CA HIS B 657 -49.51 32.52 -29.75
C HIS B 657 -49.64 34.03 -29.68
N HIS B 658 -50.84 34.54 -29.44
CA HIS B 658 -51.05 35.97 -29.44
C HIS B 658 -52.03 36.35 -28.35
N TYR B 659 -51.68 37.40 -27.61
CA TYR B 659 -52.61 37.99 -26.66
C TYR B 659 -53.39 39.07 -27.38
N VAL B 660 -54.53 38.67 -27.94
CA VAL B 660 -55.42 39.62 -28.58
C VAL B 660 -56.10 40.49 -27.52
N TYR B 661 -55.99 41.80 -27.68
CA TYR B 661 -56.56 42.75 -26.74
C TYR B 661 -57.89 43.26 -27.25
N TYR B 662 -58.89 43.24 -26.39
CA TYR B 662 -60.17 43.85 -26.66
C TYR B 662 -60.40 45.01 -25.72
N GLU B 663 -60.91 46.11 -26.25
CA GLU B 663 -61.33 47.23 -25.43
C GLU B 663 -62.74 47.59 -25.80
N ASP B 664 -63.61 47.68 -24.79
CA ASP B 664 -65.04 47.96 -24.93
C ASP B 664 -65.70 46.98 -25.88
N TYR B 665 -65.41 45.70 -25.65
CA TYR B 665 -66.10 44.56 -26.26
C TYR B 665 -65.90 44.50 -27.77
N ARG B 666 -64.79 45.06 -28.26
CA ARG B 666 -64.48 45.10 -29.67
C ARG B 666 -63.02 44.76 -29.87
N TYR B 667 -62.65 44.42 -31.11
CA TYR B 667 -61.26 44.10 -31.40
C TYR B 667 -60.40 45.35 -31.34
N VAL B 668 -59.15 45.19 -30.91
CA VAL B 668 -58.20 46.28 -30.99
C VAL B 668 -56.98 45.84 -31.79
N ARG B 669 -56.25 44.85 -31.29
CA ARG B 669 -54.96 44.50 -31.87
C ARG B 669 -54.59 43.09 -31.44
N GLU B 670 -53.34 42.71 -31.70
CA GLU B 670 -52.76 41.56 -31.02
C GLU B 670 -51.29 41.86 -30.73
N ILE B 671 -50.67 40.95 -29.98
CA ILE B 671 -49.29 41.12 -29.54
C ILE B 671 -48.72 39.73 -29.30
N ALA B 672 -47.42 39.58 -29.49
CA ALA B 672 -46.81 38.28 -29.31
C ALA B 672 -46.71 37.94 -27.83
N VAL B 673 -46.56 36.64 -27.56
CA VAL B 673 -46.55 36.13 -26.19
C VAL B 673 -45.32 36.62 -25.45
N HIS B 674 -44.15 36.44 -26.05
CA HIS B 674 -42.90 36.82 -25.40
C HIS B 674 -42.72 38.33 -25.28
N ASP B 675 -43.60 39.13 -25.90
CA ASP B 675 -43.63 40.54 -25.59
C ASP B 675 -44.13 40.79 -24.18
N VAL B 676 -45.07 39.98 -23.71
CA VAL B 676 -45.59 40.13 -22.36
C VAL B 676 -44.57 39.63 -21.37
N GLY B 677 -44.24 40.46 -20.39
CA GLY B 677 -43.31 40.06 -19.36
C GLY B 677 -43.86 38.95 -18.50
N MET B 678 -42.95 38.21 -17.89
CA MET B 678 -43.30 37.04 -17.11
C MET B 678 -42.86 37.23 -15.67
N ILE B 679 -43.67 36.74 -14.75
CA ILE B 679 -43.26 36.62 -13.36
C ILE B 679 -43.19 35.14 -13.04
N SER B 680 -42.35 34.80 -12.08
CA SER B 680 -41.91 33.44 -11.87
C SER B 680 -42.50 32.89 -10.58
N THR B 681 -43.29 31.84 -10.70
CA THR B 681 -43.70 31.09 -9.52
C THR B 681 -42.67 30.06 -9.12
N TYR B 682 -41.69 29.80 -9.97
CA TYR B 682 -40.70 28.78 -9.72
C TYR B 682 -39.72 29.27 -8.66
N VAL B 683 -39.18 28.34 -7.88
CA VAL B 683 -38.18 28.66 -6.88
C VAL B 683 -36.92 27.89 -7.22
N ASP B 684 -35.83 28.62 -7.41
CA ASP B 684 -34.63 28.02 -7.96
C ASP B 684 -33.94 27.13 -6.95
N LEU B 685 -33.23 26.13 -7.48
CA LEU B 685 -32.45 25.23 -6.64
C LEU B 685 -31.34 24.67 -7.52
N ASN B 686 -30.14 25.22 -7.39
CA ASN B 686 -29.04 24.88 -8.28
C ASN B 686 -28.16 23.86 -7.56
N LEU B 687 -28.57 22.60 -7.63
CA LEU B 687 -27.78 21.53 -7.04
C LEU B 687 -26.76 21.05 -8.05
N THR B 688 -25.54 20.79 -7.59
CA THR B 688 -24.42 20.48 -8.45
C THR B 688 -23.77 19.18 -7.99
N LEU B 689 -23.39 18.34 -8.94
CA LEU B 689 -22.85 17.04 -8.59
C LEU B 689 -21.41 17.14 -8.11
N LEU B 690 -20.93 16.07 -7.49
CA LEU B 690 -19.51 15.94 -7.24
C LEU B 690 -18.81 15.43 -8.48
N LYS B 691 -17.57 15.81 -8.63
CA LYS B 691 -16.80 15.41 -9.80
C LYS B 691 -16.19 14.05 -9.56
N ASP B 692 -15.28 13.64 -10.43
CA ASP B 692 -14.58 12.38 -10.32
C ASP B 692 -13.12 12.62 -10.02
N ARG B 693 -12.54 11.77 -9.19
CA ARG B 693 -11.17 11.97 -8.74
C ARG B 693 -10.34 10.73 -9.00
N GLU B 694 -9.05 10.95 -9.16
CA GLU B 694 -8.10 9.87 -9.35
C GLU B 694 -6.96 10.09 -8.35
N PHE B 695 -6.86 9.19 -7.39
CA PHE B 695 -5.88 9.32 -6.32
C PHE B 695 -4.59 8.68 -6.74
N MET B 696 -3.57 9.46 -6.87
CA MET B 696 -2.30 8.88 -7.23
C MET B 696 -1.69 8.20 -6.02
N PRO B 697 -0.95 7.13 -6.21
CA PRO B 697 -0.29 6.50 -5.07
C PRO B 697 0.95 7.28 -4.63
N LEU B 698 0.73 8.25 -3.74
CA LEU B 698 1.84 9.11 -3.27
C LEU B 698 2.62 8.40 -2.15
N GLN B 699 3.94 8.50 -2.17
CA GLN B 699 4.79 7.84 -1.14
C GLN B 699 5.79 8.86 -0.60
N VAL B 700 5.95 8.94 0.72
CA VAL B 700 6.98 9.86 1.29
C VAL B 700 8.36 9.26 1.01
N TYR B 701 8.56 7.97 1.27
CA TYR B 701 9.86 7.29 1.03
C TYR B 701 9.62 5.94 0.36
N THR B 702 10.44 5.59 -0.63
CA THR B 702 10.30 4.30 -1.35
C THR B 702 10.91 3.18 -0.51
N ARG B 703 10.90 1.93 -0.97
CA ARG B 703 11.57 0.88 -0.21
C ARG B 703 13.06 0.93 -0.39
N ASP B 704 13.52 1.47 -1.52
CA ASP B 704 14.94 1.58 -1.76
C ASP B 704 15.56 2.63 -0.85
N GLU B 705 14.80 3.65 -0.49
CA GLU B 705 15.31 4.66 0.43
C GLU B 705 15.33 4.17 1.85
N LEU B 706 14.38 3.31 2.22
CA LEU B 706 14.30 2.86 3.60
C LEU B 706 15.39 1.85 3.93
N ARG B 707 16.03 1.26 2.94
CA ARG B 707 17.22 0.46 3.17
C ARG B 707 18.49 1.24 2.93
N ASP B 708 18.38 2.52 2.63
CA ASP B 708 19.53 3.34 2.25
C ASP B 708 19.86 4.32 3.36
N THR B 709 19.73 3.87 4.60
CA THR B 709 19.97 4.74 5.73
C THR B 709 21.15 4.31 6.58
N GLY B 710 21.49 3.03 6.62
CA GLY B 710 22.54 2.57 7.47
C GLY B 710 23.91 2.90 6.93
N LEU B 711 24.90 2.80 7.81
CA LEU B 711 26.26 3.14 7.42
C LEU B 711 26.86 2.09 6.51
N LEU B 712 26.66 0.81 6.82
CA LEU B 712 27.16 -0.25 5.98
C LEU B 712 26.05 -1.27 5.75
N ASP B 713 26.00 -1.81 4.55
CA ASP B 713 25.05 -2.84 4.20
C ASP B 713 25.80 -4.17 4.20
N TYR B 714 25.29 -5.14 4.96
CA TYR B 714 26.06 -6.35 5.19
C TYR B 714 26.16 -7.21 3.94
N SER B 715 25.08 -7.34 3.20
CA SER B 715 25.13 -8.14 1.98
C SER B 715 25.94 -7.45 0.90
N GLU B 716 26.05 -6.13 0.96
CA GLU B 716 26.81 -5.42 -0.05
C GLU B 716 28.30 -5.54 0.19
N ILE B 717 28.73 -5.49 1.45
CA ILE B 717 30.15 -5.62 1.74
C ILE B 717 30.60 -7.04 1.49
N GLN B 718 29.76 -8.01 1.80
CA GLN B 718 30.14 -9.41 1.62
C GLN B 718 30.20 -9.78 0.15
N ARG B 719 29.40 -9.15 -0.71
CA ARG B 719 29.56 -9.42 -2.13
C ARG B 719 30.85 -8.85 -2.66
N ARG B 720 31.32 -7.77 -2.08
CA ARG B 720 32.57 -7.19 -2.50
C ARG B 720 33.75 -7.75 -1.72
N ASN B 721 33.50 -8.35 -0.56
CA ASN B 721 34.59 -9.03 0.13
C ASN B 721 34.96 -10.33 -0.55
N GLN B 722 34.03 -11.26 -0.60
CA GLN B 722 34.36 -12.66 -0.77
C GLN B 722 34.81 -13.02 -2.17
N MET B 723 34.92 -12.06 -3.08
CA MET B 723 35.68 -12.27 -4.29
C MET B 723 36.96 -11.44 -4.28
N HIS B 724 37.52 -11.23 -3.09
CA HIS B 724 38.85 -10.65 -3.02
C HIS B 724 39.88 -11.58 -3.62
N SER B 725 39.72 -12.87 -3.41
CA SER B 725 40.68 -13.81 -3.96
C SER B 725 40.51 -13.98 -5.45
N LEU B 726 39.29 -13.87 -5.95
CA LEU B 726 39.06 -14.05 -7.38
C LEU B 726 39.57 -12.87 -8.18
N ARG B 727 39.41 -11.66 -7.65
CA ARG B 727 39.82 -10.49 -8.42
C ARG B 727 41.32 -10.35 -8.44
N PHE B 728 41.95 -10.44 -7.28
CA PHE B 728 43.31 -10.01 -7.16
C PHE B 728 44.31 -11.15 -7.22
N TYR B 729 43.85 -12.38 -7.39
CA TYR B 729 44.76 -13.50 -7.43
C TYR B 729 44.28 -14.51 -8.44
N ASP B 730 45.21 -15.27 -8.99
CA ASP B 730 44.90 -16.28 -9.99
C ASP B 730 44.77 -17.61 -9.26
N ILE B 731 43.57 -17.96 -8.83
CA ILE B 731 43.37 -19.20 -8.10
C ILE B 731 43.31 -20.42 -8.99
N ASP B 732 43.32 -20.24 -10.30
CA ASP B 732 43.11 -21.39 -11.17
C ASP B 732 44.37 -22.21 -11.34
N LYS B 733 45.51 -21.55 -11.51
CA LYS B 733 46.71 -22.24 -11.92
C LYS B 733 47.33 -22.99 -10.76
N VAL B 734 48.09 -24.04 -11.09
CA VAL B 734 48.85 -24.80 -10.12
C VAL B 734 50.31 -24.72 -10.50
N VAL B 735 51.16 -25.15 -9.57
CA VAL B 735 52.59 -25.15 -9.77
C VAL B 735 53.10 -26.56 -9.49
N GLN B 736 53.71 -27.18 -10.49
CA GLN B 736 54.24 -28.51 -10.34
C GLN B 736 55.73 -28.44 -10.03
N THR C 115 -64.97 -2.54 9.62
CA THR C 115 -64.93 -1.80 10.88
C THR C 115 -66.04 -0.78 10.94
N LYS C 116 -66.15 -0.12 12.09
CA LYS C 116 -67.13 0.95 12.25
C LYS C 116 -66.60 2.23 11.61
N PRO C 117 -67.38 2.87 10.74
CA PRO C 117 -66.93 4.14 10.15
C PRO C 117 -67.01 5.26 11.17
N THR C 118 -65.96 6.08 11.20
CA THR C 118 -65.86 7.15 12.18
C THR C 118 -66.58 8.38 11.67
N PHE C 119 -67.48 8.91 12.49
CA PHE C 119 -68.23 10.11 12.15
C PHE C 119 -67.85 11.25 13.08
N TYR C 120 -67.99 12.46 12.57
CA TYR C 120 -67.60 13.67 13.26
C TYR C 120 -68.78 14.60 13.35
N VAL C 121 -68.91 15.28 14.49
CA VAL C 121 -69.95 16.27 14.70
C VAL C 121 -69.27 17.57 15.07
N CYS C 122 -69.55 18.63 14.31
CA CYS C 122 -69.02 19.93 14.62
C CYS C 122 -70.08 20.75 15.35
N PRO C 123 -69.83 21.13 16.59
CA PRO C 123 -70.73 22.02 17.30
C PRO C 123 -70.65 23.42 16.71
N PRO C 124 -71.64 24.27 16.95
CA PRO C 124 -71.54 25.67 16.52
C PRO C 124 -70.41 26.38 17.24
N PRO C 125 -69.55 27.07 16.51
CA PRO C 125 -68.32 27.62 17.11
C PRO C 125 -68.61 28.78 18.04
N THR C 126 -68.07 28.67 19.25
CA THR C 126 -68.10 29.73 20.24
C THR C 126 -66.87 30.60 20.00
N GLY C 127 -67.05 31.91 20.09
CA GLY C 127 -65.99 32.85 19.70
C GLY C 127 -64.86 33.02 20.71
N SER C 128 -64.52 31.96 21.43
CA SER C 128 -63.46 32.02 22.42
C SER C 128 -62.09 32.01 21.77
N THR C 129 -61.74 30.92 21.09
CA THR C 129 -60.39 30.71 20.62
C THR C 129 -60.18 31.46 19.31
N ILE C 130 -59.13 32.26 19.24
CA ILE C 130 -58.77 33.01 18.05
C ILE C 130 -57.32 32.70 17.69
N VAL C 131 -57.04 32.69 16.39
CA VAL C 131 -55.68 32.50 15.89
C VAL C 131 -55.45 33.41 14.69
N ARG C 132 -54.17 33.60 14.37
CA ARG C 132 -53.78 34.39 13.18
C ARG C 132 -52.61 33.65 12.53
N LEU C 133 -52.61 33.49 11.21
CA LEU C 133 -51.54 32.70 10.53
C LEU C 133 -50.18 33.30 10.85
N GLU C 134 -49.21 32.47 11.21
CA GLU C 134 -47.85 32.97 11.58
C GLU C 134 -47.30 33.82 10.44
N PRO C 135 -46.56 34.91 10.71
CA PRO C 135 -45.93 35.71 9.64
C PRO C 135 -44.76 34.96 8.98
N THR C 136 -44.24 35.49 7.87
CA THR C 136 -43.14 34.82 7.12
C THR C 136 -41.89 34.74 8.00
N ARG C 137 -41.19 33.61 7.97
CA ARG C 137 -39.95 33.43 8.77
C ARG C 137 -38.77 33.98 7.97
N THR C 138 -37.71 34.40 8.65
CA THR C 138 -36.53 34.98 7.96
C THR C 138 -35.66 33.83 7.44
N CYS C 139 -35.02 33.99 6.29
CA CYS C 139 -34.28 32.87 5.76
C CYS C 139 -32.81 33.00 6.10
N PRO C 140 -32.20 31.96 6.67
CA PRO C 140 -30.80 32.06 7.07
C PRO C 140 -29.90 32.05 5.86
N ASP C 141 -28.85 32.86 5.93
CA ASP C 141 -27.87 32.94 4.86
C ASP C 141 -26.61 32.26 5.35
N TYR C 142 -26.37 31.06 4.86
CA TYR C 142 -25.13 30.37 5.18
C TYR C 142 -24.00 30.99 4.38
N HIS C 143 -23.41 32.06 4.91
CA HIS C 143 -22.35 32.78 4.21
C HIS C 143 -21.06 31.97 4.26
N LEU C 144 -21.00 30.96 3.40
CA LEU C 144 -19.86 30.07 3.33
C LEU C 144 -18.90 30.59 2.29
N GLY C 145 -17.61 30.45 2.57
CA GLY C 145 -16.61 30.97 1.67
C GLY C 145 -15.35 31.31 2.42
N LYS C 146 -14.20 31.02 1.84
CA LYS C 146 -12.94 31.13 2.55
C LYS C 146 -12.02 32.10 1.83
N ASN C 147 -11.42 32.99 2.60
CA ASN C 147 -10.45 33.93 2.04
C ASN C 147 -9.20 33.15 1.69
N PHE C 148 -9.12 32.69 0.45
CA PHE C 148 -8.06 31.81 0.02
C PHE C 148 -7.01 32.59 -0.76
N THR C 149 -5.85 31.95 -0.94
CA THR C 149 -4.75 32.60 -1.63
C THR C 149 -3.99 31.55 -2.41
N GLU C 150 -4.06 31.59 -3.73
CA GLU C 150 -3.38 30.54 -4.46
C GLU C 150 -1.93 30.91 -4.70
N GLY C 151 -1.13 29.91 -5.00
CA GLY C 151 0.29 30.13 -5.15
C GLY C 151 0.97 28.88 -5.63
N ILE C 152 2.30 28.89 -5.54
CA ILE C 152 3.14 27.80 -6.00
C ILE C 152 3.93 27.29 -4.81
N ALA C 153 3.91 25.99 -4.59
CA ALA C 153 4.53 25.42 -3.41
C ALA C 153 5.49 24.32 -3.78
N VAL C 154 6.53 24.16 -2.97
CA VAL C 154 7.51 23.09 -3.09
C VAL C 154 7.71 22.50 -1.70
N VAL C 155 7.45 21.20 -1.56
CA VAL C 155 7.43 20.53 -0.27
C VAL C 155 8.72 19.74 -0.08
N TYR C 156 9.39 19.97 1.04
CA TYR C 156 10.61 19.25 1.37
C TYR C 156 10.36 18.26 2.48
N LYS C 157 11.11 17.17 2.47
CA LYS C 157 11.00 16.16 3.51
C LYS C 157 12.36 15.97 4.16
N GLU C 158 12.38 15.20 5.24
CA GLU C 158 13.62 14.88 5.91
C GLU C 158 14.50 14.02 5.03
N ASN C 159 15.73 14.45 4.80
CA ASN C 159 16.70 13.64 4.10
C ASN C 159 17.19 12.54 5.04
N ILE C 160 16.98 11.30 4.65
CA ILE C 160 17.47 10.17 5.43
C ILE C 160 18.52 9.37 4.72
N ALA C 161 18.83 9.67 3.47
CA ALA C 161 19.82 8.89 2.76
C ALA C 161 21.22 9.22 3.26
N ALA C 162 22.09 8.23 3.21
CA ALA C 162 23.47 8.46 3.60
C ALA C 162 24.17 9.29 2.54
N TYR C 163 25.05 10.17 2.99
CA TYR C 163 25.84 10.95 2.06
C TYR C 163 26.84 10.05 1.38
N LYS C 164 26.67 9.86 0.08
CA LYS C 164 27.51 8.93 -0.68
C LYS C 164 28.48 9.72 -1.53
N PHE C 165 29.76 9.38 -1.40
CA PHE C 165 30.80 9.92 -2.23
C PHE C 165 31.76 8.80 -2.54
N LYS C 166 32.71 9.06 -3.43
CA LYS C 166 33.61 8.01 -3.88
C LYS C 166 35.03 8.30 -3.44
N ALA C 167 35.72 7.26 -3.01
CA ALA C 167 37.06 7.37 -2.45
C ALA C 167 37.92 6.28 -3.03
N THR C 168 39.14 6.19 -2.56
CA THR C 168 40.12 5.31 -3.20
C THR C 168 41.06 4.77 -2.14
N VAL C 169 41.03 3.48 -1.90
CA VAL C 169 41.95 2.90 -0.94
C VAL C 169 43.24 2.53 -1.65
N TYR C 170 44.33 2.50 -0.89
CA TYR C 170 45.65 2.21 -1.43
C TYR C 170 46.31 1.29 -0.41
N TYR C 171 46.15 0.00 -0.57
CA TYR C 171 46.74 -0.88 0.41
C TYR C 171 47.55 -1.96 -0.27
N LYS C 172 48.73 -2.22 0.26
CA LYS C 172 49.44 -3.41 -0.13
C LYS C 172 48.86 -4.58 0.64
N ASP C 173 49.23 -5.79 0.22
CA ASP C 173 48.66 -7.00 0.79
C ASP C 173 49.80 -7.96 1.05
N VAL C 174 50.07 -8.25 2.31
CA VAL C 174 51.25 -9.01 2.71
C VAL C 174 50.82 -10.33 3.29
N ILE C 175 51.26 -11.42 2.68
CA ILE C 175 50.94 -12.77 3.10
C ILE C 175 52.24 -13.52 3.30
N VAL C 176 52.40 -14.11 4.47
CA VAL C 176 53.57 -14.92 4.78
C VAL C 176 53.13 -16.35 4.96
N SER C 177 53.67 -17.25 4.16
CA SER C 177 53.24 -18.64 4.13
C SER C 177 54.39 -19.53 4.54
N THR C 178 54.12 -20.46 5.44
CA THR C 178 55.16 -21.34 5.96
C THR C 178 54.79 -22.78 5.66
N ALA C 179 55.67 -23.48 4.98
CA ALA C 179 55.40 -24.83 4.49
C ALA C 179 56.34 -25.83 5.12
N TRP C 180 55.79 -26.98 5.48
CA TRP C 180 56.57 -28.06 6.05
C TRP C 180 56.66 -29.16 5.01
N ALA C 181 57.82 -29.28 4.38
CA ALA C 181 58.01 -30.27 3.33
C ALA C 181 58.05 -31.66 3.94
N GLY C 182 57.00 -32.43 3.72
CA GLY C 182 56.95 -33.78 4.22
C GLY C 182 57.70 -34.73 3.31
N SER C 183 57.47 -36.02 3.54
CA SER C 183 58.16 -37.02 2.75
C SER C 183 57.59 -37.09 1.34
N SER C 184 56.28 -37.17 1.22
CA SER C 184 55.64 -37.30 -0.08
C SER C 184 54.54 -36.27 -0.30
N TYR C 185 54.57 -35.18 0.44
CA TYR C 185 53.52 -34.17 0.35
C TYR C 185 54.10 -32.85 0.81
N THR C 186 53.22 -31.89 1.07
CA THR C 186 53.62 -30.59 1.55
C THR C 186 52.45 -30.05 2.35
N GLN C 187 52.71 -29.58 3.56
CA GLN C 187 51.65 -29.04 4.40
C GLN C 187 51.96 -27.59 4.71
N ILE C 188 50.95 -26.74 4.61
CA ILE C 188 51.11 -25.34 4.97
C ILE C 188 50.78 -25.20 6.44
N THR C 189 51.79 -24.90 7.25
CA THR C 189 51.55 -24.80 8.68
C THR C 189 51.03 -23.44 9.07
N ASN C 190 51.39 -22.39 8.36
CA ASN C 190 51.02 -21.06 8.78
C ASN C 190 50.78 -20.19 7.57
N ARG C 191 49.72 -19.40 7.63
CA ARG C 191 49.45 -18.41 6.60
C ARG C 191 48.96 -17.14 7.27
N TYR C 192 49.82 -16.15 7.35
CA TYR C 192 49.54 -14.89 8.04
C TYR C 192 49.25 -13.82 7.01
N ALA C 193 47.99 -13.42 6.92
CA ALA C 193 47.55 -12.45 5.94
C ALA C 193 47.39 -11.09 6.59
N ASP C 194 47.85 -10.04 5.92
CA ASP C 194 47.81 -8.72 6.53
C ASP C 194 47.74 -7.68 5.44
N ARG C 195 47.05 -6.58 5.74
CA ARG C 195 46.83 -5.50 4.80
C ARG C 195 47.55 -4.27 5.32
N VAL C 196 48.54 -3.78 4.58
CA VAL C 196 49.33 -2.66 5.08
C VAL C 196 49.14 -1.45 4.18
N PRO C 197 49.18 -0.24 4.73
CA PRO C 197 48.91 0.94 3.90
C PRO C 197 50.10 1.33 3.06
N ILE C 198 49.80 1.85 1.89
CA ILE C 198 50.81 2.52 1.09
C ILE C 198 51.10 3.88 1.72
N PRO C 199 52.34 4.19 2.06
CA PRO C 199 52.63 5.49 2.64
C PRO C 199 52.46 6.59 1.62
N VAL C 200 51.98 7.74 2.07
CA VAL C 200 51.54 8.79 1.16
C VAL C 200 52.67 9.47 0.43
N SER C 201 53.92 9.23 0.79
CA SER C 201 54.98 9.66 -0.11
C SER C 201 54.99 8.81 -1.35
N GLU C 202 54.67 7.53 -1.22
CA GLU C 202 54.76 6.60 -2.33
C GLU C 202 53.61 6.79 -3.30
N ILE C 203 52.49 7.32 -2.84
CA ILE C 203 51.40 7.64 -3.75
C ILE C 203 51.77 8.84 -4.61
N THR C 204 52.27 9.88 -3.98
CA THR C 204 52.53 11.11 -4.71
C THR C 204 53.75 11.04 -5.58
N ASP C 205 54.66 10.12 -5.31
CA ASP C 205 55.93 10.10 -6.01
C ASP C 205 56.16 8.88 -6.87
N THR C 206 55.37 7.83 -6.73
CA THR C 206 55.55 6.69 -7.60
C THR C 206 54.30 6.35 -8.38
N ILE C 207 53.15 6.23 -7.71
CA ILE C 207 51.93 5.84 -8.40
C ILE C 207 51.49 6.94 -9.35
N ASP C 208 51.32 8.14 -8.83
CA ASP C 208 50.85 9.25 -9.64
C ASP C 208 51.94 9.85 -10.51
N LYS C 209 53.15 9.32 -10.45
CA LYS C 209 54.18 9.70 -11.40
C LYS C 209 54.38 8.69 -12.50
N PHE C 210 54.29 7.39 -12.20
CA PHE C 210 54.65 6.40 -13.19
C PHE C 210 53.67 5.26 -13.30
N GLY C 211 52.60 5.23 -12.50
CA GLY C 211 51.72 4.09 -12.55
C GLY C 211 52.29 2.84 -11.98
N LYS C 212 53.32 2.96 -11.15
CA LYS C 212 53.99 1.82 -10.56
C LYS C 212 53.83 1.85 -9.05
N CYS C 213 53.97 0.69 -8.45
CA CYS C 213 53.99 0.55 -7.00
C CYS C 213 55.19 -0.29 -6.64
N SER C 214 55.86 0.06 -5.56
CA SER C 214 57.09 -0.64 -5.24
C SER C 214 56.78 -2.02 -4.68
N SER C 215 57.81 -2.84 -4.62
CA SER C 215 57.64 -4.19 -4.12
C SER C 215 57.87 -4.29 -2.63
N LYS C 216 58.65 -3.39 -2.05
CA LYS C 216 58.91 -3.40 -0.62
C LYS C 216 57.71 -2.84 0.14
N ALA C 217 57.32 -3.52 1.21
CA ALA C 217 56.22 -3.07 2.05
C ALA C 217 56.79 -2.48 3.32
N THR C 218 56.68 -1.17 3.49
CA THR C 218 57.13 -0.49 4.69
C THR C 218 55.92 -0.09 5.51
N TYR C 219 55.86 -0.57 6.75
CA TYR C 219 54.70 -0.30 7.58
C TYR C 219 55.11 -0.46 9.03
N VAL C 220 54.14 -0.29 9.92
CA VAL C 220 54.39 -0.28 11.35
C VAL C 220 53.41 -1.23 12.02
N ARG C 221 53.94 -2.21 12.73
CA ARG C 221 53.13 -3.07 13.58
C ARG C 221 53.78 -3.20 14.94
N ASN C 222 52.94 -3.34 15.97
CA ASN C 222 53.34 -3.54 17.36
C ASN C 222 54.33 -2.50 17.83
N ASN C 223 54.13 -1.27 17.37
CA ASN C 223 54.96 -0.11 17.68
C ASN C 223 56.40 -0.30 17.25
N HIS C 224 56.63 -1.13 16.25
CA HIS C 224 57.93 -1.31 15.66
C HIS C 224 57.86 -1.03 14.18
N LYS C 225 59.00 -0.80 13.57
CA LYS C 225 59.07 -0.50 12.16
C LYS C 225 59.48 -1.76 11.41
N VAL C 226 58.63 -2.20 10.50
CA VAL C 226 58.66 -3.54 9.94
C VAL C 226 58.67 -3.45 8.43
N GLU C 227 59.57 -4.18 7.78
CA GLU C 227 59.55 -4.31 6.33
C GLU C 227 59.34 -5.75 5.90
N ALA C 228 58.86 -5.91 4.67
CA ALA C 228 58.62 -7.22 4.08
C ALA C 228 58.64 -7.08 2.57
N PHE C 229 59.16 -8.08 1.88
CA PHE C 229 59.46 -8.02 0.45
C PHE C 229 58.60 -9.01 -0.30
N ASN C 230 58.19 -8.67 -1.51
CA ASN C 230 57.53 -9.67 -2.35
C ASN C 230 58.56 -10.65 -2.85
N GLU C 231 58.29 -11.94 -2.62
CA GLU C 231 59.12 -13.08 -3.01
C GLU C 231 60.53 -13.02 -2.46
N ASP C 232 60.74 -12.19 -1.44
CA ASP C 232 62.02 -12.00 -0.75
C ASP C 232 63.15 -11.64 -1.70
N LYS C 233 62.82 -10.95 -2.78
CA LYS C 233 63.83 -10.48 -3.71
C LYS C 233 64.18 -9.04 -3.37
N ASN C 234 64.98 -8.41 -4.21
CA ASN C 234 65.16 -6.98 -4.08
C ASN C 234 63.90 -6.26 -4.56
N PRO C 235 63.63 -5.07 -4.05
CA PRO C 235 62.40 -4.38 -4.44
C PRO C 235 62.48 -3.86 -5.85
N GLN C 236 61.37 -4.00 -6.55
CA GLN C 236 61.24 -3.50 -7.91
C GLN C 236 59.98 -2.66 -8.02
N ASP C 237 60.01 -1.70 -8.93
CA ASP C 237 58.81 -0.90 -9.17
C ASP C 237 57.99 -1.61 -10.25
N MET C 238 57.24 -2.57 -9.80
CA MET C 238 56.40 -3.33 -10.71
C MET C 238 55.18 -2.49 -11.11
N PRO C 239 54.73 -2.61 -12.34
CA PRO C 239 53.64 -1.76 -12.81
C PRO C 239 52.30 -2.21 -12.28
N LEU C 240 51.33 -1.33 -12.41
CA LEU C 240 49.97 -1.61 -11.98
C LEU C 240 49.15 -2.11 -13.15
N ILE C 241 48.60 -3.30 -12.99
CA ILE C 241 47.80 -3.97 -13.99
C ILE C 241 46.34 -3.91 -13.56
N ALA C 242 45.46 -3.60 -14.50
CA ALA C 242 44.03 -3.61 -14.23
C ALA C 242 43.55 -5.00 -13.84
N SER C 243 42.55 -5.05 -12.97
CA SER C 243 41.99 -6.33 -12.55
C SER C 243 41.23 -6.97 -13.70
N LYS C 244 40.95 -8.25 -13.57
CA LYS C 244 40.21 -8.88 -14.64
C LYS C 244 38.72 -8.63 -14.55
N TYR C 245 38.20 -8.19 -13.41
CA TYR C 245 36.77 -7.94 -13.27
C TYR C 245 36.46 -6.46 -13.29
N ASN C 246 37.16 -5.67 -14.09
CA ASN C 246 36.82 -4.25 -14.18
C ASN C 246 35.61 -4.09 -15.08
N SER C 247 34.44 -4.25 -14.49
CA SER C 247 33.26 -3.67 -15.09
C SER C 247 33.19 -2.20 -14.68
N VAL C 248 32.18 -1.52 -15.12
CA VAL C 248 31.97 -0.17 -14.61
C VAL C 248 31.37 -0.25 -13.21
N GLY C 249 31.65 0.75 -12.40
CA GLY C 249 31.17 0.80 -11.05
C GLY C 249 32.07 0.14 -10.02
N SER C 250 32.96 -0.76 -10.45
CA SER C 250 33.86 -1.45 -9.52
C SER C 250 35.19 -1.63 -10.22
N LYS C 251 36.11 -0.69 -10.02
CA LYS C 251 37.41 -0.76 -10.67
C LYS C 251 38.50 -1.01 -9.65
N ALA C 252 39.52 -1.77 -10.06
CA ALA C 252 40.66 -2.00 -9.20
C ALA C 252 41.87 -2.35 -10.04
N TRP C 253 43.03 -2.17 -9.44
CA TRP C 253 44.31 -2.41 -10.09
C TRP C 253 45.21 -3.15 -9.12
N HIS C 254 46.05 -4.03 -9.63
CA HIS C 254 47.02 -4.64 -8.75
C HIS C 254 48.29 -4.95 -9.54
N THR C 255 49.23 -5.61 -8.89
CA THR C 255 50.53 -5.85 -9.49
C THR C 255 50.85 -7.31 -9.75
N THR C 256 50.32 -8.22 -8.95
CA THR C 256 50.78 -9.61 -8.99
C THR C 256 49.59 -10.54 -8.95
N ASN C 257 49.45 -11.38 -9.97
CA ASN C 257 48.40 -12.39 -9.97
C ASN C 257 48.79 -13.64 -9.20
N ASP C 258 50.00 -13.68 -8.64
CA ASP C 258 50.58 -14.88 -8.06
C ASP C 258 50.57 -14.82 -6.54
N THR C 259 51.08 -15.87 -5.92
CA THR C 259 51.33 -15.89 -4.48
C THR C 259 52.48 -16.85 -4.24
N TYR C 260 53.47 -16.41 -3.48
CA TYR C 260 54.75 -17.09 -3.37
C TYR C 260 54.78 -17.99 -2.16
N MET C 261 55.23 -19.22 -2.34
CA MET C 261 55.62 -20.09 -1.24
C MET C 261 56.57 -21.14 -1.76
N VAL C 262 57.46 -21.60 -0.89
CA VAL C 262 58.46 -22.60 -1.25
C VAL C 262 58.33 -23.76 -0.28
N ALA C 263 58.91 -24.89 -0.69
CA ALA C 263 58.78 -26.13 0.05
C ALA C 263 60.04 -26.53 0.81
N GLY C 264 61.17 -26.62 0.13
CA GLY C 264 62.40 -26.97 0.79
C GLY C 264 62.63 -28.46 0.88
N THR C 265 63.79 -28.81 1.42
CA THR C 265 64.17 -30.20 1.60
C THR C 265 63.27 -30.85 2.65
N PRO C 266 63.00 -32.15 2.54
CA PRO C 266 62.00 -32.78 3.40
C PRO C 266 62.39 -32.80 4.87
N GLY C 267 61.40 -32.65 5.72
CA GLY C 267 61.60 -32.54 7.14
C GLY C 267 61.84 -31.13 7.64
N THR C 268 61.80 -30.14 6.76
CA THR C 268 62.17 -28.79 7.13
C THR C 268 60.97 -27.85 7.00
N TYR C 269 61.15 -26.65 7.53
CA TYR C 269 60.21 -25.56 7.35
C TYR C 269 60.83 -24.51 6.46
N ARG C 270 60.03 -23.93 5.58
CA ARG C 270 60.46 -22.81 4.77
C ARG C 270 59.39 -21.74 4.83
N THR C 271 59.72 -20.54 4.37
CA THR C 271 58.85 -19.39 4.60
C THR C 271 58.98 -18.40 3.46
N GLY C 272 57.88 -18.11 2.79
CA GLY C 272 57.89 -17.17 1.69
C GLY C 272 56.92 -16.03 1.88
N THR C 273 57.07 -14.96 1.11
CA THR C 273 56.33 -13.73 1.36
C THR C 273 55.80 -13.20 0.04
N SER C 274 54.53 -12.81 0.01
CA SER C 274 53.92 -12.22 -1.17
C SER C 274 53.40 -10.85 -0.84
N VAL C 275 53.86 -9.83 -1.56
CA VAL C 275 53.41 -8.47 -1.36
C VAL C 275 52.75 -8.00 -2.64
N ASN C 276 51.51 -7.56 -2.54
CA ASN C 276 50.66 -7.31 -3.69
C ASN C 276 50.02 -5.94 -3.51
N CYS C 277 50.51 -4.94 -4.24
CA CYS C 277 49.91 -3.62 -4.20
C CYS C 277 48.52 -3.68 -4.78
N ILE C 278 47.56 -3.00 -4.14
CA ILE C 278 46.17 -3.02 -4.57
C ILE C 278 45.59 -1.62 -4.42
N ILE C 279 44.95 -1.12 -5.46
CA ILE C 279 44.27 0.16 -5.44
C ILE C 279 42.84 -0.07 -5.88
N GLU C 280 41.88 0.42 -5.11
CA GLU C 280 40.48 0.21 -5.45
C GLU C 280 39.74 1.52 -5.48
N GLU C 281 38.85 1.67 -6.44
CA GLU C 281 37.82 2.71 -6.40
C GLU C 281 36.67 2.18 -5.56
N VAL C 282 36.44 2.76 -4.40
CA VAL C 282 35.38 2.30 -3.52
C VAL C 282 34.27 3.33 -3.50
N GLU C 283 33.19 2.99 -2.84
CA GLU C 283 32.06 3.89 -2.64
C GLU C 283 31.94 4.14 -1.15
N ALA C 284 32.44 5.28 -0.71
CA ALA C 284 32.34 5.61 0.68
C ALA C 284 30.94 6.08 1.00
N ARG C 285 30.65 6.17 2.28
CA ARG C 285 29.27 6.24 2.72
C ARG C 285 29.27 6.76 4.14
N SER C 286 28.42 7.73 4.44
CA SER C 286 28.51 8.40 5.72
C SER C 286 27.15 8.96 6.11
N ILE C 287 26.80 8.83 7.38
CA ILE C 287 25.50 9.27 7.85
C ILE C 287 25.67 10.43 8.80
N PHE C 288 24.56 10.97 9.27
CA PHE C 288 24.56 12.07 10.22
C PHE C 288 25.14 11.59 11.54
N PRO C 289 25.89 12.42 12.28
CA PRO C 289 26.30 13.81 12.13
C PRO C 289 27.62 13.97 11.41
N TYR C 290 27.94 13.01 10.55
CA TYR C 290 29.06 13.10 9.62
C TYR C 290 30.39 13.23 10.35
N ASP C 291 30.74 12.20 11.09
CA ASP C 291 32.03 12.13 11.75
C ASP C 291 32.72 10.80 11.52
N SER C 292 32.19 10.00 10.60
CA SER C 292 32.77 8.72 10.22
C SER C 292 32.42 8.54 8.77
N PHE C 293 33.16 7.69 8.08
CA PHE C 293 32.65 7.24 6.80
C PHE C 293 33.09 5.81 6.59
N GLY C 294 32.15 4.95 6.23
CA GLY C 294 32.42 3.54 6.05
C GLY C 294 32.66 3.26 4.57
N LEU C 295 33.73 2.54 4.30
CA LEU C 295 34.07 2.26 2.92
C LEU C 295 33.24 1.10 2.41
N SER C 296 33.43 0.78 1.13
CA SER C 296 32.77 -0.38 0.56
C SER C 296 33.56 -1.65 0.81
N THR C 297 34.65 -1.59 1.56
CA THR C 297 35.36 -2.78 1.96
C THR C 297 35.12 -3.13 3.41
N GLY C 298 34.13 -2.51 4.04
CA GLY C 298 33.82 -2.79 5.43
C GLY C 298 34.72 -2.13 6.43
N ASP C 299 35.57 -1.21 6.01
CA ASP C 299 36.52 -0.55 6.89
C ASP C 299 35.97 0.80 7.28
N ILE C 300 35.54 0.94 8.54
CA ILE C 300 35.13 2.23 9.05
C ILE C 300 36.35 3.12 9.16
N ILE C 301 36.23 4.36 8.72
CA ILE C 301 37.26 5.36 8.94
C ILE C 301 36.72 6.36 9.94
N TYR C 302 37.50 6.65 10.96
CA TYR C 302 37.02 7.51 12.02
C TYR C 302 37.52 8.94 11.80
N MET C 303 36.82 9.62 10.90
CA MET C 303 37.05 11.01 10.55
C MET C 303 35.83 11.47 9.78
N SER C 304 35.47 12.74 9.92
CA SER C 304 34.47 13.30 9.06
C SER C 304 34.99 13.32 7.63
N PRO C 305 34.10 13.18 6.64
CA PRO C 305 34.53 13.30 5.26
C PRO C 305 34.85 14.71 4.85
N PHE C 306 34.55 15.69 5.69
CA PHE C 306 34.77 17.08 5.39
C PHE C 306 35.94 17.64 6.14
N PHE C 307 36.71 16.79 6.80
CA PHE C 307 37.86 17.25 7.56
C PHE C 307 38.94 17.73 6.61
N GLY C 308 39.50 18.89 6.89
CA GLY C 308 40.58 19.43 6.04
C GLY C 308 41.47 20.35 6.85
N LEU C 309 42.27 21.17 6.16
CA LEU C 309 43.19 22.10 6.86
C LEU C 309 42.81 23.54 6.51
N ARG C 310 41.75 23.72 5.71
CA ARG C 310 41.32 25.08 5.30
C ARG C 310 39.83 25.29 5.56
N ASP C 311 39.37 26.55 5.58
CA ASP C 311 37.94 26.86 5.81
C ASP C 311 37.50 26.35 7.19
N GLY C 312 38.39 26.43 8.19
CA GLY C 312 38.08 25.97 9.55
C GLY C 312 37.75 24.49 9.60
N ALA C 313 37.66 23.83 8.45
CA ALA C 313 37.29 22.43 8.44
C ALA C 313 38.19 21.58 9.29
N TYR C 314 39.29 22.12 9.80
CA TYR C 314 40.16 21.40 10.72
C TYR C 314 39.50 21.19 12.07
N ARG C 315 38.44 21.91 12.35
CA ARG C 315 37.64 21.79 13.56
C ARG C 315 36.75 20.56 13.53
N GLU C 316 36.62 19.90 12.39
CA GLU C 316 35.78 18.72 12.26
C GLU C 316 36.32 17.55 13.06
N HIS C 317 35.46 16.55 13.25
CA HIS C 317 35.77 15.45 14.14
C HIS C 317 36.80 14.51 13.55
N SER C 318 37.71 14.06 14.38
CA SER C 318 38.75 13.12 13.97
C SER C 318 39.29 12.43 15.20
N ASN C 319 39.64 11.16 15.05
CA ASN C 319 40.25 10.41 16.13
C ASN C 319 41.71 10.14 15.90
N TYR C 320 42.19 10.25 14.69
CA TYR C 320 43.58 9.93 14.43
C TYR C 320 44.46 11.10 14.78
N ALA C 321 45.74 10.82 14.93
CA ALA C 321 46.69 11.90 15.11
C ALA C 321 46.88 12.63 13.80
N MET C 322 47.30 13.88 13.88
CA MET C 322 47.40 14.69 12.68
C MET C 322 48.59 14.33 11.82
N ASP C 323 49.46 13.44 12.27
CA ASP C 323 50.56 12.99 11.44
C ASP C 323 50.10 12.04 10.35
N ARG C 324 48.89 11.51 10.45
CA ARG C 324 48.37 10.62 9.45
C ARG C 324 47.59 11.33 8.36
N PHE C 325 47.25 12.59 8.57
CA PHE C 325 46.45 13.32 7.60
C PHE C 325 47.35 14.12 6.68
N HIS C 326 46.99 14.18 5.41
CA HIS C 326 47.77 14.92 4.44
C HIS C 326 46.82 15.50 3.41
N GLN C 327 46.65 16.81 3.40
CA GLN C 327 45.80 17.46 2.41
C GLN C 327 46.68 18.16 1.39
N PHE C 328 46.41 17.91 0.11
CA PHE C 328 47.17 18.48 -0.99
C PHE C 328 46.22 19.24 -1.89
N GLU C 329 46.51 20.52 -2.12
CA GLU C 329 45.73 21.31 -3.06
C GLU C 329 46.33 21.24 -4.44
N GLY C 330 45.46 21.33 -5.45
CA GLY C 330 45.89 21.24 -6.82
C GLY C 330 46.41 19.88 -7.23
N TYR C 331 46.09 18.85 -6.47
CA TYR C 331 46.69 17.55 -6.70
C TYR C 331 46.00 16.84 -7.85
N ARG C 332 46.79 16.16 -8.65
CA ARG C 332 46.31 15.55 -9.89
C ARG C 332 46.49 14.04 -9.80
N GLN C 333 45.39 13.34 -9.57
CA GLN C 333 45.40 11.90 -9.54
C GLN C 333 45.66 11.33 -10.92
N ARG C 334 46.56 10.36 -11.00
CA ARG C 334 46.81 9.68 -12.26
C ARG C 334 45.69 8.71 -12.55
N ASP C 335 44.99 8.92 -13.66
CA ASP C 335 43.99 7.95 -14.08
C ASP C 335 44.71 6.74 -14.66
N LEU C 336 44.61 5.61 -13.98
CA LEU C 336 45.49 4.49 -14.28
C LEU C 336 45.17 3.81 -15.60
N ASP C 337 43.96 3.93 -16.10
CA ASP C 337 43.67 3.30 -17.39
C ASP C 337 44.19 4.14 -18.53
N THR C 338 43.76 5.38 -18.61
CA THR C 338 44.14 6.24 -19.72
C THR C 338 45.52 6.84 -19.55
N ARG C 339 46.19 6.56 -18.43
CA ARG C 339 47.56 6.98 -18.15
C ARG C 339 47.73 8.49 -18.18
N ALA C 340 46.67 9.21 -17.83
CA ALA C 340 46.67 10.65 -17.86
C ALA C 340 46.43 11.20 -16.46
N LEU C 341 46.48 12.51 -16.35
CA LEU C 341 46.36 13.19 -15.08
C LEU C 341 45.06 13.97 -15.06
N LEU C 342 44.28 13.78 -14.00
CA LEU C 342 42.98 14.39 -13.93
C LEU C 342 43.10 15.86 -13.51
N GLU C 343 41.95 16.53 -13.41
CA GLU C 343 41.92 17.93 -13.08
C GLU C 343 42.32 18.16 -11.62
N PRO C 344 42.86 19.32 -11.30
CA PRO C 344 43.25 19.58 -9.92
C PRO C 344 42.05 19.80 -9.03
N ALA C 345 42.10 19.17 -7.86
CA ALA C 345 41.15 19.39 -6.78
C ALA C 345 41.84 18.98 -5.49
N ALA C 346 41.40 19.58 -4.39
CA ALA C 346 42.04 19.34 -3.10
C ALA C 346 41.72 17.93 -2.64
N ARG C 347 42.73 17.08 -2.56
CA ARG C 347 42.55 15.66 -2.34
C ARG C 347 43.17 15.25 -1.02
N ASN C 348 42.36 14.68 -0.14
CA ASN C 348 42.86 14.26 1.16
C ASN C 348 43.55 12.91 1.08
N PHE C 349 44.29 12.59 2.14
CA PHE C 349 44.91 11.30 2.29
C PHE C 349 44.98 11.02 3.78
N LEU C 350 44.53 9.85 4.20
CA LEU C 350 44.61 9.46 5.60
C LEU C 350 45.26 8.09 5.70
N VAL C 351 46.18 7.91 6.63
CA VAL C 351 46.96 6.69 6.73
C VAL C 351 46.41 5.90 7.92
N THR C 352 45.45 5.04 7.64
CA THR C 352 44.92 4.14 8.62
C THR C 352 45.95 3.05 8.91
N PRO C 353 45.90 2.40 10.07
CA PRO C 353 46.74 1.22 10.27
C PRO C 353 46.51 0.01 9.38
N HIS C 354 45.62 0.08 8.41
CA HIS C 354 45.55 -0.98 7.43
C HIS C 354 45.53 -0.52 5.99
N LEU C 355 45.17 0.72 5.70
CA LEU C 355 45.07 1.15 4.31
C LEU C 355 45.21 2.66 4.27
N THR C 356 44.97 3.23 3.09
CA THR C 356 45.15 4.66 2.88
C THR C 356 43.97 5.18 2.09
N VAL C 357 43.10 5.92 2.74
CA VAL C 357 41.95 6.48 2.05
C VAL C 357 42.39 7.74 1.35
N GLY C 358 41.94 7.91 0.12
CA GLY C 358 42.18 9.19 -0.53
C GLY C 358 40.96 9.65 -1.26
N TRP C 359 40.42 10.81 -0.90
CA TRP C 359 39.22 11.28 -1.54
C TRP C 359 39.36 12.76 -1.82
N ASN C 360 38.49 13.29 -2.64
CA ASN C 360 38.54 14.70 -2.97
C ASN C 360 37.77 15.49 -1.92
N TRP C 361 38.40 16.51 -1.38
CA TRP C 361 37.78 17.26 -0.30
C TRP C 361 36.77 18.23 -0.86
N LYS C 362 35.59 18.29 -0.25
CA LYS C 362 34.56 19.22 -0.64
C LYS C 362 33.95 19.80 0.62
N PRO C 363 33.60 21.08 0.62
CA PRO C 363 33.17 21.73 1.87
C PRO C 363 31.79 21.26 2.28
N LYS C 364 31.55 21.34 3.59
CA LYS C 364 30.39 20.68 4.17
C LYS C 364 29.10 21.31 3.72
N ARG C 365 29.09 22.62 3.56
CA ARG C 365 27.83 23.32 3.33
C ARG C 365 27.29 23.13 1.94
N THR C 366 28.04 22.56 1.02
CA THR C 366 27.54 22.35 -0.33
C THR C 366 27.31 20.87 -0.64
N GLU C 367 27.39 20.00 0.34
CA GLU C 367 27.26 18.58 0.07
C GLU C 367 26.10 17.94 0.82
N VAL C 368 25.99 18.15 2.11
CA VAL C 368 24.94 17.53 2.88
C VAL C 368 23.81 18.53 3.05
N CYS C 369 22.65 18.00 3.41
CA CYS C 369 21.46 18.82 3.54
C CYS C 369 20.45 18.04 4.34
N SER C 370 19.83 18.68 5.32
CA SER C 370 18.86 17.96 6.13
C SER C 370 17.55 17.76 5.42
N LEU C 371 17.27 18.54 4.38
CA LEU C 371 15.98 18.47 3.71
C LEU C 371 16.20 18.24 2.22
N VAL C 372 15.29 17.49 1.63
CA VAL C 372 15.36 17.15 0.21
C VAL C 372 13.96 17.29 -0.34
N LYS C 373 13.87 17.61 -1.64
CA LYS C 373 12.58 17.90 -2.25
C LYS C 373 11.74 16.65 -2.34
N TRP C 374 10.50 16.75 -1.92
CA TRP C 374 9.58 15.64 -2.07
C TRP C 374 8.74 15.74 -3.34
N ARG C 375 8.19 16.91 -3.62
CA ARG C 375 7.30 17.07 -4.74
C ARG C 375 7.11 18.56 -4.98
N GLU C 376 7.34 19.02 -6.20
CA GLU C 376 6.93 20.37 -6.51
C GLU C 376 5.44 20.36 -6.81
N VAL C 377 4.78 21.50 -6.57
CA VAL C 377 3.35 21.61 -6.83
C VAL C 377 3.11 22.87 -7.64
N GLU C 378 2.43 22.74 -8.78
CA GLU C 378 2.22 23.89 -9.64
C GLU C 378 1.11 24.79 -9.16
N ASP C 379 0.18 24.30 -8.34
CA ASP C 379 -0.88 25.16 -7.84
C ASP C 379 -1.42 24.65 -6.52
N VAL C 380 -1.49 25.52 -5.54
CA VAL C 380 -2.08 25.22 -4.25
C VAL C 380 -3.15 26.27 -3.99
N VAL C 381 -3.77 26.14 -2.83
CA VAL C 381 -4.73 27.11 -2.33
C VAL C 381 -4.47 27.21 -0.83
N ARG C 382 -4.20 28.41 -0.35
CA ARG C 382 -3.93 28.60 1.07
C ARG C 382 -5.18 29.11 1.77
N ASP C 383 -5.75 28.30 2.66
CA ASP C 383 -6.92 28.69 3.41
C ASP C 383 -6.50 29.40 4.69
N GLU C 384 -7.48 29.79 5.49
CA GLU C 384 -7.24 30.69 6.59
C GLU C 384 -8.02 30.25 7.83
N TYR C 385 -7.78 29.04 8.32
CA TYR C 385 -8.53 28.64 9.51
C TYR C 385 -7.99 29.35 10.75
N ALA C 386 -8.61 29.03 11.88
CA ALA C 386 -8.28 29.62 13.17
C ALA C 386 -6.89 29.15 13.58
N HIS C 387 -5.92 30.04 13.45
CA HIS C 387 -4.50 29.83 13.76
C HIS C 387 -3.89 28.69 12.96
N ASN C 388 -4.42 28.44 11.77
CA ASN C 388 -3.93 27.35 10.94
C ASN C 388 -3.99 27.77 9.50
N PHE C 389 -3.10 27.21 8.68
CA PHE C 389 -3.21 27.31 7.25
C PHE C 389 -3.52 25.95 6.67
N ARG C 390 -4.19 25.92 5.52
CA ARG C 390 -4.45 24.70 4.79
C ARG C 390 -3.91 24.84 3.39
N PHE C 391 -3.00 23.96 3.01
CA PHE C 391 -2.37 23.99 1.70
C PHE C 391 -3.01 22.91 0.83
N THR C 392 -4.14 23.25 0.25
CA THR C 392 -4.89 22.30 -0.56
C THR C 392 -4.21 22.11 -1.92
N MET C 393 -3.76 20.90 -2.18
CA MET C 393 -2.98 20.60 -3.37
C MET C 393 -3.81 19.65 -4.22
N LYS C 394 -4.66 20.21 -5.06
CA LYS C 394 -5.68 19.39 -5.69
C LYS C 394 -5.14 18.51 -6.80
N THR C 395 -3.94 18.79 -7.30
CA THR C 395 -3.35 17.85 -8.25
C THR C 395 -2.85 16.60 -7.55
N LEU C 396 -2.42 16.75 -6.31
CA LEU C 396 -1.93 15.62 -5.54
C LEU C 396 -2.99 14.99 -4.66
N SER C 397 -4.18 15.60 -4.59
CA SER C 397 -5.26 15.19 -3.70
C SER C 397 -4.81 15.16 -2.25
N THR C 398 -4.15 16.23 -1.83
CA THR C 398 -3.42 16.24 -0.57
C THR C 398 -3.57 17.61 0.07
N THR C 399 -3.70 17.64 1.39
CA THR C 399 -3.88 18.89 2.13
C THR C 399 -2.97 18.89 3.35
N PHE C 400 -2.12 19.90 3.46
CA PHE C 400 -1.23 20.03 4.60
C PHE C 400 -1.72 21.15 5.51
N ILE C 401 -1.47 21.01 6.80
CA ILE C 401 -1.97 21.93 7.82
C ILE C 401 -0.78 22.45 8.60
N SER C 402 -0.74 23.76 8.82
CA SER C 402 0.34 24.36 9.58
C SER C 402 -0.19 25.21 10.71
N GLU C 403 0.68 25.97 11.35
CA GLU C 403 0.26 27.07 12.19
C GLU C 403 0.60 28.35 11.48
N THR C 404 -0.06 29.44 11.89
CA THR C 404 0.04 30.67 11.11
C THR C 404 1.37 31.38 11.23
N ASN C 405 2.20 31.00 12.20
CA ASN C 405 3.53 31.58 12.27
C ASN C 405 4.40 31.04 11.15
N GLU C 406 5.36 31.84 10.75
CA GLU C 406 6.38 31.37 9.84
C GLU C 406 7.31 30.41 10.58
N PHE C 407 8.15 29.71 9.84
CA PHE C 407 9.11 28.81 10.44
C PHE C 407 10.51 29.27 10.10
N ASN C 408 11.31 29.52 11.12
CA ASN C 408 12.70 29.92 10.91
C ASN C 408 13.52 28.67 10.71
N LEU C 409 14.00 28.46 9.48
CA LEU C 409 14.78 27.28 9.15
C LEU C 409 16.14 27.24 9.81
N ASN C 410 16.58 28.33 10.43
CA ASN C 410 17.85 28.30 11.11
C ASN C 410 17.80 27.53 12.43
N GLN C 411 16.62 27.12 12.88
CA GLN C 411 16.51 26.18 13.97
C GLN C 411 16.93 24.77 13.59
N ILE C 412 17.17 24.51 12.31
CA ILE C 412 17.48 23.17 11.83
C ILE C 412 18.91 23.17 11.34
N HIS C 413 19.66 22.14 11.73
CA HIS C 413 21.00 21.96 11.19
C HIS C 413 20.93 21.74 9.70
N LEU C 414 21.85 22.36 8.98
CA LEU C 414 22.15 22.09 7.58
C LEU C 414 20.94 22.37 6.70
N SER C 415 20.49 23.61 6.72
CA SER C 415 19.30 24.04 5.97
C SER C 415 19.67 25.03 4.88
N GLN C 416 20.87 24.92 4.34
CA GLN C 416 21.35 25.92 3.39
C GLN C 416 20.75 25.76 2.02
N CYS C 417 20.21 24.58 1.72
CA CYS C 417 19.81 24.28 0.35
C CYS C 417 18.52 24.98 -0.03
N VAL C 418 17.62 25.15 0.94
CA VAL C 418 16.20 25.20 0.64
C VAL C 418 15.82 26.50 -0.03
N LYS C 419 16.09 27.63 0.62
CA LYS C 419 15.74 28.91 0.00
C LYS C 419 16.57 29.20 -1.24
N GLU C 420 17.74 28.61 -1.36
CA GLU C 420 18.47 28.70 -2.61
C GLU C 420 17.76 27.91 -3.69
N GLU C 421 17.39 26.66 -3.39
CA GLU C 421 16.90 25.77 -4.43
C GLU C 421 15.46 26.08 -4.80
N ALA C 422 14.63 26.49 -3.84
CA ALA C 422 13.22 26.72 -4.13
C ALA C 422 13.03 27.96 -4.99
N ARG C 423 13.94 28.92 -4.91
CA ARG C 423 13.87 30.05 -5.81
C ARG C 423 14.16 29.64 -7.24
N ALA C 424 14.96 28.61 -7.43
CA ALA C 424 15.20 28.13 -8.79
C ALA C 424 13.98 27.44 -9.37
N ILE C 425 13.10 26.92 -8.52
CA ILE C 425 11.97 26.14 -8.99
C ILE C 425 10.74 27.00 -9.19
N ILE C 426 10.43 27.85 -8.22
CA ILE C 426 9.27 28.72 -8.32
C ILE C 426 9.44 29.73 -9.45
N ASN C 427 10.66 30.23 -9.65
CA ASN C 427 10.89 31.10 -10.78
C ASN C 427 10.84 30.36 -12.10
N ARG C 428 10.98 29.04 -12.10
CA ARG C 428 10.69 28.32 -13.33
C ARG C 428 9.21 28.25 -13.58
N ILE C 429 8.44 27.89 -12.55
CA ILE C 429 7.01 27.63 -12.73
C ILE C 429 6.25 28.92 -13.01
N TYR C 430 6.55 29.97 -12.26
CA TYR C 430 5.91 31.26 -12.48
C TYR C 430 6.27 31.84 -13.85
N THR C 431 7.44 31.49 -14.36
CA THR C 431 7.77 31.84 -15.73
C THR C 431 6.94 31.02 -16.71
N THR C 432 6.95 29.70 -16.56
CA THR C 432 6.43 28.86 -17.63
C THR C 432 4.92 28.78 -17.65
N ARG C 433 4.24 29.10 -16.55
CA ARG C 433 2.80 28.90 -16.50
C ARG C 433 2.03 30.16 -16.16
N TYR C 434 2.47 30.88 -15.13
CA TYR C 434 1.77 32.06 -14.63
C TYR C 434 2.37 33.33 -15.18
N ASN C 435 2.80 33.27 -16.44
CA ASN C 435 3.51 34.39 -17.06
C ASN C 435 2.60 35.58 -17.26
N SER C 436 1.37 35.33 -17.70
CA SER C 436 0.46 36.39 -18.07
C SER C 436 -0.64 36.63 -17.04
N SER C 437 -1.07 35.60 -16.33
CA SER C 437 -2.28 35.72 -15.54
C SER C 437 -2.04 36.16 -14.12
N HIS C 438 -0.83 36.01 -13.59
CA HIS C 438 -0.61 36.21 -12.18
C HIS C 438 0.67 36.98 -11.92
N VAL C 439 0.75 37.53 -10.72
CA VAL C 439 1.91 38.29 -10.29
C VAL C 439 2.13 37.95 -8.82
N ARG C 440 3.38 38.01 -8.40
CA ARG C 440 3.75 37.57 -7.06
C ARG C 440 3.28 38.59 -6.03
N THR C 441 3.37 38.20 -4.76
CA THR C 441 3.00 39.08 -3.67
C THR C 441 4.04 38.99 -2.56
N GLY C 442 5.30 39.14 -2.94
CA GLY C 442 6.37 39.14 -1.99
C GLY C 442 7.24 37.90 -2.10
N ASP C 443 8.14 37.77 -1.14
CA ASP C 443 9.11 36.69 -1.15
C ASP C 443 8.43 35.38 -0.79
N ILE C 444 9.11 34.27 -1.06
CA ILE C 444 8.69 32.96 -0.60
C ILE C 444 8.61 32.91 0.91
N GLN C 445 7.83 31.98 1.41
CA GLN C 445 7.67 31.82 2.84
C GLN C 445 8.01 30.39 3.22
N THR C 446 7.92 30.08 4.49
CA THR C 446 8.36 28.78 4.98
C THR C 446 7.45 28.33 6.11
N TYR C 447 6.70 27.26 5.87
CA TYR C 447 5.77 26.76 6.84
C TYR C 447 6.13 25.33 7.19
N LEU C 448 6.04 25.00 8.47
CA LEU C 448 6.23 23.64 8.94
C LEU C 448 4.87 22.99 8.97
N ALA C 449 4.58 22.18 7.95
CA ALA C 449 3.31 21.50 7.90
C ALA C 449 3.26 20.38 8.92
N ARG C 450 2.06 20.00 9.28
CA ARG C 450 1.89 18.98 10.29
C ARG C 450 2.27 17.63 9.74
N GLY C 451 3.06 16.88 10.50
CA GLY C 451 3.57 15.61 10.04
C GLY C 451 5.03 15.64 9.76
N GLY C 452 5.64 16.81 9.74
CA GLY C 452 7.06 16.92 9.49
C GLY C 452 7.44 17.27 8.09
N PHE C 453 6.63 18.03 7.38
CA PHE C 453 6.97 18.50 6.04
C PHE C 453 7.26 19.98 6.11
N VAL C 454 8.09 20.46 5.21
CA VAL C 454 8.40 21.87 5.09
C VAL C 454 7.80 22.37 3.78
N VAL C 455 6.90 23.32 3.87
CA VAL C 455 6.18 23.81 2.71
C VAL C 455 6.71 25.19 2.40
N VAL C 456 7.38 25.34 1.26
CA VAL C 456 7.88 26.62 0.81
C VAL C 456 6.84 27.19 -0.14
N PHE C 457 6.15 28.23 0.31
CA PHE C 457 5.00 28.75 -0.41
C PHE C 457 5.30 30.15 -0.92
N GLN C 458 5.13 30.34 -2.23
CA GLN C 458 5.16 31.66 -2.83
C GLN C 458 3.75 32.11 -3.12
N PRO C 459 3.29 33.21 -2.55
CA PRO C 459 1.93 33.65 -2.84
C PRO C 459 1.84 34.20 -4.25
N LEU C 460 0.67 34.01 -4.86
CA LEU C 460 0.40 34.64 -6.12
C LEU C 460 -0.91 35.41 -6.02
N LEU C 461 -1.24 36.07 -7.12
CA LEU C 461 -2.41 36.91 -7.21
C LEU C 461 -2.65 37.18 -8.68
N SER C 462 -3.90 37.07 -9.11
CA SER C 462 -4.23 37.34 -10.49
C SER C 462 -4.14 38.83 -10.80
N ASN C 463 -4.34 39.16 -12.07
CA ASN C 463 -4.20 40.52 -12.52
C ASN C 463 -5.29 41.42 -11.98
N SER C 464 -6.41 40.85 -11.56
CA SER C 464 -7.50 41.62 -10.98
C SER C 464 -7.22 41.93 -9.52
N ASN C 503 19.10 24.11 18.43
CA ASN C 503 18.94 23.53 17.12
C ASN C 503 18.49 22.07 17.19
N ARG C 504 17.70 21.66 16.21
CA ARG C 504 17.09 20.34 16.20
C ARG C 504 17.00 19.84 14.77
N THR C 505 16.32 18.71 14.57
CA THR C 505 16.24 18.07 13.28
C THR C 505 14.80 17.64 13.02
N ILE C 506 14.32 17.87 11.80
CA ILE C 506 12.96 17.54 11.42
C ILE C 506 12.82 16.03 11.24
N THR C 507 11.72 15.47 11.70
CA THR C 507 11.43 14.06 11.50
C THR C 507 10.07 13.91 10.83
N THR C 508 10.05 13.30 9.65
CA THR C 508 8.87 13.21 8.82
C THR C 508 8.29 11.82 8.90
N THR C 509 6.95 11.73 8.98
CA THR C 509 6.28 10.44 9.08
C THR C 509 6.43 9.66 7.78
N SER C 510 6.28 8.35 7.89
CA SER C 510 6.45 7.48 6.75
C SER C 510 5.15 7.23 6.00
N SER C 511 4.23 8.18 6.04
CA SER C 511 2.95 8.01 5.39
C SER C 511 2.32 9.36 5.16
N VAL C 512 1.70 9.55 4.01
CA VAL C 512 0.92 10.75 3.75
C VAL C 512 -0.56 10.46 3.64
N GLU C 513 -0.99 9.28 4.03
CA GLU C 513 -2.40 8.96 3.91
C GLU C 513 -3.27 9.67 4.92
N PHE C 514 -2.70 10.35 5.91
CA PHE C 514 -3.53 11.24 6.69
C PHE C 514 -3.90 12.46 5.87
N ALA C 515 -2.99 12.94 5.04
CA ALA C 515 -3.24 14.18 4.35
C ALA C 515 -4.16 13.99 3.18
N MET C 516 -4.15 12.80 2.58
CA MET C 516 -5.15 12.49 1.57
C MET C 516 -6.52 12.41 2.20
N LEU C 517 -6.60 11.82 3.39
CA LEU C 517 -7.83 11.87 4.16
C LEU C 517 -8.18 13.27 4.58
N GLN C 518 -7.18 14.11 4.82
CA GLN C 518 -7.47 15.49 5.13
C GLN C 518 -8.07 16.19 3.93
N PHE C 519 -7.63 15.81 2.74
CA PHE C 519 -8.20 16.41 1.55
C PHE C 519 -9.54 15.81 1.20
N THR C 520 -9.66 14.48 1.31
CA THR C 520 -10.89 13.81 0.91
C THR C 520 -12.03 14.18 1.83
N TYR C 521 -11.75 14.31 3.12
CA TYR C 521 -12.80 14.78 4.01
C TYR C 521 -13.15 16.21 3.72
N ASP C 522 -12.15 17.05 3.47
CA ASP C 522 -12.46 18.45 3.22
C ASP C 522 -13.16 18.65 1.89
N HIS C 523 -12.90 17.81 0.91
CA HIS C 523 -13.54 18.02 -0.37
C HIS C 523 -14.98 17.57 -0.34
N ILE C 524 -15.34 16.68 0.56
CA ILE C 524 -16.74 16.31 0.72
C ILE C 524 -17.43 17.29 1.63
N GLN C 525 -16.81 17.61 2.76
CA GLN C 525 -17.38 18.54 3.72
C GLN C 525 -17.60 19.92 3.14
N GLU C 526 -16.75 20.34 2.21
CA GLU C 526 -17.01 21.58 1.51
C GLU C 526 -18.22 21.46 0.62
N HIS C 527 -18.37 20.35 -0.07
CA HIS C 527 -19.43 20.27 -1.05
C HIS C 527 -20.79 19.97 -0.44
N VAL C 528 -20.82 19.06 0.52
CA VAL C 528 -22.09 18.68 1.12
C VAL C 528 -22.68 19.85 1.90
N ASN C 529 -21.83 20.63 2.55
CA ASN C 529 -22.32 21.83 3.24
C ASN C 529 -22.84 22.85 2.26
N GLU C 530 -22.31 22.87 1.05
CA GLU C 530 -22.78 23.84 0.08
C GLU C 530 -24.15 23.47 -0.45
N MET C 531 -24.39 22.18 -0.68
CA MET C 531 -25.69 21.77 -1.17
C MET C 531 -26.74 21.86 -0.08
N LEU C 532 -26.39 21.46 1.15
CA LEU C 532 -27.34 21.56 2.25
C LEU C 532 -27.65 23.00 2.60
N ALA C 533 -26.74 23.91 2.33
CA ALA C 533 -27.09 25.31 2.45
C ALA C 533 -28.09 25.72 1.38
N ARG C 534 -27.98 25.15 0.19
CA ARG C 534 -28.91 25.52 -0.86
C ARG C 534 -30.25 24.86 -0.66
N ILE C 535 -30.31 23.74 0.05
CA ILE C 535 -31.61 23.15 0.35
C ILE C 535 -32.33 23.98 1.37
N SER C 536 -31.63 24.40 2.42
CA SER C 536 -32.28 25.15 3.49
C SER C 536 -32.73 26.52 3.04
N SER C 537 -31.96 27.15 2.16
CA SER C 537 -32.36 28.45 1.66
C SER C 537 -33.58 28.33 0.76
N SER C 538 -33.55 27.39 -0.17
CA SER C 538 -34.68 27.24 -1.07
C SER C 538 -35.88 26.62 -0.38
N TRP C 539 -35.69 25.91 0.71
CA TRP C 539 -36.85 25.48 1.47
C TRP C 539 -37.52 26.67 2.12
N CYS C 540 -36.73 27.54 2.75
CA CYS C 540 -37.26 28.70 3.43
C CYS C 540 -37.91 29.67 2.48
N GLN C 541 -37.38 29.78 1.26
CA GLN C 541 -38.05 30.61 0.28
C GLN C 541 -39.34 29.99 -0.18
N LEU C 542 -39.40 28.67 -0.22
CA LEU C 542 -40.60 28.01 -0.70
C LEU C 542 -41.75 28.19 0.27
N GLN C 543 -41.51 27.90 1.54
CA GLN C 543 -42.55 27.97 2.54
C GLN C 543 -43.07 29.38 2.74
N ASN C 544 -42.22 30.38 2.49
CA ASN C 544 -42.68 31.76 2.56
C ASN C 544 -43.63 32.07 1.40
N ARG C 545 -43.31 31.59 0.20
CA ARG C 545 -44.23 31.76 -0.91
C ARG C 545 -45.46 30.90 -0.74
N GLU C 546 -45.35 29.77 -0.04
CA GLU C 546 -46.51 28.92 0.16
C GLU C 546 -47.51 29.55 1.11
N ARG C 547 -47.09 30.50 1.94
CA ARG C 547 -47.98 31.10 2.90
C ARG C 547 -49.10 31.86 2.23
N ALA C 548 -48.80 32.49 1.10
CA ALA C 548 -49.80 33.26 0.39
C ALA C 548 -50.88 32.36 -0.20
N LEU C 549 -50.52 31.13 -0.55
CA LEU C 549 -51.54 30.19 -0.99
C LEU C 549 -52.42 29.79 0.18
N TRP C 550 -51.84 29.64 1.35
CA TRP C 550 -52.63 29.33 2.53
C TRP C 550 -53.50 30.52 2.90
N SER C 551 -52.89 31.68 3.09
CA SER C 551 -53.63 32.85 3.53
C SER C 551 -54.61 33.35 2.48
N GLY C 552 -54.38 33.04 1.21
CA GLY C 552 -55.34 33.44 0.22
C GLY C 552 -56.52 32.52 0.07
N LEU C 553 -56.45 31.32 0.61
CA LEU C 553 -57.51 30.35 0.41
C LEU C 553 -58.42 30.19 1.61
N PHE C 554 -57.95 30.53 2.82
CA PHE C 554 -58.75 30.59 4.03
C PHE C 554 -60.13 31.25 3.96
N PRO C 555 -60.40 32.26 3.13
CA PRO C 555 -61.80 32.67 2.98
C PRO C 555 -62.67 31.66 2.27
N ILE C 556 -62.11 30.72 1.51
CA ILE C 556 -62.94 29.85 0.71
C ILE C 556 -63.47 28.70 1.53
N ASN C 557 -62.58 27.90 2.11
CA ASN C 557 -62.97 26.78 2.95
C ASN C 557 -62.06 26.76 4.15
N PRO C 558 -62.45 27.43 5.24
CA PRO C 558 -61.54 27.59 6.37
C PRO C 558 -61.37 26.32 7.15
N SER C 559 -62.39 25.47 7.17
CA SER C 559 -62.44 24.36 8.12
C SER C 559 -61.44 23.28 7.74
N ALA C 560 -61.46 22.86 6.48
CA ALA C 560 -60.56 21.81 6.04
C ALA C 560 -59.11 22.26 6.06
N LEU C 561 -58.87 23.56 5.84
CA LEU C 561 -57.51 24.05 5.87
C LEU C 561 -56.99 24.11 7.30
N ALA C 562 -57.80 24.63 8.22
CA ALA C 562 -57.38 24.72 9.60
C ALA C 562 -57.28 23.33 10.22
N SER C 563 -58.05 22.38 9.71
CA SER C 563 -57.94 21.01 10.20
C SER C 563 -56.62 20.39 9.80
N THR C 564 -56.07 20.80 8.67
CA THR C 564 -54.81 20.23 8.22
C THR C 564 -53.65 20.77 9.03
N ILE C 565 -53.74 22.03 9.44
CA ILE C 565 -52.66 22.62 10.22
C ILE C 565 -52.65 22.02 11.63
N LEU C 566 -53.81 21.80 12.20
CA LEU C 566 -53.88 21.45 13.60
C LEU C 566 -53.89 19.94 13.88
N ASP C 567 -53.88 19.10 12.83
CA ASP C 567 -53.94 17.64 12.95
C ASP C 567 -55.15 17.19 13.77
N GLN C 568 -56.28 17.85 13.54
CA GLN C 568 -57.40 17.78 14.45
C GLN C 568 -58.61 18.32 13.72
N ARG C 569 -59.67 17.52 13.64
CA ARG C 569 -60.83 17.91 12.87
C ARG C 569 -61.55 19.03 13.59
N VAL C 570 -61.40 20.25 13.08
CA VAL C 570 -61.96 21.43 13.76
C VAL C 570 -62.99 22.11 12.87
N LYS C 571 -63.60 23.17 13.39
CA LYS C 571 -64.57 23.96 12.66
C LYS C 571 -64.17 25.42 12.82
N ALA C 572 -63.89 26.09 11.71
CA ALA C 572 -63.33 27.42 11.77
C ALA C 572 -64.23 28.41 11.05
N ARG C 573 -64.08 29.68 11.41
CA ARG C 573 -64.76 30.77 10.73
C ARG C 573 -63.77 31.91 10.56
N ILE C 574 -64.10 32.82 9.67
CA ILE C 574 -63.28 33.99 9.42
C ILE C 574 -64.00 35.18 10.02
N LEU C 575 -63.49 35.68 11.14
CA LEU C 575 -64.09 36.82 11.80
C LEU C 575 -63.34 38.09 11.43
N GLY C 576 -63.49 38.46 10.16
CA GLY C 576 -62.80 39.65 9.68
C GLY C 576 -61.43 39.30 9.18
N ASP C 577 -60.42 39.47 10.03
CA ASP C 577 -59.04 39.20 9.64
C ASP C 577 -58.38 38.15 10.51
N VAL C 578 -59.14 37.46 11.36
CA VAL C 578 -58.62 36.39 12.19
C VAL C 578 -59.51 35.17 12.00
N ILE C 579 -59.10 34.08 12.64
CA ILE C 579 -59.77 32.80 12.52
C ILE C 579 -60.21 32.35 13.90
N SER C 580 -61.48 32.03 14.04
CA SER C 580 -62.00 31.46 15.27
C SER C 580 -62.28 30.00 15.04
N VAL C 581 -61.66 29.14 15.85
CA VAL C 581 -61.74 27.71 15.66
C VAL C 581 -62.66 27.13 16.72
N SER C 582 -62.98 25.85 16.55
CA SER C 582 -63.79 25.12 17.50
C SER C 582 -63.58 23.64 17.24
N ASN C 583 -63.50 22.86 18.30
CA ASN C 583 -63.20 21.43 18.17
C ASN C 583 -64.46 20.64 17.83
N CYS C 584 -64.31 19.70 16.91
CA CYS C 584 -65.41 18.84 16.51
C CYS C 584 -65.17 17.45 17.08
N PRO C 585 -65.89 17.04 18.11
CA PRO C 585 -65.71 15.70 18.65
C PRO C 585 -66.31 14.66 17.73
N GLU C 586 -66.05 13.40 18.07
CA GLU C 586 -66.58 12.29 17.31
C GLU C 586 -68.05 12.04 17.66
N LEU C 587 -68.60 11.03 17.03
CA LEU C 587 -69.90 10.50 17.39
C LEU C 587 -69.77 8.99 17.44
N GLY C 588 -69.72 8.43 18.65
CA GLY C 588 -69.44 7.02 18.83
C GLY C 588 -70.62 6.12 18.59
N SER C 589 -70.79 5.14 19.48
CA SER C 589 -71.84 4.14 19.31
C SER C 589 -73.13 4.64 19.94
N ASP C 590 -74.08 3.71 20.13
CA ASP C 590 -75.41 3.92 20.68
C ASP C 590 -76.18 5.00 19.93
N THR C 591 -76.04 5.00 18.62
CA THR C 591 -76.66 6.01 17.77
C THR C 591 -76.93 5.43 16.40
N ARG C 592 -78.19 5.43 15.98
CA ARG C 592 -78.59 4.98 14.65
C ARG C 592 -78.69 6.19 13.73
N ILE C 593 -78.36 5.99 12.46
CA ILE C 593 -78.33 7.06 11.47
C ILE C 593 -79.14 6.58 10.27
N ILE C 594 -80.21 7.28 9.96
CA ILE C 594 -81.09 6.90 8.87
C ILE C 594 -80.80 7.82 7.70
N LEU C 595 -80.18 7.26 6.67
CA LEU C 595 -79.95 7.99 5.43
C LEU C 595 -81.23 8.04 4.62
N GLN C 596 -81.60 9.25 4.18
CA GLN C 596 -82.87 9.43 3.49
C GLN C 596 -82.72 9.08 2.01
N ASN C 597 -83.77 9.34 1.24
CA ASN C 597 -83.78 9.13 -0.20
C ASN C 597 -83.93 10.43 -0.97
N SER C 598 -84.95 11.21 -0.66
CA SER C 598 -85.27 12.39 -1.46
C SER C 598 -84.47 13.57 -0.94
N MET C 599 -83.69 14.18 -1.83
CA MET C 599 -83.11 15.50 -1.57
C MET C 599 -84.01 16.62 -2.02
N ARG C 600 -85.29 16.36 -2.19
CA ARG C 600 -86.22 17.39 -2.59
C ARG C 600 -86.91 17.95 -1.36
N VAL C 601 -87.15 19.26 -1.38
CA VAL C 601 -88.00 19.86 -0.36
C VAL C 601 -89.41 19.33 -0.53
N SER C 602 -89.98 18.80 0.55
CA SER C 602 -91.31 18.21 0.52
C SER C 602 -92.34 19.29 0.26
N GLY C 603 -93.08 19.14 -0.85
CA GLY C 603 -94.04 20.13 -1.26
C GLY C 603 -93.50 21.00 -2.37
N SER C 604 -92.22 21.34 -2.31
CA SER C 604 -91.63 22.19 -3.33
C SER C 604 -91.04 21.36 -4.45
N THR C 605 -90.84 21.99 -5.58
CA THR C 605 -90.24 21.34 -6.73
C THR C 605 -89.03 22.09 -7.25
N THR C 606 -89.08 23.42 -7.28
CA THR C 606 -87.95 24.22 -7.72
C THR C 606 -86.90 24.40 -6.63
N ARG C 607 -87.18 23.97 -5.41
CA ARG C 607 -86.26 24.11 -4.29
C ARG C 607 -85.90 22.73 -3.79
N CYS C 608 -84.60 22.47 -3.69
CA CYS C 608 -84.11 21.16 -3.28
C CYS C 608 -82.88 21.35 -2.40
N TYR C 609 -82.50 20.27 -1.71
CA TYR C 609 -81.38 20.35 -0.79
C TYR C 609 -80.07 20.42 -1.56
N SER C 610 -79.01 20.77 -0.84
CA SER C 610 -77.67 20.81 -1.42
C SER C 610 -76.87 19.55 -1.13
N ARG C 611 -77.06 18.97 0.04
CA ARG C 611 -76.45 17.71 0.44
C ARG C 611 -77.54 16.85 1.06
N PRO C 612 -77.39 15.52 1.05
CA PRO C 612 -78.50 14.65 1.44
C PRO C 612 -78.84 14.75 2.92
N LEU C 613 -80.05 14.31 3.24
CA LEU C 613 -80.55 14.38 4.60
C LEU C 613 -80.20 13.12 5.36
N ILE C 614 -79.94 13.31 6.65
CA ILE C 614 -79.71 12.20 7.56
C ILE C 614 -80.78 12.26 8.64
N SER C 615 -80.95 11.15 9.35
CA SER C 615 -81.84 11.11 10.50
C SER C 615 -81.09 10.39 11.61
N ILE C 616 -80.63 11.17 12.58
CA ILE C 616 -79.81 10.66 13.67
C ILE C 616 -80.74 10.17 14.77
N VAL C 625 -82.78 13.00 15.79
CA VAL C 625 -82.32 14.26 15.22
C VAL C 625 -82.44 14.19 13.71
N GLU C 626 -83.09 15.20 13.12
CA GLU C 626 -83.35 15.26 11.69
C GLU C 626 -82.45 16.33 11.09
N GLY C 627 -81.24 15.94 10.70
CA GLY C 627 -80.29 16.86 10.12
C GLY C 627 -79.93 16.53 8.68
N GLN C 628 -78.70 16.87 8.28
CA GLN C 628 -78.25 16.59 6.92
C GLN C 628 -76.78 16.25 6.93
N LEU C 629 -76.33 15.67 5.84
CA LEU C 629 -74.96 15.19 5.71
C LEU C 629 -74.03 16.31 5.30
N GLY C 630 -72.84 16.33 5.91
CA GLY C 630 -71.79 17.24 5.53
C GLY C 630 -70.71 16.56 4.71
N THR C 631 -69.52 17.13 4.75
CA THR C 631 -68.39 16.67 3.96
C THR C 631 -67.30 16.15 4.89
N ASP C 632 -66.68 15.04 4.50
CA ASP C 632 -65.73 14.28 5.31
C ASP C 632 -66.36 13.88 6.65
N ASN C 633 -67.50 13.19 6.52
CA ASN C 633 -68.22 12.54 7.61
C ASN C 633 -68.73 13.52 8.66
N GLU C 634 -68.85 14.79 8.32
CA GLU C 634 -69.51 15.73 9.20
C GLU C 634 -71.01 15.48 9.12
N LEU C 635 -71.67 15.56 10.27
CA LEU C 635 -73.12 15.36 10.33
C LEU C 635 -73.71 16.67 10.81
N ILE C 636 -74.31 17.41 9.89
CA ILE C 636 -74.88 18.70 10.21
C ILE C 636 -76.21 18.49 10.90
N MET C 637 -76.41 19.13 12.04
CA MET C 637 -77.61 18.94 12.82
C MET C 637 -78.82 19.67 12.25
N SER C 638 -78.61 20.75 11.51
CA SER C 638 -79.71 21.45 10.87
C SER C 638 -79.94 20.87 9.48
N ARG C 639 -80.83 21.49 8.72
CA ARG C 639 -81.16 21.10 7.37
C ARG C 639 -81.20 22.32 6.46
N ASP C 640 -80.12 23.09 6.49
CA ASP C 640 -80.12 24.41 5.88
C ASP C 640 -79.56 24.45 4.48
N LEU C 641 -78.79 23.44 4.07
CA LEU C 641 -78.13 23.45 2.77
C LEU C 641 -79.15 23.17 1.68
N LEU C 642 -79.76 24.22 1.17
CA LEU C 642 -80.74 24.14 0.10
C LEU C 642 -80.20 24.87 -1.13
N GLU C 643 -80.81 24.60 -2.27
CA GLU C 643 -80.32 25.14 -3.53
C GLU C 643 -81.48 25.14 -4.52
N PRO C 644 -81.36 25.89 -5.61
CA PRO C 644 -82.29 25.69 -6.72
C PRO C 644 -82.16 24.27 -7.26
N CYS C 645 -83.32 23.67 -7.54
CA CYS C 645 -83.41 22.25 -7.81
C CYS C 645 -83.09 22.02 -9.28
N VAL C 646 -81.87 21.55 -9.56
CA VAL C 646 -81.32 21.50 -10.90
C VAL C 646 -81.40 20.07 -11.43
N ALA C 647 -81.89 19.91 -12.65
CA ALA C 647 -81.98 18.60 -13.27
C ALA C 647 -80.59 18.07 -13.64
N ASN C 648 -80.59 16.80 -14.08
CA ASN C 648 -79.38 16.00 -14.33
C ASN C 648 -78.51 15.93 -13.09
N HIS C 649 -79.15 15.83 -11.93
CA HIS C 649 -78.49 15.93 -10.64
C HIS C 649 -77.77 14.61 -10.35
N LYS C 650 -76.58 14.48 -10.90
CA LYS C 650 -75.75 13.30 -10.72
C LYS C 650 -74.65 13.70 -9.76
N ARG C 651 -74.79 13.30 -8.50
CA ARG C 651 -73.81 13.67 -7.48
C ARG C 651 -73.38 12.44 -6.71
N TYR C 652 -72.14 12.46 -6.23
CA TYR C 652 -71.73 11.46 -5.27
C TYR C 652 -71.49 12.14 -3.94
N PHE C 653 -71.42 11.34 -2.88
CA PHE C 653 -71.15 11.85 -1.54
C PHE C 653 -70.39 10.77 -0.78
N LEU C 654 -69.43 11.19 0.03
CA LEU C 654 -68.76 10.23 0.90
C LEU C 654 -69.67 9.92 2.08
N PHE C 655 -69.85 8.63 2.35
CA PHE C 655 -70.72 8.18 3.44
C PHE C 655 -70.03 7.02 4.15
N GLY C 656 -69.34 7.33 5.23
CA GLY C 656 -68.63 6.32 5.98
C GLY C 656 -67.48 5.74 5.19
N HIS C 657 -67.65 4.52 4.69
CA HIS C 657 -66.73 3.93 3.73
C HIS C 657 -67.44 3.60 2.44
N HIS C 658 -68.44 4.40 2.08
CA HIS C 658 -69.21 4.13 0.88
C HIS C 658 -69.53 5.44 0.16
N TYR C 659 -69.30 5.45 -1.14
CA TYR C 659 -69.73 6.58 -1.97
C TYR C 659 -71.16 6.32 -2.43
N VAL C 660 -72.04 7.23 -2.09
CA VAL C 660 -73.44 7.10 -2.44
C VAL C 660 -73.75 7.98 -3.66
N TYR C 661 -74.25 7.36 -4.70
CA TYR C 661 -74.65 8.05 -5.92
C TYR C 661 -76.12 8.42 -5.83
N TYR C 662 -76.43 9.69 -6.07
CA TYR C 662 -77.80 10.12 -6.28
C TYR C 662 -77.99 10.55 -7.71
N GLU C 663 -79.15 10.21 -8.26
CA GLU C 663 -79.57 10.74 -9.54
C GLU C 663 -80.93 11.40 -9.36
N ASP C 664 -80.99 12.69 -9.68
CA ASP C 664 -82.19 13.51 -9.57
C ASP C 664 -82.76 13.46 -8.17
N TYR C 665 -81.89 13.76 -7.21
CA TYR C 665 -82.22 14.00 -5.80
C TYR C 665 -82.78 12.77 -5.12
N ARG C 666 -82.49 11.59 -5.66
CA ARG C 666 -83.02 10.33 -5.14
C ARG C 666 -81.89 9.32 -5.08
N TYR C 667 -82.03 8.36 -4.17
CA TYR C 667 -81.00 7.35 -3.99
C TYR C 667 -80.97 6.42 -5.19
N VAL C 668 -79.77 5.90 -5.48
CA VAL C 668 -79.64 4.86 -6.49
C VAL C 668 -78.94 3.66 -5.89
N ARG C 669 -77.72 3.85 -5.42
CA ARG C 669 -76.91 2.73 -4.95
C ARG C 669 -75.85 3.27 -4.02
N GLU C 670 -74.95 2.39 -3.58
CA GLU C 670 -73.70 2.80 -2.99
C GLU C 670 -72.58 1.94 -3.59
N ILE C 671 -71.34 2.30 -3.24
CA ILE C 671 -70.17 1.62 -3.77
C ILE C 671 -69.03 1.86 -2.79
N ALA C 672 -68.14 0.88 -2.68
CA ALA C 672 -67.03 1.00 -1.73
C ALA C 672 -66.02 2.02 -2.20
N VAL C 673 -65.22 2.49 -1.24
CA VAL C 673 -64.29 3.60 -1.49
C VAL C 673 -63.21 3.19 -2.46
N HIS C 674 -62.57 2.05 -2.21
CA HIS C 674 -61.47 1.59 -3.05
C HIS C 674 -61.93 1.12 -4.43
N ASP C 675 -63.23 1.06 -4.68
CA ASP C 675 -63.71 0.84 -6.04
C ASP C 675 -63.50 2.07 -6.90
N VAL C 676 -63.55 3.25 -6.31
CA VAL C 676 -63.37 4.47 -7.08
C VAL C 676 -61.88 4.76 -7.19
N GLY C 677 -61.43 5.01 -8.41
CA GLY C 677 -60.01 5.21 -8.66
C GLY C 677 -59.48 6.48 -8.03
N MET C 678 -58.16 6.55 -7.93
CA MET C 678 -57.51 7.64 -7.22
C MET C 678 -56.56 8.36 -8.14
N ILE C 679 -56.40 9.65 -7.90
CA ILE C 679 -55.33 10.43 -8.49
C ILE C 679 -54.47 10.98 -7.38
N SER C 680 -53.19 11.14 -7.66
CA SER C 680 -52.17 11.34 -6.65
C SER C 680 -51.63 12.75 -6.72
N THR C 681 -51.82 13.51 -5.65
CA THR C 681 -51.15 14.79 -5.54
C THR C 681 -49.81 14.69 -4.86
N TYR C 682 -49.49 13.53 -4.31
CA TYR C 682 -48.18 13.32 -3.70
C TYR C 682 -47.15 13.25 -4.80
N VAL C 683 -46.02 13.91 -4.58
CA VAL C 683 -44.89 13.82 -5.49
C VAL C 683 -43.87 12.89 -4.83
N ASP C 684 -43.47 11.86 -5.52
CA ASP C 684 -42.63 10.84 -4.91
C ASP C 684 -41.21 11.35 -4.73
N LEU C 685 -40.53 10.78 -3.75
CA LEU C 685 -39.13 11.10 -3.49
C LEU C 685 -38.54 9.90 -2.76
N ASN C 686 -37.79 9.08 -3.48
CA ASN C 686 -37.27 7.84 -2.94
C ASN C 686 -35.82 8.09 -2.54
N LEU C 687 -35.64 8.62 -1.33
CA LEU C 687 -34.30 8.80 -0.78
C LEU C 687 -33.86 7.55 -0.07
N THR C 688 -32.58 7.26 -0.12
CA THR C 688 -32.05 5.98 0.33
C THR C 688 -30.79 6.18 1.13
N LEU C 689 -30.68 5.48 2.25
CA LEU C 689 -29.57 5.66 3.16
C LEU C 689 -28.30 5.01 2.63
N LEU C 690 -27.19 5.30 3.30
CA LEU C 690 -25.93 4.64 3.02
C LEU C 690 -25.79 3.38 3.86
N LYS C 691 -25.05 2.42 3.33
CA LYS C 691 -24.87 1.16 4.03
C LYS C 691 -23.76 1.28 5.07
N ASP C 692 -23.51 0.18 5.77
CA ASP C 692 -22.42 0.09 6.73
C ASP C 692 -21.29 -0.71 6.12
N ARG C 693 -20.06 -0.29 6.38
CA ARG C 693 -18.91 -0.92 5.79
C ARG C 693 -17.92 -1.32 6.86
N GLU C 694 -17.06 -2.25 6.50
CA GLU C 694 -15.93 -2.62 7.32
C GLU C 694 -14.70 -2.64 6.44
N PHE C 695 -13.65 -2.01 6.90
CA PHE C 695 -12.44 -1.86 6.11
C PHE C 695 -11.39 -2.77 6.70
N MET C 696 -11.03 -3.83 5.98
CA MET C 696 -10.07 -4.81 6.51
C MET C 696 -8.68 -4.20 6.52
N PRO C 697 -7.76 -4.61 7.42
CA PRO C 697 -6.40 -4.10 7.41
C PRO C 697 -5.59 -4.68 6.23
N LEU C 698 -5.82 -4.18 5.02
CA LEU C 698 -5.16 -4.74 3.81
C LEU C 698 -3.74 -4.18 3.70
N GLN C 699 -2.74 -5.06 3.75
CA GLN C 699 -1.32 -4.62 3.61
C GLN C 699 -0.70 -5.37 2.42
N VAL C 700 0.00 -4.66 1.54
CA VAL C 700 0.59 -5.31 0.33
C VAL C 700 1.71 -6.25 0.80
N TYR C 701 2.61 -5.78 1.67
CA TYR C 701 3.76 -6.60 2.14
C TYR C 701 3.84 -6.61 3.66
N THR C 702 3.93 -7.79 4.29
CA THR C 702 4.09 -7.90 5.72
C THR C 702 5.49 -7.45 6.13
N ARG C 703 5.72 -7.35 7.43
CA ARG C 703 7.06 -7.03 7.89
C ARG C 703 8.02 -8.19 7.69
N ASP C 704 7.49 -9.40 7.55
CA ASP C 704 8.34 -10.52 7.19
C ASP C 704 8.85 -10.37 5.77
N GLU C 705 7.97 -9.99 4.86
CA GLU C 705 8.36 -9.84 3.46
C GLU C 705 9.27 -8.65 3.26
N LEU C 706 9.17 -7.63 4.11
CA LEU C 706 10.05 -6.50 3.95
C LEU C 706 11.45 -6.77 4.47
N ARG C 707 11.61 -7.69 5.41
CA ARG C 707 12.93 -8.05 5.89
C ARG C 707 13.53 -9.22 5.14
N ASP C 708 12.87 -9.70 4.10
CA ASP C 708 13.28 -10.89 3.39
C ASP C 708 13.60 -10.55 1.95
N THR C 709 14.26 -9.42 1.74
CA THR C 709 14.68 -9.01 0.42
C THR C 709 16.18 -9.03 0.27
N GLY C 710 16.90 -9.38 1.30
CA GLY C 710 18.33 -9.33 1.25
C GLY C 710 18.95 -10.67 0.93
N LEU C 711 20.16 -10.59 0.40
CA LEU C 711 20.89 -11.81 0.11
C LEU C 711 21.35 -12.51 1.38
N LEU C 712 21.84 -11.75 2.34
CA LEU C 712 22.24 -12.31 3.61
C LEU C 712 21.68 -11.49 4.76
N ASP C 713 21.31 -12.16 5.83
CA ASP C 713 20.84 -11.51 7.05
C ASP C 713 21.92 -11.69 8.10
N TYR C 714 22.46 -10.56 8.59
CA TYR C 714 23.66 -10.59 9.42
C TYR C 714 23.44 -11.29 10.74
N SER C 715 22.29 -11.06 11.37
CA SER C 715 22.03 -11.75 12.62
C SER C 715 21.79 -13.23 12.39
N GLU C 716 21.26 -13.60 11.23
CA GLU C 716 21.00 -15.00 10.98
C GLU C 716 22.29 -15.75 10.70
N ILE C 717 23.24 -15.10 10.04
CA ILE C 717 24.53 -15.74 9.79
C ILE C 717 25.29 -15.92 11.08
N GLN C 718 25.25 -14.93 11.95
CA GLN C 718 26.01 -15.02 13.19
C GLN C 718 25.38 -16.00 14.16
N ARG C 719 24.09 -16.24 14.09
CA ARG C 719 23.53 -17.27 14.96
C ARG C 719 23.87 -18.66 14.49
N ARG C 720 24.42 -18.81 13.31
CA ARG C 720 24.87 -20.10 12.83
C ARG C 720 26.38 -20.21 12.80
N ASN C 721 27.09 -19.10 12.65
CA ASN C 721 28.54 -19.18 12.74
C ASN C 721 29.00 -19.32 14.17
N GLN C 722 28.41 -18.58 15.09
CA GLN C 722 29.05 -18.50 16.38
C GLN C 722 28.73 -19.67 17.29
N MET C 723 28.14 -20.74 16.77
CA MET C 723 28.18 -22.00 17.49
C MET C 723 28.87 -23.07 16.66
N HIS C 724 29.75 -22.65 15.76
CA HIS C 724 30.53 -23.62 14.99
C HIS C 724 31.43 -24.45 15.89
N SER C 725 32.07 -23.82 16.86
CA SER C 725 32.92 -24.60 17.74
C SER C 725 32.12 -25.39 18.74
N LEU C 726 30.85 -25.03 18.98
CA LEU C 726 30.04 -25.83 19.86
C LEU C 726 29.56 -27.11 19.20
N ARG C 727 29.14 -27.01 17.93
CA ARG C 727 28.52 -28.15 17.28
C ARG C 727 29.54 -29.19 16.92
N PHE C 728 30.69 -28.78 16.41
CA PHE C 728 31.59 -29.72 15.77
C PHE C 728 32.80 -30.06 16.60
N TYR C 729 32.90 -29.57 17.83
CA TYR C 729 34.00 -29.94 18.69
C TYR C 729 33.48 -30.08 20.10
N ASP C 730 34.22 -30.81 20.91
CA ASP C 730 33.89 -30.95 22.32
C ASP C 730 34.73 -29.95 23.09
N ILE C 731 34.08 -29.05 23.82
CA ILE C 731 34.78 -28.01 24.54
C ILE C 731 34.74 -28.21 26.03
N ASP C 732 34.15 -29.28 26.52
CA ASP C 732 34.05 -29.45 27.96
C ASP C 732 35.20 -30.26 28.52
N LYS C 733 35.64 -31.28 27.80
CA LYS C 733 36.68 -32.16 28.31
C LYS C 733 38.03 -31.46 28.28
N VAL C 734 38.91 -31.89 29.17
CA VAL C 734 40.30 -31.44 29.17
C VAL C 734 41.18 -32.68 29.12
N VAL C 735 42.44 -32.45 28.82
CA VAL C 735 43.41 -33.52 28.66
C VAL C 735 44.57 -33.27 29.61
N GLN C 736 44.91 -34.26 30.42
CA GLN C 736 46.04 -34.14 31.34
C GLN C 736 47.33 -34.58 30.66
N GLU D 20 45.69 -51.58 -22.19
CA GLU D 20 45.06 -50.39 -21.64
C GLU D 20 43.56 -50.55 -21.64
N VAL D 21 42.85 -49.44 -21.87
CA VAL D 21 41.41 -49.49 -22.01
C VAL D 21 41.08 -50.19 -23.32
N GLN D 22 40.23 -51.21 -23.25
CA GLN D 22 39.88 -51.96 -24.44
C GLN D 22 38.41 -52.27 -24.40
N LEU D 23 37.75 -52.13 -25.55
CA LEU D 23 36.32 -52.38 -25.67
C LEU D 23 36.10 -53.49 -26.69
N GLN D 24 36.12 -54.74 -26.22
CA GLN D 24 35.80 -55.85 -27.10
C GLN D 24 34.31 -55.83 -27.41
N GLN D 25 33.98 -56.18 -28.64
CA GLN D 25 32.63 -56.02 -29.16
C GLN D 25 32.26 -57.28 -29.94
N SER D 26 30.95 -57.50 -30.12
CA SER D 26 30.44 -58.83 -30.42
C SER D 26 30.79 -59.29 -31.84
N GLY D 27 31.16 -58.38 -32.70
CA GLY D 27 31.60 -58.78 -34.02
C GLY D 27 30.45 -58.86 -34.99
N PRO D 28 30.73 -59.30 -36.22
CA PRO D 28 29.74 -59.19 -37.30
C PRO D 28 28.56 -60.12 -37.09
N GLU D 29 27.45 -59.76 -37.74
CA GLU D 29 26.20 -60.46 -37.52
C GLU D 29 25.27 -60.21 -38.69
N LEU D 30 24.70 -61.28 -39.23
CA LEU D 30 23.66 -61.20 -40.24
C LEU D 30 22.38 -61.75 -39.63
N VAL D 31 21.24 -61.18 -40.02
CA VAL D 31 19.99 -61.49 -39.33
C VAL D 31 18.83 -61.30 -40.30
N LYS D 32 17.83 -62.18 -40.17
CA LYS D 32 16.60 -62.04 -40.90
C LYS D 32 15.78 -60.89 -40.32
N PRO D 33 14.95 -60.24 -41.14
CA PRO D 33 14.11 -59.15 -40.62
C PRO D 33 13.06 -59.65 -39.65
N GLY D 34 12.65 -58.77 -38.75
CA GLY D 34 11.69 -59.10 -37.72
C GLY D 34 12.26 -59.82 -36.52
N ALA D 35 13.53 -60.21 -36.55
CA ALA D 35 14.16 -60.98 -35.49
C ALA D 35 14.75 -60.05 -34.44
N SER D 36 15.59 -60.58 -33.58
CA SER D 36 16.26 -59.80 -32.55
C SER D 36 17.73 -60.16 -32.50
N VAL D 37 18.50 -59.26 -31.88
CA VAL D 37 19.95 -59.39 -31.76
C VAL D 37 20.31 -58.85 -30.39
N LYS D 38 21.53 -59.14 -29.94
CA LYS D 38 21.98 -58.65 -28.65
C LYS D 38 23.49 -58.44 -28.74
N ILE D 39 23.89 -57.19 -28.95
CA ILE D 39 25.29 -56.84 -29.17
C ILE D 39 25.94 -56.48 -27.85
N SER D 40 27.01 -57.17 -27.51
CA SER D 40 27.74 -56.89 -26.30
C SER D 40 28.93 -55.98 -26.59
N CYS D 41 29.32 -55.22 -25.58
CA CYS D 41 30.51 -54.37 -25.61
C CYS D 41 31.27 -54.67 -24.34
N LYS D 42 32.18 -55.63 -24.39
CA LYS D 42 32.92 -56.04 -23.20
C LYS D 42 34.06 -55.08 -22.95
N ALA D 43 34.20 -54.63 -21.72
CA ALA D 43 35.20 -53.63 -21.36
C ALA D 43 36.31 -54.25 -20.54
N SER D 44 37.50 -53.68 -20.67
CA SER D 44 38.67 -54.16 -19.96
C SER D 44 39.70 -53.05 -19.93
N GLY D 45 40.24 -52.78 -18.74
CA GLY D 45 41.26 -51.75 -18.58
C GLY D 45 40.89 -50.66 -17.60
N TYR D 46 39.70 -50.69 -17.01
CA TYR D 46 39.29 -49.68 -16.07
C TYR D 46 38.25 -50.28 -15.15
N THR D 47 38.00 -49.60 -14.04
CA THR D 47 36.91 -50.02 -13.17
C THR D 47 35.59 -49.72 -13.87
N PHE D 48 34.85 -50.77 -14.17
CA PHE D 48 33.76 -50.67 -15.13
C PHE D 48 32.56 -49.91 -14.58
N ALA D 49 32.38 -49.93 -13.27
CA ALA D 49 31.11 -49.52 -12.70
C ALA D 49 30.90 -48.01 -12.65
N ASP D 50 31.90 -47.19 -12.94
CA ASP D 50 31.71 -45.75 -12.87
C ASP D 50 32.06 -45.07 -14.19
N TYR D 51 31.63 -45.66 -15.30
CA TYR D 51 31.78 -45.03 -16.60
C TYR D 51 30.57 -45.40 -17.43
N THR D 52 29.84 -44.40 -17.91
CA THR D 52 28.67 -44.63 -18.72
C THR D 52 29.08 -45.21 -20.07
N MET D 53 28.24 -46.09 -20.59
CA MET D 53 28.50 -46.76 -21.85
C MET D 53 27.41 -46.37 -22.84
N HIS D 54 27.80 -45.67 -23.89
CA HIS D 54 26.89 -45.18 -24.92
C HIS D 54 26.84 -46.13 -26.10
N TRP D 55 26.07 -45.75 -27.09
CA TRP D 55 25.92 -46.53 -28.30
C TRP D 55 25.61 -45.57 -29.43
N VAL D 56 26.23 -45.76 -30.59
CA VAL D 56 25.95 -44.93 -31.74
C VAL D 56 25.57 -45.83 -32.91
N LYS D 57 25.11 -45.21 -33.98
CA LYS D 57 24.86 -45.92 -35.24
C LYS D 57 25.46 -45.12 -36.37
N GLN D 58 26.34 -45.75 -37.14
CA GLN D 58 26.82 -45.18 -38.38
C GLN D 58 26.30 -46.05 -39.52
N SER D 59 25.45 -45.47 -40.36
CA SER D 59 24.90 -46.19 -41.49
C SER D 59 25.97 -46.36 -42.57
N HIS D 60 25.59 -47.01 -43.66
CA HIS D 60 26.54 -47.36 -44.71
C HIS D 60 26.98 -46.11 -45.45
N GLY D 61 28.09 -45.52 -45.03
CA GLY D 61 28.59 -44.30 -45.61
C GLY D 61 27.93 -43.03 -45.13
N LYS D 62 26.87 -43.13 -44.34
CA LYS D 62 26.16 -41.96 -43.86
C LYS D 62 26.84 -41.42 -42.61
N SER D 63 26.17 -40.52 -41.91
CA SER D 63 26.75 -39.82 -40.78
C SER D 63 26.60 -40.65 -39.51
N LEU D 64 26.82 -40.02 -38.36
CA LEU D 64 26.78 -40.68 -37.06
C LEU D 64 25.55 -40.25 -36.29
N GLU D 65 24.94 -41.19 -35.58
CA GLU D 65 23.72 -40.91 -34.84
C GLU D 65 23.83 -41.51 -33.46
N TRP D 66 23.50 -40.72 -32.45
CA TRP D 66 23.52 -41.17 -31.07
C TRP D 66 22.32 -42.06 -30.80
N ILE D 67 22.48 -43.00 -29.88
CA ILE D 67 21.37 -43.89 -29.55
C ILE D 67 20.93 -43.70 -28.11
N GLY D 68 21.82 -43.97 -27.17
CA GLY D 68 21.44 -44.00 -25.79
C GLY D 68 22.59 -44.52 -24.97
N TYR D 69 22.42 -44.45 -23.66
CA TYR D 69 23.44 -44.98 -22.80
C TYR D 69 22.81 -45.59 -21.57
N ILE D 70 23.66 -46.18 -20.75
CA ILE D 70 23.24 -46.78 -19.51
C ILE D 70 24.34 -46.57 -18.49
N ASN D 71 23.96 -46.17 -17.30
CA ASN D 71 24.92 -46.05 -16.22
C ASN D 71 25.10 -47.42 -15.59
N PRO D 72 26.31 -47.98 -15.57
CA PRO D 72 26.49 -49.31 -14.99
C PRO D 72 26.34 -49.34 -13.48
N TYR D 73 26.42 -48.20 -12.81
CA TYR D 73 26.24 -48.27 -11.37
C TYR D 73 24.77 -48.22 -10.99
N SER D 74 24.08 -47.16 -11.37
CA SER D 74 22.75 -46.91 -10.87
C SER D 74 21.65 -47.38 -11.81
N LEU D 75 22.01 -47.96 -12.95
CA LEU D 75 21.07 -48.44 -13.97
C LEU D 75 20.13 -47.34 -14.45
N PHE D 76 20.72 -46.19 -14.73
CA PHE D 76 20.00 -45.07 -15.31
C PHE D 76 20.19 -45.07 -16.81
N ILE D 77 19.12 -44.77 -17.54
CA ILE D 77 19.12 -44.90 -19.00
C ILE D 77 18.57 -43.64 -19.63
N ASP D 78 19.31 -43.07 -20.58
CA ASP D 78 18.75 -42.16 -21.56
C ASP D 78 18.72 -42.85 -22.91
N SER D 79 17.93 -42.30 -23.83
CA SER D 79 17.94 -42.80 -25.19
C SER D 79 17.45 -41.71 -26.13
N ASN D 80 17.96 -41.76 -27.36
CA ASN D 80 17.43 -40.93 -28.42
C ASN D 80 16.02 -41.41 -28.75
N GLN D 81 15.06 -40.48 -28.81
CA GLN D 81 13.68 -40.87 -29.02
C GLN D 81 13.40 -41.30 -30.44
N LYS D 82 14.31 -41.06 -31.38
CA LYS D 82 14.18 -41.69 -32.67
C LYS D 82 14.46 -43.18 -32.58
N PHE D 83 15.18 -43.60 -31.55
CA PHE D 83 15.46 -45.01 -31.29
C PHE D 83 14.78 -45.46 -30.00
N LYS D 84 13.61 -44.89 -29.69
CA LYS D 84 12.98 -45.15 -28.42
C LYS D 84 12.36 -46.54 -28.33
N ASN D 85 12.14 -47.20 -29.47
CA ASN D 85 11.52 -48.51 -29.49
C ASN D 85 12.37 -49.58 -30.12
N LYS D 86 13.37 -49.19 -30.91
CA LYS D 86 14.22 -50.17 -31.57
C LYS D 86 15.10 -50.91 -30.57
N ALA D 87 15.69 -50.18 -29.64
CA ALA D 87 16.76 -50.70 -28.82
C ALA D 87 16.34 -50.81 -27.36
N THR D 88 17.04 -51.67 -26.65
CA THR D 88 17.00 -51.70 -25.20
C THR D 88 18.39 -52.05 -24.71
N LEU D 89 18.68 -51.64 -23.49
CA LEU D 89 20.04 -51.68 -22.97
C LEU D 89 20.05 -52.37 -21.63
N THR D 90 21.11 -53.11 -21.35
CA THR D 90 21.32 -53.68 -20.03
C THR D 90 22.80 -53.92 -19.83
N VAL D 91 23.16 -54.19 -18.58
CA VAL D 91 24.55 -54.33 -18.17
C VAL D 91 24.70 -55.62 -17.38
N ASP D 92 25.64 -56.47 -17.79
CA ASP D 92 26.06 -57.56 -16.93
C ASP D 92 27.02 -57.04 -15.87
N ASN D 93 26.62 -57.17 -14.62
CA ASN D 93 27.44 -56.73 -13.50
C ASN D 93 28.68 -57.60 -13.37
N SER D 94 28.56 -58.89 -13.69
CA SER D 94 29.63 -59.84 -13.42
C SER D 94 30.78 -59.68 -14.39
N SER D 95 30.53 -59.93 -15.67
CA SER D 95 31.60 -59.94 -16.66
C SER D 95 31.93 -58.55 -17.18
N TYR D 96 31.23 -57.53 -16.71
CA TYR D 96 31.45 -56.13 -17.05
C TYR D 96 31.28 -55.89 -18.56
N THR D 97 30.08 -56.19 -19.04
CA THR D 97 29.70 -55.96 -20.42
C THR D 97 28.43 -55.12 -20.45
N ALA D 98 28.16 -54.54 -21.61
CA ALA D 98 26.94 -53.77 -21.83
C ALA D 98 26.24 -54.31 -23.06
N TYR D 99 25.03 -54.79 -22.89
CA TYR D 99 24.28 -55.38 -23.99
C TYR D 99 23.30 -54.37 -24.56
N MET D 100 23.19 -54.37 -25.87
CA MET D 100 22.18 -53.59 -26.59
C MET D 100 21.35 -54.56 -27.40
N GLU D 101 20.09 -54.73 -27.04
CA GLU D 101 19.21 -55.66 -27.73
C GLU D 101 18.25 -54.88 -28.61
N LEU D 102 18.16 -55.28 -29.87
CA LEU D 102 17.28 -54.65 -30.84
C LEU D 102 16.06 -55.52 -31.12
N ARG D 103 14.88 -54.94 -30.95
CA ARG D 103 13.63 -55.61 -31.27
C ARG D 103 12.97 -54.88 -32.44
N SER D 104 12.22 -55.64 -33.23
CA SER D 104 11.50 -55.18 -34.41
C SER D 104 12.45 -54.54 -35.44
N LEU D 105 13.30 -55.40 -35.98
CA LEU D 105 14.31 -54.98 -36.94
C LEU D 105 13.69 -54.58 -38.27
N THR D 106 14.40 -53.72 -39.00
CA THR D 106 14.07 -53.35 -40.36
C THR D 106 15.30 -53.49 -41.25
N SER D 107 15.11 -53.23 -42.54
CA SER D 107 16.23 -53.27 -43.47
C SER D 107 17.14 -52.07 -43.31
N GLU D 108 16.59 -50.94 -42.86
CA GLU D 108 17.34 -49.70 -42.77
C GLU D 108 18.32 -49.67 -41.61
N ASP D 109 18.37 -50.72 -40.79
CA ASP D 109 19.31 -50.79 -39.69
C ASP D 109 20.63 -51.42 -40.10
N SER D 110 20.86 -51.61 -41.40
CA SER D 110 22.09 -52.24 -41.86
C SER D 110 23.24 -51.26 -41.65
N ALA D 111 23.92 -51.37 -40.52
CA ALA D 111 24.80 -50.30 -40.12
C ALA D 111 25.85 -50.80 -39.15
N VAL D 112 27.05 -50.24 -39.26
CA VAL D 112 28.11 -50.47 -38.29
C VAL D 112 27.75 -49.75 -37.00
N TYR D 113 27.78 -50.47 -35.89
CA TYR D 113 27.50 -49.83 -34.61
C TYR D 113 28.79 -49.66 -33.83
N TYR D 114 28.72 -48.91 -32.74
CA TYR D 114 29.85 -48.71 -31.86
C TYR D 114 29.36 -48.62 -30.43
N CYS D 115 30.30 -48.71 -29.50
CA CYS D 115 30.07 -48.41 -28.11
C CYS D 115 31.21 -47.54 -27.63
N ALA D 116 30.91 -46.59 -26.75
CA ALA D 116 31.92 -45.63 -26.36
C ALA D 116 31.80 -45.29 -24.90
N ARG D 117 32.93 -45.14 -24.25
CA ARG D 117 32.96 -44.82 -22.83
C ARG D 117 32.81 -43.32 -22.67
N PHE D 118 32.24 -42.90 -21.54
CA PHE D 118 31.96 -41.51 -21.31
C PHE D 118 31.82 -41.32 -19.81
N PRO D 119 32.27 -40.21 -19.25
CA PRO D 119 32.25 -40.04 -17.80
C PRO D 119 30.83 -39.91 -17.28
N PRO D 120 30.61 -40.13 -15.99
CA PRO D 120 29.27 -39.90 -15.45
C PRO D 120 28.90 -38.44 -15.34
N TYR D 121 29.85 -37.57 -15.04
CA TYR D 121 29.55 -36.16 -14.86
C TYR D 121 29.57 -35.43 -16.18
N TYR D 122 28.60 -34.53 -16.38
CA TYR D 122 28.72 -33.61 -17.50
C TYR D 122 29.60 -32.46 -17.07
N GLY D 123 30.90 -32.65 -17.26
CA GLY D 123 31.86 -31.57 -17.15
C GLY D 123 32.43 -31.29 -18.52
N PHE D 124 33.31 -30.30 -18.58
CA PHE D 124 33.93 -29.98 -19.86
C PHE D 124 34.99 -31.02 -20.24
N ASP D 125 35.40 -31.87 -19.30
CA ASP D 125 36.33 -32.95 -19.54
C ASP D 125 35.62 -34.25 -19.88
N SER D 126 34.44 -34.19 -20.48
CA SER D 126 33.64 -35.39 -20.70
C SER D 126 33.38 -35.55 -22.19
N HIS D 127 34.11 -36.47 -22.82
CA HIS D 127 33.94 -36.78 -24.23
C HIS D 127 34.02 -38.28 -24.40
N PHE D 128 33.67 -38.76 -25.59
CA PHE D 128 33.76 -40.20 -25.83
C PHE D 128 35.21 -40.61 -25.98
N ASP D 129 35.89 -40.87 -24.88
CA ASP D 129 37.34 -41.00 -24.91
C ASP D 129 37.83 -42.36 -25.37
N TYR D 130 36.97 -43.37 -25.45
CA TYR D 130 37.38 -44.69 -25.93
C TYR D 130 36.22 -45.35 -26.64
N TRP D 131 36.47 -45.82 -27.86
CA TRP D 131 35.45 -46.39 -28.71
C TRP D 131 35.65 -47.88 -28.85
N GLY D 132 34.59 -48.59 -29.17
CA GLY D 132 34.72 -49.98 -29.53
C GLY D 132 35.35 -50.13 -30.90
N GLN D 133 35.67 -51.36 -31.27
CA GLN D 133 36.21 -51.56 -32.61
C GLN D 133 35.13 -51.46 -33.67
N GLY D 134 33.88 -51.64 -33.28
CA GLY D 134 32.79 -51.49 -34.22
C GLY D 134 32.24 -52.80 -34.72
N THR D 135 31.12 -53.25 -34.16
CA THR D 135 30.42 -54.37 -34.77
C THR D 135 29.68 -53.90 -36.01
N ALA D 136 29.30 -54.87 -36.84
CA ALA D 136 28.64 -54.58 -38.10
C ALA D 136 27.45 -55.52 -38.23
N LEU D 137 26.27 -54.95 -38.44
CA LEU D 137 25.05 -55.73 -38.51
C LEU D 137 24.37 -55.45 -39.84
N THR D 138 23.97 -56.51 -40.54
CA THR D 138 23.22 -56.43 -41.78
C THR D 138 21.92 -57.17 -41.64
N VAL D 139 20.87 -56.64 -42.26
CA VAL D 139 19.54 -57.22 -42.21
C VAL D 139 19.14 -57.58 -43.64
N SER D 140 19.02 -58.88 -43.90
CA SER D 140 18.54 -59.39 -45.17
C SER D 140 18.04 -60.81 -44.94
N SER D 141 17.82 -61.54 -46.02
CA SER D 141 17.44 -62.94 -45.92
C SER D 141 18.55 -63.84 -46.45
N GLN E 20 17.70 -32.39 -31.63
CA GLN E 20 17.60 -32.17 -33.07
C GLN E 20 18.33 -30.91 -33.44
N ILE E 21 19.32 -30.57 -32.61
CA ILE E 21 20.13 -29.39 -32.86
C ILE E 21 21.07 -29.71 -34.00
N VAL E 22 20.73 -29.28 -35.20
CA VAL E 22 21.54 -29.63 -36.35
C VAL E 22 22.85 -28.88 -36.31
N LEU E 23 23.93 -29.58 -36.65
CA LEU E 23 25.28 -28.95 -36.61
C LEU E 23 25.88 -29.05 -38.01
N SER E 24 25.94 -27.95 -38.75
CA SER E 24 26.40 -28.03 -40.17
C SER E 24 27.91 -27.76 -40.27
N GLN E 25 28.70 -28.80 -40.56
CA GLN E 25 30.15 -28.59 -40.80
C GLN E 25 30.28 -28.02 -42.21
N SER E 26 30.04 -26.72 -42.38
CA SER E 26 30.01 -26.11 -43.74
C SER E 26 30.84 -26.89 -44.76
N PRO E 27 32.19 -26.79 -44.79
CA PRO E 27 32.96 -27.45 -45.86
C PRO E 27 32.57 -28.94 -45.89
N ALA E 28 32.16 -29.44 -47.05
CA ALA E 28 31.84 -30.89 -47.17
C ALA E 28 33.13 -31.67 -47.41
N ILE E 29 33.93 -31.25 -48.39
CA ILE E 29 35.24 -31.89 -48.66
C ILE E 29 36.28 -30.77 -48.76
N LEU E 30 37.26 -30.76 -47.86
CA LEU E 30 38.24 -29.64 -47.83
C LEU E 30 39.55 -30.09 -48.47
N SER E 31 39.78 -29.73 -49.73
CA SER E 31 41.05 -30.08 -50.42
C SER E 31 42.17 -29.23 -49.85
N ALA E 32 43.41 -29.73 -49.86
CA ALA E 32 44.51 -28.96 -49.22
C ALA E 32 45.87 -29.42 -49.73
N SER E 33 46.61 -28.55 -50.41
CA SER E 33 47.98 -28.89 -50.79
C SER E 33 48.82 -29.06 -49.54
N PRO E 34 49.53 -30.17 -49.40
CA PRO E 34 50.17 -30.50 -48.10
C PRO E 34 51.26 -29.55 -47.67
N GLY E 35 50.98 -28.80 -46.60
CA GLY E 35 51.93 -27.86 -46.05
C GLY E 35 51.31 -26.56 -45.57
N GLU E 36 50.14 -26.21 -46.11
CA GLU E 36 49.50 -24.93 -45.85
C GLU E 36 48.51 -25.05 -44.69
N LYS E 37 47.70 -24.02 -44.48
CA LYS E 37 46.67 -24.06 -43.45
C LYS E 37 45.29 -24.10 -44.09
N VAL E 38 44.35 -24.74 -43.40
CA VAL E 38 42.98 -24.88 -43.84
C VAL E 38 42.06 -24.50 -42.69
N THR E 39 40.75 -24.59 -42.92
CA THR E 39 39.78 -24.26 -41.89
C THR E 39 38.50 -25.07 -42.09
N MET E 40 37.81 -25.31 -40.99
CA MET E 40 36.55 -26.03 -41.00
C MET E 40 35.59 -25.36 -40.04
N THR E 41 34.31 -25.33 -40.40
CA THR E 41 33.30 -24.69 -39.58
C THR E 41 32.25 -25.71 -39.18
N CYS E 42 31.81 -25.65 -37.93
CA CYS E 42 30.63 -26.39 -37.45
C CYS E 42 29.63 -25.34 -37.03
N ARG E 43 28.53 -25.24 -37.77
CA ARG E 43 27.53 -24.21 -37.58
C ARG E 43 26.31 -24.80 -36.89
N ALA E 44 25.93 -24.22 -35.76
CA ALA E 44 24.89 -24.77 -34.90
C ALA E 44 23.59 -24.00 -35.06
N SER E 45 22.47 -24.70 -34.88
CA SER E 45 21.17 -24.06 -35.06
C SER E 45 20.85 -23.13 -33.90
N SER E 46 20.70 -23.69 -32.71
CA SER E 46 20.75 -22.91 -31.48
C SER E 46 22.13 -23.07 -30.89
N SER E 47 22.42 -22.33 -29.83
CA SER E 47 23.76 -22.33 -29.30
C SER E 47 24.05 -23.59 -28.51
N VAL E 48 25.34 -23.89 -28.35
CA VAL E 48 25.83 -25.03 -27.57
C VAL E 48 27.02 -24.54 -26.76
N SER E 49 27.10 -24.95 -25.49
CA SER E 49 28.22 -24.55 -24.63
C SER E 49 29.55 -25.04 -25.18
N TYR E 50 29.63 -26.31 -25.56
CA TYR E 50 30.89 -26.88 -26.00
C TYR E 50 30.67 -27.79 -27.20
N ILE E 51 31.28 -27.45 -28.31
CA ILE E 51 31.30 -28.37 -29.44
C ILE E 51 32.58 -29.18 -29.30
N TYR E 52 32.55 -30.40 -29.81
CA TYR E 52 33.72 -31.26 -29.78
C TYR E 52 34.11 -31.61 -31.21
N TRP E 53 35.09 -32.48 -31.34
CA TRP E 53 35.54 -32.92 -32.65
C TRP E 53 35.98 -34.37 -32.58
N TYR E 54 35.72 -35.12 -33.63
CA TYR E 54 36.10 -36.51 -33.71
C TYR E 54 36.49 -36.80 -35.14
N GLN E 55 37.59 -37.51 -35.34
CA GLN E 55 37.95 -37.92 -36.68
C GLN E 55 37.84 -39.43 -36.80
N GLN E 56 37.75 -39.89 -38.05
CA GLN E 56 37.63 -41.31 -38.33
C GLN E 56 38.33 -41.59 -39.64
N LYS E 57 39.47 -42.25 -39.59
CA LYS E 57 40.02 -42.84 -40.78
C LYS E 57 39.10 -43.96 -41.24
N PRO E 58 38.97 -44.17 -42.56
CA PRO E 58 37.96 -45.11 -43.06
C PRO E 58 38.24 -46.55 -42.67
N GLU E 59 37.16 -47.31 -42.55
CA GLU E 59 37.15 -48.69 -42.04
C GLU E 59 37.78 -48.77 -40.66
N SER E 60 37.41 -47.85 -39.78
CA SER E 60 37.98 -47.80 -38.44
C SER E 60 36.99 -47.13 -37.49
N SER E 61 37.34 -47.16 -36.22
CA SER E 61 36.56 -46.50 -35.20
C SER E 61 36.92 -45.02 -35.13
N PRO E 62 35.98 -44.18 -34.72
CA PRO E 62 36.29 -42.77 -34.54
C PRO E 62 37.24 -42.55 -33.38
N LYS E 63 37.88 -41.40 -33.38
CA LYS E 63 38.86 -41.13 -32.34
C LYS E 63 38.53 -39.84 -31.61
N PRO E 64 38.63 -39.83 -30.29
CA PRO E 64 38.46 -38.58 -29.53
C PRO E 64 39.54 -37.57 -29.84
N TRP E 65 39.14 -36.44 -30.41
CA TRP E 65 40.06 -35.58 -31.13
C TRP E 65 40.18 -34.20 -30.52
N ILE E 66 39.09 -33.50 -30.30
CA ILE E 66 39.09 -32.24 -29.57
C ILE E 66 37.91 -32.25 -28.61
N TYR E 67 38.19 -32.12 -27.32
CA TYR E 67 37.14 -31.89 -26.35
C TYR E 67 37.22 -30.46 -25.89
N ALA E 68 36.05 -29.95 -25.47
CA ALA E 68 35.88 -28.63 -24.85
C ALA E 68 36.33 -27.48 -25.75
N THR E 69 36.21 -27.67 -27.07
CA THR E 69 36.21 -26.66 -28.11
C THR E 69 37.59 -26.04 -28.35
N SER E 70 38.52 -26.22 -27.43
CA SER E 70 39.89 -25.80 -27.68
C SER E 70 40.93 -26.77 -27.16
N ASN E 71 40.59 -27.70 -26.28
CA ASN E 71 41.59 -28.60 -25.74
C ASN E 71 41.89 -29.68 -26.74
N LEU E 72 43.16 -29.78 -27.12
CA LEU E 72 43.61 -30.88 -27.95
C LEU E 72 43.60 -32.15 -27.12
N ALA E 73 43.29 -33.27 -27.76
CA ALA E 73 43.17 -34.51 -27.03
C ALA E 73 44.55 -35.05 -26.64
N SER E 74 44.54 -36.04 -25.77
CA SER E 74 45.77 -36.66 -25.30
C SER E 74 46.30 -37.56 -26.41
N GLY E 75 47.28 -37.04 -27.16
CA GLY E 75 47.87 -37.82 -28.22
C GLY E 75 47.50 -37.36 -29.61
N VAL E 76 47.39 -36.06 -29.82
CA VAL E 76 47.18 -35.50 -31.15
C VAL E 76 48.33 -34.54 -31.42
N PRO E 77 48.63 -34.28 -32.68
CA PRO E 77 49.66 -33.27 -32.99
C PRO E 77 49.21 -31.88 -32.63
N GLY E 78 50.17 -31.06 -32.23
CA GLY E 78 49.89 -29.69 -31.83
C GLY E 78 49.59 -28.75 -32.98
N ARG E 79 49.69 -29.22 -34.23
CA ARG E 79 49.38 -28.38 -35.37
C ARG E 79 47.89 -28.08 -35.50
N PHE E 80 47.06 -28.81 -34.79
CA PHE E 80 45.62 -28.67 -34.84
C PHE E 80 45.18 -27.56 -33.90
N SER E 81 44.05 -26.96 -34.24
CA SER E 81 43.54 -25.83 -33.47
C SER E 81 42.06 -25.72 -33.72
N GLY E 82 41.27 -25.84 -32.67
CA GLY E 82 39.83 -25.66 -32.73
C GLY E 82 39.45 -24.45 -31.90
N SER E 83 38.46 -23.71 -32.37
CA SER E 83 38.02 -22.52 -31.67
C SER E 83 36.56 -22.27 -32.02
N GLY E 84 36.08 -21.10 -31.63
CA GLY E 84 34.69 -20.73 -31.82
C GLY E 84 33.91 -20.75 -30.52
N SER E 85 32.79 -20.04 -30.53
CA SER E 85 31.90 -20.01 -29.38
C SER E 85 30.49 -19.70 -29.86
N GLY E 86 29.52 -20.00 -29.01
CA GLY E 86 28.15 -19.68 -29.34
C GLY E 86 27.60 -20.67 -30.35
N THR E 87 27.36 -20.19 -31.57
CA THR E 87 26.88 -21.05 -32.65
C THR E 87 27.94 -21.28 -33.72
N SER E 88 28.99 -20.49 -33.75
CA SER E 88 30.08 -20.68 -34.70
C SER E 88 31.22 -21.41 -34.03
N TYR E 89 31.78 -22.39 -34.72
CA TYR E 89 32.91 -23.13 -34.17
C TYR E 89 33.87 -23.49 -35.29
N SER E 90 35.13 -23.16 -35.11
CA SER E 90 36.13 -23.29 -36.14
C SER E 90 37.06 -24.45 -35.85
N LEU E 91 37.77 -24.88 -36.89
CA LEU E 91 38.81 -25.89 -36.78
C LEU E 91 39.83 -25.64 -37.87
N THR E 92 41.02 -25.23 -37.47
CA THR E 92 42.09 -24.92 -38.42
C THR E 92 43.30 -25.79 -38.13
N ILE E 93 43.87 -26.36 -39.18
CA ILE E 93 45.17 -27.01 -39.12
C ILE E 93 46.19 -25.95 -39.45
N SER E 94 47.26 -25.86 -38.66
CA SER E 94 48.28 -24.86 -38.93
C SER E 94 49.09 -25.24 -40.17
N ARG E 95 49.53 -26.48 -40.26
CA ARG E 95 50.25 -26.98 -41.42
C ARG E 95 49.62 -28.32 -41.79
N VAL E 96 48.89 -28.36 -42.91
CA VAL E 96 48.16 -29.58 -43.27
C VAL E 96 49.15 -30.66 -43.68
N GLU E 97 48.94 -31.86 -43.16
CA GLU E 97 49.81 -32.98 -43.43
C GLU E 97 49.02 -34.04 -44.18
N ALA E 98 49.75 -34.89 -44.92
CA ALA E 98 49.11 -35.94 -45.69
C ALA E 98 48.64 -37.10 -44.83
N GLU E 99 48.99 -37.10 -43.54
CA GLU E 99 48.55 -38.12 -42.59
C GLU E 99 47.23 -37.77 -41.94
N ASP E 100 46.43 -36.93 -42.57
CA ASP E 100 45.25 -36.35 -41.94
C ASP E 100 43.98 -36.63 -42.71
N ALA E 101 44.01 -37.54 -43.69
CA ALA E 101 42.86 -37.81 -44.53
C ALA E 101 41.83 -38.56 -43.71
N ALA E 102 41.06 -37.80 -42.96
CA ALA E 102 40.15 -38.34 -41.98
C ALA E 102 38.74 -37.90 -42.32
N THR E 103 37.81 -38.14 -41.40
CA THR E 103 36.44 -37.70 -41.53
C THR E 103 36.11 -36.96 -40.25
N TYR E 104 36.20 -35.64 -40.27
CA TYR E 104 36.12 -34.84 -39.07
C TYR E 104 34.66 -34.54 -38.77
N TYR E 105 34.17 -35.04 -37.65
CA TYR E 105 32.81 -34.80 -37.19
C TYR E 105 32.84 -33.79 -36.07
N CYS E 106 31.80 -32.95 -36.00
CA CYS E 106 31.61 -32.06 -34.86
C CYS E 106 30.43 -32.56 -34.05
N GLN E 107 30.52 -32.42 -32.73
CA GLN E 107 29.70 -33.19 -31.82
C GLN E 107 29.32 -32.34 -30.62
N GLN E 108 28.13 -32.58 -30.08
CA GLN E 108 27.71 -31.86 -28.89
C GLN E 108 26.81 -32.71 -28.04
N TRP E 109 26.85 -32.49 -26.73
CA TRP E 109 25.93 -33.15 -25.82
C TRP E 109 25.08 -32.19 -25.02
N SER E 110 24.97 -30.94 -25.44
CA SER E 110 24.26 -29.96 -24.62
C SER E 110 22.76 -30.21 -24.64
N TYR E 111 22.22 -30.70 -25.76
CA TYR E 111 20.81 -30.97 -25.87
C TYR E 111 20.60 -32.46 -26.12
N ASN E 112 19.67 -33.05 -25.39
CA ASN E 112 19.23 -34.41 -25.68
C ASN E 112 18.38 -34.40 -26.95
N PRO E 113 18.72 -35.18 -27.98
CA PRO E 113 19.80 -36.14 -28.19
C PRO E 113 21.08 -35.54 -28.69
N TYR E 114 22.18 -36.20 -28.36
CA TYR E 114 23.48 -35.72 -28.78
C TYR E 114 23.54 -35.83 -30.29
N THR E 115 24.19 -34.88 -30.92
CA THR E 115 24.05 -34.82 -32.36
C THR E 115 25.41 -34.61 -32.98
N PHE E 116 25.76 -35.44 -33.94
CA PHE E 116 27.05 -35.26 -34.57
C PHE E 116 26.84 -34.44 -35.83
N GLY E 117 27.94 -33.89 -36.34
CA GLY E 117 27.88 -33.11 -37.54
C GLY E 117 27.71 -33.97 -38.77
N GLY E 118 27.55 -33.30 -39.91
CA GLY E 118 27.55 -34.02 -41.17
C GLY E 118 28.92 -34.62 -41.47
N GLY E 119 29.96 -33.91 -41.10
CA GLY E 119 31.30 -34.43 -41.30
C GLY E 119 31.94 -33.79 -42.52
N THR E 120 33.26 -33.72 -42.49
CA THR E 120 34.05 -33.28 -43.61
C THR E 120 34.95 -34.42 -44.05
N LYS E 121 35.85 -34.15 -45.00
CA LYS E 121 36.71 -35.18 -45.57
C LYS E 121 37.90 -34.48 -46.22
N LEU E 122 39.09 -34.66 -45.66
CA LEU E 122 40.25 -33.96 -46.20
C LEU E 122 40.74 -34.58 -47.50
N GLU E 123 41.50 -33.79 -48.24
CA GLU E 123 42.09 -34.19 -49.51
C GLU E 123 43.49 -33.59 -49.64
N ILE E 124 44.44 -34.43 -50.03
CA ILE E 124 45.77 -33.97 -50.41
C ILE E 124 45.71 -33.53 -51.87
N ARG E 125 46.75 -32.85 -52.34
CA ARG E 125 46.81 -32.38 -53.73
C ARG E 125 48.04 -33.00 -54.40
N ARG E 126 47.86 -34.18 -54.98
CA ARG E 126 48.94 -34.89 -55.66
C ARG E 126 48.38 -35.83 -56.72
#